data_8P9U
#
_entry.id   8P9U
#
_cell.length_a   74.302
_cell.length_b   94.026
_cell.length_c   118.927
_cell.angle_alpha   90.000
_cell.angle_beta   91.100
_cell.angle_gamma   90.000
#
_symmetry.space_group_name_H-M   'P 1 21 1'
#
loop_
_entity.id
_entity.type
_entity.pdbx_description
1 polymer 'Two-domain laccase'
2 polymer 'Two-domain laccase'
3 non-polymer 'COPPER (II) ION'
4 non-polymer 'OXYGEN MOLECULE'
5 non-polymer 'CALCIUM ION'
6 water water
#
loop_
_entity_poly.entity_id
_entity_poly.type
_entity_poly.pdbx_seq_one_letter_code
_entity_poly.pdbx_strand_id
1 'polypeptide(L)'
;AGAAPAGGEVRRVTMYAERLAGGQMGYGLEKGKASIPGPLIELNEGDTLHVEFENTMDVPVSLHVHGLDYEISSDGTKQN
KSHVEPGGTRTYTWRTHEPGRRADGTWRAGSAGYWHYHDHVVGTEHGTGGIRNGLYGPVIVRRKGDVLPDATHTIVFNDA
TINNRPAHTGPNFEATVGDRVEIVMITHGEYYHTFHMHGHRWADNRTGMLTGPDDPSQVIDNKICGPANSFGFQIIAGEG
VGAGAWMYHCHVQSHSDMGMVGLFLVKKPDGTIPGYDP
;
A,B,D,E,F
2 'polypeptide(L)'
;GAAPAGGEVRRVTMYAERLAGGQMGYGLEKGKASIPGPLIELNEGDTLHVEFENTMDVPVSLHVHGLDYEISSDGTKQNK
SHVEPGGTRTYTWRTHEPGRRADGTWRAGSAGYWHYHDHVVGTEHGTGGIRNGLYGPVIVRRKGDVLPDATHTIVFNDAT
INNRPAHTGPNFEATVGDRVEIVMITHGEYYHTFHMHGHRWADNRTGMLTGPDDPSQVIDNKICGPANSFGFQIIAGEGV
GAGAWMYHCHVQSHSDMGMVGLFLVKKPDGTIPGYDPQ
;
C
#
loop_
_chem_comp.id
_chem_comp.type
_chem_comp.name
_chem_comp.formula
CA non-polymer 'CALCIUM ION' 'Ca 2'
CU non-polymer 'COPPER (II) ION' 'Cu 2'
OXY non-polymer 'OXYGEN MOLECULE' O2
#
# COMPACT_ATOMS: atom_id res chain seq x y z
N ALA A 1 -2.74 36.12 -27.59
CA ALA A 1 -2.36 34.72 -27.39
C ALA A 1 -2.51 33.97 -28.70
N GLY A 2 -1.48 33.23 -29.10
CA GLY A 2 -1.54 32.49 -30.35
C GLY A 2 -2.61 31.42 -30.35
N ALA A 3 -3.02 31.04 -31.56
CA ALA A 3 -4.01 29.98 -31.77
C ALA A 3 -3.42 28.91 -32.71
N ALA A 4 -3.75 27.65 -32.44
CA ALA A 4 -3.23 26.58 -33.26
C ALA A 4 -3.91 26.60 -34.64
N PRO A 5 -3.19 26.32 -35.71
CA PRO A 5 -3.79 26.26 -37.04
C PRO A 5 -4.34 24.87 -37.35
N ALA A 6 -5.05 24.78 -38.47
CA ALA A 6 -5.44 23.48 -38.99
C ALA A 6 -4.19 22.69 -39.29
N GLY A 7 -4.20 21.40 -38.92
CA GLY A 7 -3.10 20.52 -39.19
C GLY A 7 -3.22 19.92 -40.58
N GLY A 8 -2.42 18.89 -40.80
CA GLY A 8 -2.40 18.20 -42.07
C GLY A 8 -1.00 18.07 -42.67
N GLU A 9 0.02 18.47 -41.91
CA GLU A 9 1.40 18.35 -42.35
C GLU A 9 1.95 16.95 -42.05
N VAL A 10 2.88 16.50 -42.87
CA VAL A 10 3.60 15.25 -42.61
C VAL A 10 4.98 15.61 -42.04
N ARG A 11 5.24 15.19 -40.80
CA ARG A 11 6.46 15.56 -40.07
C ARG A 11 7.32 14.33 -39.80
N ARG A 12 8.62 14.55 -39.69
N ARG A 12 8.63 14.55 -39.75
CA ARG A 12 9.56 13.47 -39.39
CA ARG A 12 9.61 13.51 -39.49
C ARG A 12 10.55 13.92 -38.33
C ARG A 12 10.55 13.96 -38.38
N VAL A 13 10.80 13.04 -37.35
N VAL A 13 10.93 13.02 -37.52
CA VAL A 13 11.78 13.29 -36.29
CA VAL A 13 11.83 13.28 -36.39
C VAL A 13 12.60 12.01 -36.09
C VAL A 13 12.61 12.02 -36.10
N THR A 14 13.80 12.18 -35.53
CA THR A 14 14.56 11.03 -35.02
C THR A 14 14.23 10.88 -33.54
N MET A 15 14.19 9.63 -33.08
CA MET A 15 14.13 9.38 -31.65
C MET A 15 15.09 8.25 -31.33
N TYR A 16 15.74 8.35 -30.18
CA TYR A 16 16.59 7.29 -29.66
C TYR A 16 16.09 6.89 -28.28
N ALA A 17 16.18 5.61 -27.98
CA ALA A 17 16.06 5.11 -26.62
C ALA A 17 17.47 4.81 -26.12
N GLU A 18 17.84 5.37 -24.97
CA GLU A 18 19.20 5.26 -24.47
C GLU A 18 19.21 5.02 -22.97
N ARG A 19 20.21 4.26 -22.53
CA ARG A 19 20.55 4.16 -21.11
C ARG A 19 21.09 5.48 -20.58
N LEU A 20 20.61 5.87 -19.39
CA LEU A 20 21.07 7.00 -18.61
C LEU A 20 21.67 6.50 -17.30
N ALA A 21 22.16 7.43 -16.48
CA ALA A 21 22.86 7.07 -15.27
C ALA A 21 21.94 6.39 -14.28
N GLY A 22 22.53 5.46 -13.53
CA GLY A 22 21.85 4.82 -12.42
C GLY A 22 20.73 3.87 -12.82
N GLY A 23 20.89 3.16 -13.94
CA GLY A 23 19.87 2.22 -14.37
C GLY A 23 18.65 2.85 -15.00
N GLN A 24 18.70 4.14 -15.30
N GLN A 24 18.67 4.14 -15.28
CA GLN A 24 17.59 4.80 -15.95
CA GLN A 24 17.51 4.74 -15.92
C GLN A 24 17.69 4.64 -17.47
C GLN A 24 17.69 4.67 -17.44
N MET A 25 16.59 4.97 -18.15
CA MET A 25 16.55 4.95 -19.60
C MET A 25 15.62 6.08 -20.05
N GLY A 26 16.01 6.80 -21.09
CA GLY A 26 15.18 7.87 -21.59
C GLY A 26 15.10 7.86 -23.11
N TYR A 27 14.04 8.46 -23.61
CA TYR A 27 13.93 8.84 -25.01
C TYR A 27 14.62 10.18 -25.27
N GLY A 28 15.10 10.38 -26.48
CA GLY A 28 15.55 11.70 -26.88
C GLY A 28 15.53 11.88 -28.37
N LEU A 29 15.40 13.13 -28.81
CA LEU A 29 15.41 13.43 -30.24
C LEU A 29 16.82 13.41 -30.83
N GLU A 30 17.84 13.77 -30.05
CA GLU A 30 19.21 13.68 -30.55
C GLU A 30 20.03 12.69 -29.74
N LYS A 31 20.89 11.96 -30.44
CA LYS A 31 21.73 10.95 -29.83
C LYS A 31 22.57 11.55 -28.70
N GLY A 32 22.53 10.91 -27.54
CA GLY A 32 23.23 11.38 -26.38
C GLY A 32 22.52 12.44 -25.56
N LYS A 33 21.28 12.80 -25.89
N LYS A 33 21.28 12.78 -25.88
CA LYS A 33 20.55 13.82 -25.17
CA LYS A 33 20.54 13.81 -25.17
C LYS A 33 19.17 13.31 -24.75
C LYS A 33 19.17 13.31 -24.75
N ALA A 34 19.09 12.05 -24.33
CA ALA A 34 17.83 11.52 -23.81
C ALA A 34 17.48 12.26 -22.53
N SER A 35 16.18 12.38 -22.27
CA SER A 35 15.68 13.00 -21.04
C SER A 35 14.53 12.19 -20.46
N ILE A 36 14.28 12.42 -19.17
CA ILE A 36 13.10 11.89 -18.48
C ILE A 36 12.36 13.06 -17.84
N PRO A 37 11.10 13.33 -18.23
CA PRO A 37 10.34 12.70 -19.32
C PRO A 37 11.03 12.94 -20.64
N GLY A 38 10.65 12.18 -21.66
CA GLY A 38 11.16 12.39 -22.96
C GLY A 38 10.66 13.70 -23.56
N PRO A 39 11.14 13.98 -24.76
CA PRO A 39 10.76 15.21 -25.46
C PRO A 39 9.26 15.35 -25.67
N LEU A 40 8.82 16.59 -25.57
CA LEU A 40 7.44 16.96 -25.84
C LEU A 40 7.15 16.90 -27.33
N ILE A 41 6.18 16.09 -27.72
CA ILE A 41 5.74 16.04 -29.10
C ILE A 41 4.44 16.83 -29.22
N GLU A 42 4.45 17.83 -30.10
CA GLU A 42 3.30 18.68 -30.37
C GLU A 42 2.87 18.51 -31.82
N LEU A 43 1.58 18.28 -32.03
CA LEU A 43 1.01 18.15 -33.36
C LEU A 43 -0.34 18.89 -33.40
N ASN A 44 -0.69 19.36 -34.59
CA ASN A 44 -2.03 19.84 -34.87
C ASN A 44 -2.85 18.72 -35.50
N GLU A 45 -4.14 18.67 -35.17
CA GLU A 45 -5.04 17.63 -35.65
C GLU A 45 -4.95 17.51 -37.17
N GLY A 46 -4.72 16.31 -37.63
CA GLY A 46 -4.49 16.06 -39.03
C GLY A 46 -3.04 15.79 -39.36
N ASP A 47 -2.11 16.25 -38.52
CA ASP A 47 -0.69 15.98 -38.74
C ASP A 47 -0.39 14.49 -38.71
N THR A 48 0.65 14.10 -39.45
CA THR A 48 1.24 12.77 -39.38
C THR A 48 2.68 12.91 -38.91
N LEU A 49 3.15 11.95 -38.14
CA LEU A 49 4.50 11.97 -37.60
C LEU A 49 5.16 10.63 -37.87
N HIS A 50 6.28 10.64 -38.59
CA HIS A 50 7.09 9.45 -38.72
C HIS A 50 8.25 9.58 -37.72
N VAL A 51 8.26 8.71 -36.71
CA VAL A 51 9.33 8.70 -35.71
C VAL A 51 10.37 7.67 -36.17
N GLU A 52 11.49 8.15 -36.69
CA GLU A 52 12.61 7.30 -37.10
C GLU A 52 13.39 6.92 -35.85
N PHE A 53 13.12 5.73 -35.33
CA PHE A 53 13.46 5.33 -33.97
C PHE A 53 14.69 4.44 -33.99
N GLU A 54 15.56 4.59 -32.99
CA GLU A 54 16.74 3.73 -32.90
C GLU A 54 16.97 3.31 -31.47
N ASN A 55 17.13 2.01 -31.25
CA ASN A 55 17.35 1.47 -29.91
C ASN A 55 18.85 1.34 -29.71
N THR A 56 19.44 2.24 -28.93
CA THR A 56 20.87 2.17 -28.67
C THR A 56 21.21 1.29 -27.47
N MET A 57 20.22 0.59 -26.89
CA MET A 57 20.44 -0.19 -25.68
C MET A 57 20.68 -1.66 -25.99
N ASP A 58 21.03 -2.41 -24.93
CA ASP A 58 21.29 -3.84 -25.00
C ASP A 58 20.05 -4.69 -24.73
N VAL A 59 18.86 -4.09 -24.72
CA VAL A 59 17.61 -4.81 -24.48
C VAL A 59 16.57 -4.34 -25.47
N PRO A 60 15.67 -5.22 -25.91
CA PRO A 60 14.56 -4.79 -26.74
C PRO A 60 13.81 -3.64 -26.06
N VAL A 61 13.28 -2.73 -26.88
CA VAL A 61 12.56 -1.57 -26.39
C VAL A 61 11.43 -1.29 -27.39
N SER A 62 10.46 -0.46 -27.00
CA SER A 62 9.43 -0.07 -27.96
C SER A 62 8.98 1.36 -27.70
N LEU A 63 8.06 1.81 -28.56
CA LEU A 63 7.39 3.11 -28.46
C LEU A 63 5.89 2.87 -28.62
N HIS A 64 5.13 3.04 -27.54
CA HIS A 64 3.67 2.92 -27.58
C HIS A 64 3.07 4.27 -27.23
N VAL A 65 2.12 4.74 -28.04
CA VAL A 65 1.53 6.06 -27.86
C VAL A 65 0.07 5.88 -27.51
N HIS A 66 -0.43 6.79 -26.67
CA HIS A 66 -1.83 6.86 -26.34
C HIS A 66 -2.57 7.87 -27.23
N GLY A 67 -3.84 7.56 -27.51
CA GLY A 67 -4.71 8.55 -28.13
C GLY A 67 -4.60 8.76 -29.62
N LEU A 68 -3.39 8.70 -30.17
CA LEU A 68 -3.26 8.95 -31.60
C LEU A 68 -3.68 7.72 -32.41
N ASP A 69 -3.83 7.93 -33.71
CA ASP A 69 -4.12 6.85 -34.65
C ASP A 69 -2.81 6.19 -35.06
N TYR A 70 -2.76 4.88 -34.99
CA TYR A 70 -1.62 4.11 -35.43
C TYR A 70 -2.10 2.73 -35.81
N GLU A 71 -1.54 2.18 -36.88
CA GLU A 71 -1.81 0.81 -37.26
C GLU A 71 -1.10 -0.14 -36.31
N ILE A 72 -1.52 -1.40 -36.34
N ILE A 72 -1.53 -1.40 -36.32
CA ILE A 72 -1.00 -2.42 -35.44
CA ILE A 72 -0.97 -2.39 -35.40
C ILE A 72 0.52 -2.52 -35.53
C ILE A 72 0.55 -2.45 -35.51
N SER A 73 1.09 -2.20 -36.70
CA SER A 73 2.55 -2.23 -36.87
C SER A 73 3.25 -1.15 -36.07
N SER A 74 2.51 -0.14 -35.61
CA SER A 74 3.06 0.89 -34.75
C SER A 74 2.47 0.81 -33.34
N ASP A 75 2.02 -0.38 -32.95
CA ASP A 75 1.55 -0.57 -31.59
C ASP A 75 2.69 -0.49 -30.57
N GLY A 76 3.89 -0.92 -30.94
CA GLY A 76 4.98 -0.95 -29.97
C GLY A 76 4.84 -2.04 -28.93
N THR A 77 4.39 -3.22 -29.34
CA THR A 77 4.22 -4.34 -28.41
C THR A 77 4.94 -5.56 -28.94
N LYS A 78 5.35 -6.43 -28.02
N LYS A 78 5.34 -6.46 -28.05
CA LYS A 78 6.02 -7.67 -28.43
CA LYS A 78 6.05 -7.65 -28.50
C LYS A 78 5.08 -8.57 -29.22
C LYS A 78 5.10 -8.66 -29.17
N GLN A 79 3.82 -8.66 -28.82
CA GLN A 79 2.89 -9.57 -29.46
C GLN A 79 2.52 -9.16 -30.88
N ASN A 80 2.74 -7.90 -31.25
CA ASN A 80 2.63 -7.46 -32.63
C ASN A 80 3.96 -7.47 -33.34
N LYS A 81 5.03 -7.90 -32.67
CA LYS A 81 6.37 -7.79 -33.21
C LYS A 81 6.64 -6.38 -33.72
N SER A 82 6.31 -5.39 -32.87
CA SER A 82 6.49 -3.98 -33.20
C SER A 82 7.43 -3.31 -32.21
N HIS A 83 8.21 -4.09 -31.47
CA HIS A 83 9.29 -3.63 -30.63
C HIS A 83 10.55 -3.45 -31.49
N VAL A 84 11.61 -2.91 -30.89
CA VAL A 84 12.87 -2.70 -31.59
C VAL A 84 13.99 -3.43 -30.84
N GLU A 85 14.73 -4.26 -31.57
CA GLU A 85 15.79 -5.08 -31.00
C GLU A 85 17.02 -4.24 -30.62
N PRO A 86 17.88 -4.77 -29.73
CA PRO A 86 19.12 -4.07 -29.40
C PRO A 86 19.81 -3.59 -30.67
N GLY A 87 20.11 -2.29 -30.73
CA GLY A 87 20.74 -1.71 -31.90
C GLY A 87 19.86 -1.48 -33.11
N GLY A 88 18.62 -1.95 -33.10
CA GLY A 88 17.80 -1.90 -34.29
C GLY A 88 17.22 -0.51 -34.57
N THR A 89 16.60 -0.40 -35.75
CA THR A 89 15.90 0.81 -36.17
C THR A 89 14.52 0.46 -36.69
N ARG A 90 13.60 1.39 -36.50
CA ARG A 90 12.24 1.18 -36.95
C ARG A 90 11.57 2.53 -37.12
N THR A 91 10.69 2.65 -38.10
CA THR A 91 9.92 3.87 -38.24
C THR A 91 8.53 3.64 -37.64
N TYR A 92 8.23 4.38 -36.57
CA TYR A 92 6.90 4.42 -35.97
C TYR A 92 6.15 5.62 -36.53
N THR A 93 4.90 5.39 -36.92
CA THR A 93 4.08 6.40 -37.57
C THR A 93 2.84 6.64 -36.73
N TRP A 94 2.65 7.89 -36.32
CA TRP A 94 1.46 8.35 -35.66
C TRP A 94 0.67 9.22 -36.63
N ARG A 95 -0.65 9.07 -36.62
CA ARG A 95 -1.52 9.95 -37.38
C ARG A 95 -2.52 10.60 -36.44
N THR A 96 -3.09 11.71 -36.89
CA THR A 96 -4.15 12.36 -36.14
C THR A 96 -5.25 12.77 -37.11
N HIS A 97 -6.48 12.92 -36.58
CA HIS A 97 -7.62 13.33 -37.40
C HIS A 97 -8.40 14.44 -36.72
N GLU A 98 -8.95 15.33 -37.54
CA GLU A 98 -9.91 16.31 -37.09
C GLU A 98 -11.20 15.60 -36.70
N PRO A 99 -12.06 16.26 -35.95
CA PRO A 99 -13.38 15.69 -35.71
C PRO A 99 -14.27 15.99 -36.91
N GLY A 100 -15.39 15.29 -36.99
CA GLY A 100 -16.37 15.65 -38.00
C GLY A 100 -17.57 14.74 -37.98
N ARG A 101 -18.53 15.07 -38.83
CA ARG A 101 -19.76 14.29 -38.98
C ARG A 101 -19.51 13.06 -39.83
N ARG A 102 -19.94 11.91 -39.35
CA ARG A 102 -19.92 10.74 -40.21
C ARG A 102 -21.14 10.75 -41.14
N ALA A 103 -21.07 9.93 -42.18
CA ALA A 103 -22.20 9.83 -43.10
C ALA A 103 -23.45 9.30 -42.39
N ASP A 104 -23.27 8.53 -41.32
CA ASP A 104 -24.34 8.03 -40.49
C ASP A 104 -24.91 9.07 -39.55
N GLY A 105 -24.41 10.30 -39.60
CA GLY A 105 -24.91 11.36 -38.75
C GLY A 105 -24.31 11.45 -37.36
N THR A 106 -23.44 10.51 -36.98
CA THR A 106 -22.77 10.61 -35.69
C THR A 106 -21.49 11.45 -35.83
N TRP A 107 -21.04 11.98 -34.68
CA TRP A 107 -19.88 12.86 -34.62
C TRP A 107 -18.64 12.07 -34.25
N ARG A 108 -17.61 12.17 -35.10
CA ARG A 108 -16.37 11.45 -34.86
C ARG A 108 -15.43 12.32 -34.03
N ALA A 109 -15.07 11.83 -32.84
CA ALA A 109 -14.13 12.55 -31.99
C ALA A 109 -12.79 12.73 -32.68
N GLY A 110 -12.24 13.93 -32.55
CA GLY A 110 -10.92 14.20 -33.10
C GLY A 110 -9.81 13.67 -32.20
N SER A 111 -8.59 13.77 -32.71
CA SER A 111 -7.43 13.35 -31.94
C SER A 111 -7.05 14.32 -30.82
N ALA A 112 -7.60 15.54 -30.79
CA ALA A 112 -7.04 16.56 -29.90
C ALA A 112 -7.05 16.10 -28.45
N GLY A 113 -5.93 16.33 -27.78
CA GLY A 113 -5.91 16.17 -26.33
C GLY A 113 -4.50 16.05 -25.80
N TYR A 114 -4.42 15.81 -24.49
CA TYR A 114 -3.15 15.60 -23.81
C TYR A 114 -2.89 14.10 -23.69
N TRP A 115 -1.77 13.66 -24.27
CA TRP A 115 -1.48 12.25 -24.50
C TRP A 115 -0.02 11.97 -24.12
N HIS A 116 0.44 10.76 -24.42
CA HIS A 116 1.78 10.37 -24.01
C HIS A 116 2.15 9.07 -24.70
N TYR A 117 3.46 8.81 -24.70
CA TYR A 117 4.06 7.61 -25.26
C TYR A 117 4.95 7.00 -24.20
N HIS A 118 5.19 5.71 -24.28
CA HIS A 118 6.06 5.09 -23.31
C HIS A 118 6.49 3.71 -23.81
N ASP A 119 7.47 3.15 -23.13
CA ASP A 119 7.88 1.79 -23.47
C ASP A 119 6.78 0.78 -23.14
N HIS A 120 6.77 -0.33 -23.87
CA HIS A 120 5.83 -1.43 -23.64
C HIS A 120 6.52 -2.80 -23.56
N VAL A 121 7.86 -2.88 -23.59
CA VAL A 121 8.48 -4.22 -23.58
C VAL A 121 9.66 -4.39 -22.64
N VAL A 122 10.12 -3.33 -21.96
CA VAL A 122 11.28 -3.53 -21.10
C VAL A 122 10.83 -4.11 -19.76
N GLY A 123 11.45 -5.22 -19.37
CA GLY A 123 11.19 -5.89 -18.11
C GLY A 123 10.04 -6.86 -18.18
N THR A 124 8.90 -6.40 -18.67
CA THR A 124 7.71 -7.20 -18.82
C THR A 124 7.07 -6.88 -20.16
N GLU A 125 6.06 -7.66 -20.52
CA GLU A 125 5.34 -7.37 -21.75
C GLU A 125 4.47 -6.12 -21.63
N HIS A 126 4.47 -5.44 -20.50
CA HIS A 126 3.76 -4.17 -20.41
C HIS A 126 4.68 -3.03 -20.04
N GLY A 127 5.98 -3.23 -20.23
CA GLY A 127 6.99 -2.21 -20.09
C GLY A 127 7.20 -1.73 -18.67
N THR A 128 6.84 -2.56 -17.68
CA THR A 128 6.98 -2.18 -16.28
C THR A 128 8.41 -1.73 -15.96
N GLY A 129 9.42 -2.41 -16.52
CA GLY A 129 10.78 -1.97 -16.29
C GLY A 129 11.10 -0.66 -17.01
N GLY A 130 10.78 -0.61 -18.29
CA GLY A 130 11.08 0.58 -19.07
C GLY A 130 10.42 1.83 -18.51
N ILE A 131 9.14 1.73 -18.10
CA ILE A 131 8.40 2.84 -17.52
C ILE A 131 9.05 3.30 -16.21
N ARG A 132 9.35 2.35 -15.31
CA ARG A 132 10.05 2.69 -14.07
C ARG A 132 11.39 3.35 -14.38
N ASN A 133 12.09 2.87 -15.42
CA ASN A 133 13.41 3.40 -15.73
C ASN A 133 13.32 4.78 -16.38
N GLY A 134 12.15 5.18 -16.89
CA GLY A 134 12.03 6.57 -17.37
C GLY A 134 11.59 6.71 -18.82
N LEU A 135 11.17 5.61 -19.44
CA LEU A 135 10.79 5.62 -20.85
C LEU A 135 9.34 6.08 -21.01
N TYR A 136 9.12 7.39 -20.82
CA TYR A 136 7.81 8.01 -21.00
C TYR A 136 8.05 9.47 -21.36
N GLY A 137 7.05 10.07 -22.01
CA GLY A 137 7.08 11.49 -22.31
C GLY A 137 5.75 12.00 -22.86
N PRO A 138 5.58 13.33 -22.94
CA PRO A 138 4.28 13.90 -23.31
C PRO A 138 4.07 14.10 -24.81
N VAL A 139 2.79 13.97 -25.22
CA VAL A 139 2.33 14.22 -26.59
C VAL A 139 1.13 15.13 -26.51
N ILE A 140 1.19 16.28 -27.20
CA ILE A 140 0.07 17.20 -27.27
C ILE A 140 -0.45 17.25 -28.71
N VAL A 141 -1.75 17.03 -28.87
CA VAL A 141 -2.43 17.23 -30.15
C VAL A 141 -3.37 18.40 -30.00
N ARG A 142 -3.15 19.43 -30.80
CA ARG A 142 -3.98 20.61 -30.70
C ARG A 142 -5.08 20.58 -31.77
N ARG A 143 -6.20 21.20 -31.46
CA ARG A 143 -7.26 21.48 -32.42
C ARG A 143 -7.11 22.91 -32.94
N LYS A 144 -7.47 23.12 -34.20
N LYS A 144 -7.47 23.12 -34.21
CA LYS A 144 -7.37 24.46 -34.78
CA LYS A 144 -7.40 24.45 -34.78
C LYS A 144 -8.13 25.46 -33.92
C LYS A 144 -8.13 25.46 -33.90
N GLY A 145 -7.46 26.56 -33.58
CA GLY A 145 -8.03 27.59 -32.72
C GLY A 145 -7.81 27.39 -31.22
N ASP A 146 -7.23 26.26 -30.80
CA ASP A 146 -6.83 26.11 -29.41
C ASP A 146 -5.85 27.22 -29.03
N VAL A 147 -5.98 27.73 -27.81
CA VAL A 147 -5.09 28.80 -27.36
C VAL A 147 -3.70 28.22 -27.14
N LEU A 148 -2.71 28.91 -27.63
CA LEU A 148 -1.36 28.44 -27.39
C LEU A 148 -0.75 29.07 -26.14
N PRO A 149 0.10 28.35 -25.41
CA PRO A 149 0.68 28.87 -24.18
C PRO A 149 2.03 29.56 -24.37
N ASP A 150 2.45 30.25 -23.30
CA ASP A 150 3.78 30.82 -23.25
C ASP A 150 4.83 29.74 -23.00
N ALA A 151 4.46 28.68 -22.27
CA ALA A 151 5.38 27.63 -21.89
C ALA A 151 4.57 26.39 -21.53
N THR A 152 5.20 25.22 -21.67
CA THR A 152 4.58 23.95 -21.33
C THR A 152 5.48 23.17 -20.38
N HIS A 153 4.92 22.65 -19.29
CA HIS A 153 5.70 21.86 -18.32
C HIS A 153 5.03 20.53 -18.05
N THR A 154 5.83 19.47 -18.06
CA THR A 154 5.33 18.12 -17.96
C THR A 154 5.65 17.56 -16.57
N ILE A 155 4.64 16.97 -15.94
CA ILE A 155 4.70 16.51 -14.56
C ILE A 155 4.20 15.09 -14.56
N VAL A 156 5.11 14.13 -14.35
CA VAL A 156 4.74 12.72 -14.38
C VAL A 156 4.85 12.16 -12.96
N PHE A 157 3.73 11.67 -12.43
CA PHE A 157 3.77 10.91 -11.18
C PHE A 157 4.11 9.46 -11.53
N ASN A 158 5.34 9.03 -11.28
CA ASN A 158 5.79 7.70 -11.69
C ASN A 158 6.17 6.93 -10.44
N ASP A 159 5.31 6.02 -10.04
CA ASP A 159 5.45 5.27 -8.76
C ASP A 159 5.43 6.33 -7.65
N ALA A 160 6.43 6.37 -6.76
CA ALA A 160 6.54 7.42 -5.77
C ALA A 160 7.54 8.53 -6.18
N THR A 161 7.63 8.87 -7.47
CA THR A 161 8.56 9.89 -7.91
C THR A 161 7.82 10.92 -8.75
N ILE A 162 8.46 12.07 -8.96
CA ILE A 162 8.02 13.04 -9.97
C ILE A 162 9.12 13.07 -11.00
N ASN A 163 8.81 12.67 -12.24
CA ASN A 163 9.79 12.65 -13.32
C ASN A 163 11.06 11.87 -12.94
N ASN A 164 10.92 10.81 -12.14
CA ASN A 164 12.01 9.91 -11.79
C ASN A 164 13.10 10.61 -10.99
N ARG A 165 12.74 11.72 -10.36
CA ARG A 165 13.63 12.52 -9.52
C ARG A 165 13.67 11.95 -8.11
N PRO A 166 14.80 12.08 -7.43
CA PRO A 166 14.82 11.76 -5.99
C PRO A 166 13.77 12.55 -5.25
N ALA A 167 13.24 11.95 -4.16
CA ALA A 167 12.27 12.66 -3.34
C ALA A 167 12.81 14.02 -2.93
N HIS A 168 11.92 15.01 -2.93
CA HIS A 168 12.19 16.37 -2.46
C HIS A 168 13.06 17.17 -3.40
N THR A 169 13.17 16.82 -4.68
CA THR A 169 13.98 17.61 -5.61
C THR A 169 13.13 18.22 -6.71
N GLY A 170 11.86 18.48 -6.43
CA GLY A 170 10.99 19.15 -7.37
C GLY A 170 10.34 18.21 -8.37
N PRO A 171 10.36 18.60 -9.63
CA PRO A 171 10.98 19.81 -10.18
C PRO A 171 10.17 21.07 -9.92
N ASN A 172 10.84 22.21 -10.02
CA ASN A 172 10.20 23.52 -9.93
C ASN A 172 10.08 24.10 -11.33
N PHE A 173 9.07 24.94 -11.51
CA PHE A 173 8.87 25.64 -12.76
C PHE A 173 8.66 27.12 -12.50
N GLU A 174 9.22 27.94 -13.37
CA GLU A 174 9.26 29.39 -13.21
C GLU A 174 8.32 30.04 -14.20
N ALA A 175 7.60 31.07 -13.74
CA ALA A 175 6.75 31.86 -14.59
C ALA A 175 6.75 33.29 -14.05
N THR A 176 6.28 34.21 -14.89
CA THR A 176 6.00 35.58 -14.49
C THR A 176 4.49 35.75 -14.39
N VAL A 177 4.02 36.54 -13.43
CA VAL A 177 2.57 36.76 -13.30
C VAL A 177 2.00 37.14 -14.66
N GLY A 178 0.83 36.57 -14.98
CA GLY A 178 0.15 36.77 -16.24
C GLY A 178 0.54 35.80 -17.34
N ASP A 179 1.65 35.08 -17.20
CA ASP A 179 2.04 34.05 -18.17
C ASP A 179 0.91 33.04 -18.38
N ARG A 180 0.77 32.57 -19.63
CA ARG A 180 -0.15 31.49 -19.95
C ARG A 180 0.64 30.19 -19.90
N VAL A 181 0.41 29.39 -18.86
CA VAL A 181 1.27 28.27 -18.54
C VAL A 181 0.47 27.00 -18.74
N GLU A 182 1.01 26.07 -19.54
CA GLU A 182 0.40 24.79 -19.82
C GLU A 182 1.06 23.71 -18.98
N ILE A 183 0.25 22.92 -18.30
CA ILE A 183 0.69 21.77 -17.52
C ILE A 183 0.20 20.52 -18.22
N VAL A 184 1.09 19.56 -18.40
CA VAL A 184 0.72 18.22 -18.84
C VAL A 184 1.01 17.27 -17.69
N MET A 185 -0.02 16.55 -17.26
CA MET A 185 0.05 15.70 -16.07
C MET A 185 -0.11 14.26 -16.50
N ILE A 186 0.90 13.43 -16.26
CA ILE A 186 0.87 12.01 -16.60
C ILE A 186 1.13 11.20 -15.34
N THR A 187 0.46 10.04 -15.22
CA THR A 187 0.70 9.11 -14.14
C THR A 187 1.16 7.77 -14.69
N HIS A 188 2.08 7.11 -14.00
CA HIS A 188 2.60 5.83 -14.44
C HIS A 188 2.91 4.96 -13.23
N GLY A 189 2.91 3.66 -13.45
CA GLY A 189 3.45 2.72 -12.48
C GLY A 189 2.35 1.98 -11.73
N GLU A 190 2.44 1.99 -10.40
CA GLU A 190 1.63 1.13 -9.56
C GLU A 190 0.52 1.84 -8.78
N TYR A 191 0.62 3.16 -8.57
CA TYR A 191 -0.10 3.84 -7.50
C TYR A 191 -1.09 4.86 -8.06
N TYR A 192 -2.21 5.04 -7.36
CA TYR A 192 -3.02 6.20 -7.65
C TYR A 192 -2.40 7.42 -6.96
N HIS A 193 -2.73 8.61 -7.48
CA HIS A 193 -2.29 9.87 -6.91
C HIS A 193 -3.39 10.92 -7.07
N THR A 194 -3.22 12.06 -6.39
CA THR A 194 -4.04 13.24 -6.65
C THR A 194 -3.13 14.44 -6.85
N PHE A 195 -3.27 15.13 -7.97
CA PHE A 195 -2.49 16.34 -8.25
C PHE A 195 -3.23 17.57 -7.72
N HIS A 196 -2.49 18.44 -7.02
CA HIS A 196 -3.04 19.66 -6.43
C HIS A 196 -2.11 20.84 -6.71
N MET A 197 -2.69 21.97 -7.15
CA MET A 197 -1.91 23.20 -7.29
C MET A 197 -2.47 24.28 -6.36
N HIS A 198 -1.60 24.82 -5.53
CA HIS A 198 -2.00 25.96 -4.70
C HIS A 198 -2.23 27.20 -5.55
N GLY A 199 -3.24 27.97 -5.17
CA GLY A 199 -3.49 29.27 -5.75
C GLY A 199 -4.04 29.26 -7.15
N HIS A 200 -4.28 28.09 -7.73
CA HIS A 200 -4.65 27.98 -9.14
C HIS A 200 -5.71 26.90 -9.32
N ARG A 201 -6.45 27.00 -10.41
CA ARG A 201 -7.53 26.05 -10.68
C ARG A 201 -7.75 25.96 -12.19
N TRP A 202 -8.35 24.86 -12.63
CA TRP A 202 -8.63 24.64 -14.05
C TRP A 202 -9.96 23.90 -14.21
N ALA A 203 -10.42 23.82 -15.45
CA ALA A 203 -11.68 23.15 -15.74
C ALA A 203 -11.42 21.71 -16.18
N ASP A 204 -12.30 20.80 -15.76
CA ASP A 204 -12.06 19.36 -15.94
C ASP A 204 -12.63 18.92 -17.29
N ASN A 205 -11.94 19.32 -18.35
CA ASN A 205 -12.39 19.00 -19.69
C ASN A 205 -11.16 18.82 -20.57
N ARG A 206 -11.36 18.82 -21.89
CA ARG A 206 -10.24 18.58 -22.81
C ARG A 206 -9.13 19.61 -22.64
N THR A 207 -9.47 20.89 -22.71
CA THR A 207 -8.42 21.91 -22.75
C THR A 207 -7.96 22.33 -21.37
N GLY A 208 -8.75 22.05 -20.34
CA GLY A 208 -8.54 22.63 -19.04
C GLY A 208 -9.14 24.01 -18.89
N MET A 209 -9.81 24.51 -19.92
CA MET A 209 -10.40 25.83 -19.91
C MET A 209 -11.83 25.74 -20.39
N LEU A 210 -12.69 26.53 -19.77
CA LEU A 210 -14.10 26.48 -20.12
C LEU A 210 -14.30 27.14 -21.47
N THR A 211 -15.16 26.53 -22.29
CA THR A 211 -15.46 27.04 -23.63
C THR A 211 -16.21 28.36 -23.60
N GLY A 212 -16.72 28.77 -22.45
CA GLY A 212 -17.63 29.89 -22.34
C GLY A 212 -18.63 29.58 -21.25
N PRO A 213 -19.70 30.39 -21.17
CA PRO A 213 -20.63 30.26 -20.03
C PRO A 213 -21.51 29.02 -20.05
N ASP A 214 -21.59 28.29 -21.16
CA ASP A 214 -22.44 27.10 -21.26
C ASP A 214 -21.74 25.82 -20.83
N ASP A 215 -20.46 25.87 -20.52
CA ASP A 215 -19.70 24.66 -20.20
C ASP A 215 -19.88 24.30 -18.74
N PRO A 216 -20.55 23.19 -18.42
CA PRO A 216 -20.78 22.83 -17.02
C PRO A 216 -19.63 22.06 -16.34
N SER A 217 -18.44 22.05 -16.95
CA SER A 217 -17.34 21.26 -16.41
C SER A 217 -16.99 21.73 -15.02
N GLN A 218 -16.85 20.78 -14.09
CA GLN A 218 -16.40 21.12 -12.75
C GLN A 218 -15.07 21.84 -12.82
N VAL A 219 -14.95 22.93 -12.06
CA VAL A 219 -13.70 23.65 -11.93
C VAL A 219 -13.05 23.13 -10.65
N ILE A 220 -11.76 22.78 -10.75
CA ILE A 220 -11.08 21.95 -9.75
C ILE A 220 -9.68 22.49 -9.51
N ASP A 221 -9.13 22.18 -8.33
CA ASP A 221 -7.70 22.35 -8.12
C ASP A 221 -7.04 21.05 -7.68
N ASN A 222 -7.75 19.93 -7.83
CA ASN A 222 -7.34 18.65 -7.28
C ASN A 222 -7.95 17.57 -8.17
N LYS A 223 -7.16 16.55 -8.52
CA LYS A 223 -7.67 15.54 -9.43
C LYS A 223 -6.97 14.22 -9.17
N ILE A 224 -7.76 13.16 -9.02
CA ILE A 224 -7.21 11.82 -8.83
C ILE A 224 -6.82 11.22 -10.17
N CYS A 225 -5.72 10.46 -10.17
N CYS A 225 -5.70 10.50 -10.20
CA CYS A 225 -5.18 9.90 -11.39
CA CYS A 225 -5.23 9.91 -11.45
C CYS A 225 -4.59 8.54 -11.08
C CYS A 225 -4.50 8.62 -11.13
N GLY A 226 -4.57 7.68 -12.08
CA GLY A 226 -3.92 6.39 -11.95
C GLY A 226 -3.10 6.09 -13.17
N PRO A 227 -2.33 5.00 -13.11
CA PRO A 227 -1.33 4.72 -14.15
C PRO A 227 -1.87 4.84 -15.57
N ALA A 228 -1.19 5.65 -16.37
CA ALA A 228 -1.41 5.96 -17.78
C ALA A 228 -2.51 6.98 -17.99
N ASN A 229 -3.11 7.54 -16.93
CA ASN A 229 -3.94 8.71 -17.13
C ASN A 229 -3.09 9.85 -17.68
N SER A 230 -3.70 10.69 -18.49
CA SER A 230 -3.05 11.93 -18.85
C SER A 230 -4.12 12.99 -18.97
N PHE A 231 -3.83 14.18 -18.45
CA PHE A 231 -4.67 15.34 -18.70
C PHE A 231 -3.75 16.55 -18.78
N GLY A 232 -4.34 17.68 -19.15
CA GLY A 232 -3.57 18.90 -19.25
C GLY A 232 -4.51 20.08 -19.13
N PHE A 233 -3.91 21.26 -19.02
CA PHE A 233 -4.69 22.47 -18.77
C PHE A 233 -3.76 23.66 -18.88
N GLN A 234 -4.37 24.84 -18.92
CA GLN A 234 -3.64 26.08 -18.92
C GLN A 234 -4.18 26.98 -17.82
N ILE A 235 -3.27 27.71 -17.21
N ILE A 235 -3.27 27.70 -17.18
CA ILE A 235 -3.62 28.70 -16.21
CA ILE A 235 -3.62 28.71 -16.19
C ILE A 235 -2.92 29.99 -16.57
C ILE A 235 -2.89 29.99 -16.53
N ILE A 236 -3.44 31.10 -16.06
CA ILE A 236 -2.76 32.37 -16.06
C ILE A 236 -2.01 32.44 -14.73
N ALA A 237 -0.67 32.46 -14.81
CA ALA A 237 0.16 32.44 -13.61
C ALA A 237 -0.12 33.66 -12.73
N GLY A 238 -0.40 33.39 -11.46
CA GLY A 238 -0.70 34.41 -10.48
C GLY A 238 -2.08 35.04 -10.58
N GLU A 239 -2.93 34.56 -11.49
CA GLU A 239 -4.17 35.29 -11.80
C GLU A 239 -5.06 35.38 -10.56
N GLY A 240 -5.28 36.60 -10.09
CA GLY A 240 -6.12 36.79 -8.94
C GLY A 240 -5.48 36.46 -7.61
N VAL A 241 -4.22 36.05 -7.61
CA VAL A 241 -3.59 35.58 -6.38
C VAL A 241 -2.23 36.24 -6.20
N GLY A 242 -1.59 36.64 -7.29
CA GLY A 242 -0.30 37.32 -7.21
C GLY A 242 0.90 36.39 -7.20
N ALA A 243 2.09 37.01 -7.13
CA ALA A 243 3.35 36.28 -7.22
C ALA A 243 3.57 35.42 -5.98
N GLY A 244 4.41 34.40 -6.13
CA GLY A 244 4.71 33.54 -5.00
C GLY A 244 5.25 32.18 -5.41
N ALA A 245 5.84 31.50 -4.43
CA ALA A 245 6.19 30.09 -4.56
C ALA A 245 4.93 29.26 -4.35
N TRP A 246 4.24 28.94 -5.44
CA TRP A 246 2.95 28.27 -5.36
C TRP A 246 3.19 26.77 -5.39
N MET A 247 2.90 26.11 -4.28
CA MET A 247 3.14 24.68 -4.16
C MET A 247 2.26 23.89 -5.11
N TYR A 248 2.83 22.86 -5.72
CA TYR A 248 2.04 21.77 -6.29
C TYR A 248 2.51 20.46 -5.67
N HIS A 249 1.57 19.54 -5.44
CA HIS A 249 1.98 18.28 -4.85
C HIS A 249 0.93 17.19 -5.07
N CYS A 250 1.38 15.96 -4.95
CA CYS A 250 0.44 14.91 -4.65
C CYS A 250 -0.22 15.21 -3.31
N HIS A 251 -1.52 14.97 -3.21
CA HIS A 251 -2.24 15.29 -2.00
C HIS A 251 -2.57 14.05 -1.17
N VAL A 252 -2.26 12.87 -1.69
CA VAL A 252 -2.10 11.70 -0.83
C VAL A 252 -1.08 12.09 0.22
N GLN A 253 -1.47 12.01 1.50
CA GLN A 253 -0.72 12.72 2.53
C GLN A 253 0.70 12.18 2.71
N SER A 254 0.88 10.87 2.72
CA SER A 254 2.25 10.40 2.88
C SER A 254 3.08 10.72 1.65
N HIS A 255 2.46 10.73 0.46
CA HIS A 255 3.20 11.07 -0.76
C HIS A 255 3.72 12.50 -0.70
N SER A 256 2.88 13.44 -0.27
CA SER A 256 3.38 14.81 -0.09
C SER A 256 4.44 14.85 1.00
N ASP A 257 4.25 14.10 2.08
CA ASP A 257 5.23 14.10 3.16
C ASP A 257 6.55 13.47 2.74
N MET A 258 6.55 12.64 1.71
CA MET A 258 7.74 11.91 1.29
C MET A 258 8.42 12.53 0.09
N GLY A 259 7.97 13.71 -0.35
CA GLY A 259 8.70 14.49 -1.31
C GLY A 259 8.06 14.62 -2.67
N MET A 260 6.80 14.22 -2.83
CA MET A 260 6.08 14.37 -4.10
C MET A 260 5.46 15.77 -4.13
N VAL A 261 6.36 16.75 -4.08
CA VAL A 261 6.03 18.18 -4.06
C VAL A 261 7.02 18.93 -4.95
N GLY A 262 6.58 20.08 -5.45
CA GLY A 262 7.42 20.95 -6.27
C GLY A 262 6.85 22.36 -6.18
N LEU A 263 7.51 23.31 -6.84
CA LEU A 263 7.14 24.71 -6.70
C LEU A 263 6.81 25.31 -8.05
N PHE A 264 5.62 25.90 -8.17
CA PHE A 264 5.29 26.77 -9.29
C PHE A 264 5.69 28.17 -8.86
N LEU A 265 6.87 28.60 -9.31
CA LEU A 265 7.49 29.83 -8.86
C LEU A 265 7.03 30.98 -9.76
N VAL A 266 6.00 31.70 -9.32
CA VAL A 266 5.43 32.79 -10.09
C VAL A 266 6.10 34.08 -9.64
N LYS A 267 6.85 34.71 -10.54
CA LYS A 267 7.66 35.88 -10.21
C LYS A 267 6.93 37.16 -10.60
N LYS A 268 7.21 38.24 -9.85
CA LYS A 268 6.82 39.58 -10.26
C LYS A 268 7.54 39.97 -11.55
N PRO A 269 7.06 41.00 -12.23
CA PRO A 269 7.79 41.46 -13.42
C PRO A 269 9.26 41.71 -13.16
N ASP A 270 9.66 42.12 -11.94
CA ASP A 270 11.07 42.35 -11.62
C ASP A 270 11.83 41.05 -11.28
N GLY A 271 11.22 39.88 -11.49
CA GLY A 271 11.91 38.61 -11.33
C GLY A 271 11.98 38.10 -9.90
N THR A 272 11.35 38.76 -8.95
CA THR A 272 11.41 38.40 -7.55
C THR A 272 10.13 37.72 -7.09
N ILE A 273 10.27 36.91 -6.05
N ILE A 273 10.27 36.91 -6.05
CA ILE A 273 9.14 36.19 -5.46
CA ILE A 273 9.16 36.17 -5.46
C ILE A 273 9.03 36.60 -4.01
C ILE A 273 9.03 36.58 -4.00
N PRO A 274 8.00 37.34 -3.63
CA PRO A 274 7.90 37.81 -2.24
C PRO A 274 7.78 36.64 -1.28
N GLY A 275 8.66 36.63 -0.27
CA GLY A 275 8.57 35.64 0.78
C GLY A 275 9.08 34.26 0.44
N TYR A 276 9.87 34.13 -0.63
CA TYR A 276 10.50 32.86 -0.98
C TYR A 276 12.00 33.00 -0.77
N ASP A 277 12.53 32.25 0.19
CA ASP A 277 13.97 32.18 0.41
C ASP A 277 14.51 30.97 -0.32
N PRO A 278 15.31 31.14 -1.40
CA PRO A 278 16.04 30.03 -2.00
C PRO A 278 17.44 29.84 -1.38
N ALA B 1 -26.77 3.29 -38.71
CA ALA B 1 -27.14 2.55 -37.52
C ALA B 1 -28.55 2.90 -37.06
N GLY B 2 -29.18 1.98 -36.34
CA GLY B 2 -30.47 2.25 -35.75
C GLY B 2 -30.35 3.10 -34.50
N ALA B 3 -31.51 3.60 -34.06
CA ALA B 3 -31.60 4.41 -32.85
C ALA B 3 -32.60 3.80 -31.88
N ALA B 4 -32.39 4.07 -30.58
CA ALA B 4 -33.30 3.53 -29.58
C ALA B 4 -34.65 4.24 -29.69
N PRO B 5 -35.75 3.53 -29.44
CA PRO B 5 -37.07 4.18 -29.43
C PRO B 5 -37.28 4.91 -28.11
N ALA B 6 -38.41 5.61 -28.01
CA ALA B 6 -38.88 6.06 -26.70
C ALA B 6 -39.34 4.85 -25.88
N GLY B 7 -39.12 4.90 -24.57
CA GLY B 7 -39.46 3.80 -23.71
C GLY B 7 -40.91 3.85 -23.29
N GLY B 8 -41.24 3.03 -22.29
CA GLY B 8 -42.57 3.07 -21.72
C GLY B 8 -43.21 1.70 -21.57
N GLU B 9 -42.53 0.65 -21.99
CA GLU B 9 -43.10 -0.69 -21.91
C GLU B 9 -42.87 -1.30 -20.53
N VAL B 10 -43.84 -2.09 -20.09
CA VAL B 10 -43.68 -2.93 -18.90
C VAL B 10 -43.08 -4.24 -19.38
N ARG B 11 -41.93 -4.60 -18.83
CA ARG B 11 -41.21 -5.81 -19.25
C ARG B 11 -41.04 -6.74 -18.06
N ARG B 12 -41.10 -8.04 -18.34
N ARG B 12 -41.08 -8.04 -18.32
CA ARG B 12 -40.93 -9.08 -17.34
CA ARG B 12 -40.91 -9.04 -17.27
C ARG B 12 -39.76 -9.98 -17.74
C ARG B 12 -39.89 -10.08 -17.69
N VAL B 13 -39.03 -10.45 -16.74
CA VAL B 13 -37.97 -11.43 -16.95
C VAL B 13 -37.77 -12.15 -15.62
N THR B 14 -37.36 -13.40 -15.69
CA THR B 14 -37.10 -14.20 -14.49
C THR B 14 -35.60 -14.27 -14.25
N MET B 15 -35.20 -14.31 -12.99
CA MET B 15 -33.79 -14.39 -12.67
C MET B 15 -33.56 -15.38 -11.54
N TYR B 16 -32.39 -16.03 -11.58
CA TYR B 16 -32.01 -17.02 -10.59
C TYR B 16 -30.56 -16.80 -10.19
N ALA B 17 -30.25 -17.13 -8.94
CA ALA B 17 -28.90 -17.04 -8.39
C ALA B 17 -28.45 -18.45 -8.02
N GLU B 18 -27.49 -18.97 -8.78
CA GLU B 18 -27.01 -20.34 -8.64
C GLU B 18 -25.56 -20.37 -8.19
N ARG B 19 -25.20 -21.43 -7.48
CA ARG B 19 -23.80 -21.76 -7.33
C ARG B 19 -23.24 -22.16 -8.69
N LEU B 20 -21.98 -21.83 -8.92
CA LEU B 20 -21.31 -22.22 -10.16
C LEU B 20 -20.05 -22.98 -9.80
N ALA B 21 -19.47 -23.64 -10.80
CA ALA B 21 -18.32 -24.51 -10.56
C ALA B 21 -17.22 -23.78 -9.82
N GLY B 22 -16.72 -24.39 -8.76
CA GLY B 22 -15.56 -23.91 -8.05
C GLY B 22 -15.82 -22.75 -7.11
N GLY B 23 -16.81 -22.87 -6.23
CA GLY B 23 -17.05 -21.85 -5.24
C GLY B 23 -17.50 -20.49 -5.74
N GLN B 24 -17.89 -20.37 -7.00
CA GLN B 24 -18.38 -19.12 -7.56
C GLN B 24 -19.92 -19.11 -7.59
N MET B 25 -20.47 -17.89 -7.67
CA MET B 25 -21.92 -17.68 -7.77
C MET B 25 -22.23 -16.80 -8.98
N GLY B 26 -23.37 -17.08 -9.63
CA GLY B 26 -23.75 -16.34 -10.82
C GLY B 26 -25.22 -16.01 -10.83
N TYR B 27 -25.56 -15.01 -11.66
CA TYR B 27 -26.93 -14.71 -12.04
C TYR B 27 -27.23 -15.28 -13.42
N GLY B 28 -28.44 -15.78 -13.60
CA GLY B 28 -28.88 -16.22 -14.91
C GLY B 28 -30.35 -15.94 -15.09
N LEU B 29 -30.77 -15.93 -16.36
CA LEU B 29 -32.17 -15.71 -16.72
C LEU B 29 -32.99 -17.00 -16.70
N GLU B 30 -32.33 -18.14 -16.94
N GLU B 30 -32.35 -18.15 -16.88
CA GLU B 30 -32.92 -19.47 -16.82
CA GLU B 30 -32.99 -19.45 -16.76
C GLU B 30 -32.08 -20.28 -15.83
C GLU B 30 -32.10 -20.35 -15.90
N LYS B 31 -32.72 -21.25 -15.19
N LYS B 31 -32.75 -21.29 -15.20
CA LYS B 31 -32.00 -22.12 -14.26
CA LYS B 31 -32.02 -22.16 -14.28
C LYS B 31 -30.93 -22.92 -15.01
C LYS B 31 -30.94 -22.95 -15.01
N GLY B 32 -29.76 -23.03 -14.39
CA GLY B 32 -28.60 -23.67 -14.99
C GLY B 32 -27.88 -22.84 -16.04
N LYS B 33 -28.41 -21.67 -16.39
CA LYS B 33 -27.85 -20.82 -17.43
C LYS B 33 -27.29 -19.51 -16.86
N ALA B 34 -26.78 -19.55 -15.63
CA ALA B 34 -26.19 -18.37 -15.01
C ALA B 34 -24.77 -18.16 -15.49
N SER B 35 -24.39 -16.88 -15.62
CA SER B 35 -23.09 -16.47 -16.13
C SER B 35 -22.38 -15.57 -15.13
N ILE B 36 -21.09 -15.35 -15.39
CA ILE B 36 -20.31 -14.30 -14.71
C ILE B 36 -19.55 -13.54 -15.77
N PRO B 37 -19.92 -12.27 -16.09
CA PRO B 37 -20.96 -11.45 -15.48
C PRO B 37 -22.35 -11.99 -15.79
N GLY B 38 -23.36 -11.64 -14.98
CA GLY B 38 -24.72 -12.03 -15.25
C GLY B 38 -25.21 -11.49 -16.57
N PRO B 39 -26.47 -11.77 -16.90
CA PRO B 39 -26.99 -11.35 -18.21
C PRO B 39 -27.15 -9.85 -18.32
N LEU B 40 -26.96 -9.34 -19.53
CA LEU B 40 -27.12 -7.92 -19.78
C LEU B 40 -28.61 -7.58 -19.84
N ILE B 41 -28.99 -6.51 -19.15
CA ILE B 41 -30.37 -6.04 -19.20
C ILE B 41 -30.39 -4.69 -19.90
N GLU B 42 -31.16 -4.61 -20.98
CA GLU B 42 -31.27 -3.41 -21.79
C GLU B 42 -32.69 -2.86 -21.64
N LEU B 43 -32.80 -1.58 -21.27
CA LEU B 43 -34.09 -0.91 -21.21
C LEU B 43 -34.01 0.41 -21.97
N ASN B 44 -35.17 0.92 -22.34
CA ASN B 44 -35.32 2.27 -22.85
C ASN B 44 -35.93 3.13 -21.75
N GLU B 45 -35.49 4.39 -21.66
CA GLU B 45 -35.98 5.30 -20.63
C GLU B 45 -37.50 5.30 -20.58
N GLY B 46 -38.04 4.99 -19.40
CA GLY B 46 -39.46 4.85 -19.19
C GLY B 46 -39.91 3.41 -18.99
N ASP B 47 -39.15 2.44 -19.50
CA ASP B 47 -39.51 1.04 -19.31
C ASP B 47 -39.55 0.69 -17.82
N THR B 48 -40.44 -0.22 -17.48
CA THR B 48 -40.42 -0.85 -16.17
C THR B 48 -40.06 -2.32 -16.34
N LEU B 49 -39.17 -2.81 -15.51
CA LEU B 49 -38.77 -4.21 -15.53
C LEU B 49 -39.14 -4.81 -14.19
N HIS B 50 -39.93 -5.88 -14.22
CA HIS B 50 -40.17 -6.70 -13.05
C HIS B 50 -39.24 -7.91 -13.16
N VAL B 51 -38.34 -8.04 -12.21
CA VAL B 51 -37.42 -9.18 -12.16
C VAL B 51 -38.01 -10.17 -11.17
N GLU B 52 -38.46 -11.31 -11.66
CA GLU B 52 -38.97 -12.37 -10.80
C GLU B 52 -37.81 -13.29 -10.44
N PHE B 53 -37.33 -13.18 -9.21
CA PHE B 53 -36.03 -13.65 -8.78
C PHE B 53 -36.19 -14.86 -7.87
N GLU B 54 -35.33 -15.86 -8.02
CA GLU B 54 -35.36 -17.05 -7.18
C GLU B 54 -33.95 -17.42 -6.74
N ASN B 55 -33.75 -17.49 -5.43
CA ASN B 55 -32.48 -17.92 -4.82
C ASN B 55 -32.45 -19.43 -4.76
N THR B 56 -31.80 -20.06 -5.74
CA THR B 56 -31.65 -21.51 -5.76
C THR B 56 -30.48 -21.99 -4.91
N MET B 57 -29.87 -21.14 -4.11
CA MET B 57 -28.72 -21.52 -3.33
C MET B 57 -29.09 -21.85 -1.89
N ASP B 58 -28.07 -22.25 -1.14
CA ASP B 58 -28.17 -22.66 0.25
C ASP B 58 -27.80 -21.53 1.19
N VAL B 59 -27.74 -20.30 0.69
CA VAL B 59 -27.30 -19.15 1.49
C VAL B 59 -28.13 -17.96 1.02
N PRO B 60 -28.37 -16.94 1.86
CA PRO B 60 -29.14 -15.79 1.38
C PRO B 60 -28.41 -15.05 0.25
N VAL B 61 -29.19 -14.45 -0.65
CA VAL B 61 -28.67 -13.62 -1.74
C VAL B 61 -29.58 -12.40 -1.86
N SER B 62 -29.10 -11.39 -2.60
CA SER B 62 -29.92 -10.21 -2.90
C SER B 62 -29.60 -9.72 -4.31
N LEU B 63 -30.41 -8.76 -4.77
CA LEU B 63 -30.25 -8.17 -6.10
C LEU B 63 -30.43 -6.66 -5.94
N HIS B 64 -29.31 -5.95 -5.89
CA HIS B 64 -29.27 -4.51 -5.77
C HIS B 64 -28.85 -3.90 -7.10
N VAL B 65 -29.55 -2.86 -7.53
CA VAL B 65 -29.26 -2.22 -8.83
C VAL B 65 -28.74 -0.81 -8.57
N HIS B 66 -27.85 -0.37 -9.45
CA HIS B 66 -27.36 1.01 -9.47
C HIS B 66 -28.14 1.82 -10.50
N GLY B 67 -28.28 3.11 -10.22
CA GLY B 67 -28.82 4.08 -11.14
C GLY B 67 -30.32 4.08 -11.40
N LEU B 68 -30.93 2.91 -11.46
CA LEU B 68 -32.34 2.84 -11.81
C LEU B 68 -33.22 3.28 -10.65
N ASP B 69 -34.44 3.71 -10.98
CA ASP B 69 -35.45 3.98 -9.97
C ASP B 69 -35.98 2.66 -9.41
N TYR B 70 -36.10 2.58 -8.08
CA TYR B 70 -36.76 1.47 -7.40
C TYR B 70 -37.27 1.97 -6.05
N GLU B 71 -38.31 1.32 -5.56
CA GLU B 71 -38.76 1.65 -4.22
C GLU B 71 -37.88 0.96 -3.18
N ILE B 72 -38.03 1.35 -1.92
CA ILE B 72 -37.16 0.82 -0.87
C ILE B 72 -37.33 -0.69 -0.75
N SER B 73 -38.55 -1.19 -1.00
CA SER B 73 -38.83 -2.62 -1.02
C SER B 73 -37.95 -3.41 -2.00
N SER B 74 -37.29 -2.75 -2.97
CA SER B 74 -36.43 -3.44 -3.93
C SER B 74 -34.98 -3.02 -3.77
N ASP B 75 -34.63 -2.41 -2.64
CA ASP B 75 -33.24 -2.04 -2.37
C ASP B 75 -32.31 -3.24 -2.44
N GLY B 76 -32.80 -4.44 -2.12
CA GLY B 76 -32.02 -5.65 -2.26
C GLY B 76 -30.98 -5.77 -1.16
N THR B 77 -31.41 -5.50 0.06
CA THR B 77 -30.52 -5.47 1.20
C THR B 77 -31.18 -6.20 2.37
N LYS B 78 -30.33 -6.85 3.17
CA LYS B 78 -30.80 -7.43 4.42
C LYS B 78 -31.28 -6.33 5.35
N GLN B 79 -30.59 -5.19 5.34
CA GLN B 79 -30.87 -4.10 6.25
C GLN B 79 -32.35 -3.72 6.27
N ASN B 80 -33.07 -3.89 5.16
CA ASN B 80 -34.52 -3.70 5.16
C ASN B 80 -35.23 -4.86 4.46
N LYS B 81 -34.80 -6.08 4.75
CA LYS B 81 -35.55 -7.29 4.43
C LYS B 81 -35.90 -7.40 2.95
N SER B 82 -35.11 -6.79 2.07
CA SER B 82 -35.29 -7.02 0.63
C SER B 82 -34.40 -8.14 0.10
N HIS B 83 -33.69 -8.84 0.98
CA HIS B 83 -32.92 -10.00 0.59
C HIS B 83 -33.83 -11.21 0.42
N VAL B 84 -33.33 -12.23 -0.27
CA VAL B 84 -34.07 -13.45 -0.54
C VAL B 84 -33.44 -14.59 0.26
N GLU B 85 -34.28 -15.47 0.78
CA GLU B 85 -33.81 -16.63 1.52
C GLU B 85 -33.51 -17.78 0.56
N PRO B 86 -32.71 -18.75 1.00
CA PRO B 86 -32.49 -19.95 0.18
C PRO B 86 -33.81 -20.57 -0.26
N GLY B 87 -33.91 -20.86 -1.56
CA GLY B 87 -35.12 -21.40 -2.15
C GLY B 87 -36.22 -20.39 -2.37
N GLY B 88 -36.09 -19.19 -1.82
CA GLY B 88 -37.17 -18.23 -1.90
C GLY B 88 -37.23 -17.49 -3.21
N THR B 89 -38.36 -16.83 -3.42
CA THR B 89 -38.58 -16.01 -4.60
C THR B 89 -39.00 -14.61 -4.17
N ARG B 90 -38.75 -13.66 -5.06
CA ARG B 90 -39.11 -12.28 -4.82
C ARG B 90 -39.19 -11.59 -6.15
N THR B 91 -40.05 -10.58 -6.25
CA THR B 91 -40.13 -9.77 -7.44
C THR B 91 -39.49 -8.43 -7.13
N TYR B 92 -38.34 -8.17 -7.76
CA TYR B 92 -37.67 -6.89 -7.71
C TYR B 92 -38.18 -6.06 -8.88
N THR B 93 -38.59 -4.83 -8.61
CA THR B 93 -39.10 -3.97 -9.67
C THR B 93 -38.18 -2.78 -9.88
N TRP B 94 -37.80 -2.57 -11.14
CA TRP B 94 -36.94 -1.49 -11.58
C TRP B 94 -37.72 -0.61 -12.55
N ARG B 95 -37.73 0.69 -12.31
N ARG B 95 -37.70 0.69 -12.32
CA ARG B 95 -38.35 1.64 -13.22
CA ARG B 95 -38.32 1.64 -13.21
C ARG B 95 -37.29 2.63 -13.71
C ARG B 95 -37.26 2.59 -13.75
N THR B 96 -37.63 3.31 -14.81
CA THR B 96 -36.76 4.31 -15.41
C THR B 96 -37.63 5.48 -15.88
N HIS B 97 -36.98 6.59 -16.22
CA HIS B 97 -37.73 7.77 -16.59
C HIS B 97 -36.90 8.60 -17.57
N GLU B 98 -37.60 9.33 -18.41
CA GLU B 98 -36.96 10.26 -19.30
C GLU B 98 -36.51 11.47 -18.50
N PRO B 99 -35.56 12.25 -19.05
CA PRO B 99 -35.27 13.57 -18.49
C PRO B 99 -36.42 14.54 -18.74
N GLY B 100 -36.37 15.66 -18.04
CA GLY B 100 -37.41 16.63 -18.25
C GLY B 100 -37.30 17.73 -17.23
N ARG B 101 -38.09 18.77 -17.45
CA ARG B 101 -38.04 19.92 -16.57
C ARG B 101 -38.98 19.69 -15.40
N ARG B 102 -38.45 19.86 -14.20
CA ARG B 102 -39.22 19.80 -12.97
C ARG B 102 -40.08 21.05 -12.83
N ALA B 103 -41.04 20.96 -11.90
CA ALA B 103 -41.90 22.11 -11.63
C ALA B 103 -41.11 23.26 -11.02
N ASP B 104 -40.06 22.95 -10.25
CA ASP B 104 -39.22 24.00 -9.68
C ASP B 104 -38.27 24.60 -10.70
N GLY B 105 -38.39 24.24 -11.97
CA GLY B 105 -37.63 24.86 -13.03
C GLY B 105 -36.31 24.20 -13.38
N THR B 106 -35.91 23.14 -12.68
CA THR B 106 -34.62 22.51 -12.89
C THR B 106 -34.78 21.27 -13.76
N TRP B 107 -33.66 20.84 -14.35
CA TRP B 107 -33.62 19.71 -15.25
C TRP B 107 -33.42 18.42 -14.48
N ARG B 108 -34.39 17.52 -14.57
CA ARG B 108 -34.34 16.24 -13.89
C ARG B 108 -33.59 15.25 -14.78
N ALA B 109 -32.46 14.74 -14.29
CA ALA B 109 -31.66 13.82 -15.10
C ALA B 109 -32.43 12.53 -15.32
N GLY B 110 -32.41 12.04 -16.55
CA GLY B 110 -33.05 10.78 -16.85
C GLY B 110 -32.25 9.60 -16.35
N SER B 111 -32.82 8.41 -16.54
CA SER B 111 -32.15 7.20 -16.10
C SER B 111 -31.12 6.65 -17.08
N ALA B 112 -31.05 7.14 -18.32
CA ALA B 112 -30.14 6.56 -19.30
C ALA B 112 -28.69 6.55 -18.83
N GLY B 113 -28.01 5.43 -19.06
CA GLY B 113 -26.62 5.33 -18.69
C GLY B 113 -26.18 3.88 -18.57
N TYR B 114 -24.90 3.71 -18.21
CA TYR B 114 -24.28 2.38 -18.04
C TYR B 114 -24.30 2.04 -16.56
N TRP B 115 -25.12 1.09 -16.19
CA TRP B 115 -25.34 0.75 -14.79
C TRP B 115 -24.92 -0.68 -14.56
N HIS B 116 -25.23 -1.20 -13.38
CA HIS B 116 -24.98 -2.60 -13.06
C HIS B 116 -25.85 -3.02 -11.88
N TYR B 117 -25.89 -4.32 -11.64
CA TYR B 117 -26.56 -4.92 -10.49
C TYR B 117 -25.62 -5.93 -9.85
N HIS B 118 -25.83 -6.18 -8.56
CA HIS B 118 -24.97 -7.12 -7.84
C HIS B 118 -25.58 -7.46 -6.49
N ASP B 119 -24.99 -8.48 -5.84
CA ASP B 119 -25.48 -8.95 -4.56
C ASP B 119 -25.05 -8.01 -3.44
N HIS B 120 -25.85 -7.98 -2.38
CA HIS B 120 -25.60 -7.12 -1.24
C HIS B 120 -25.58 -7.85 0.10
N VAL B 121 -25.56 -9.20 0.12
CA VAL B 121 -25.77 -9.92 1.39
C VAL B 121 -24.88 -11.15 1.55
N VAL B 122 -24.32 -11.68 0.46
CA VAL B 122 -23.50 -12.87 0.58
C VAL B 122 -22.15 -12.49 1.16
N GLY B 123 -21.73 -13.22 2.20
CA GLY B 123 -20.51 -12.92 2.91
C GLY B 123 -20.65 -11.83 3.96
N THR B 124 -20.99 -10.60 3.54
CA THR B 124 -21.28 -9.52 4.47
C THR B 124 -22.54 -8.81 4.01
N GLU B 125 -22.99 -7.87 4.84
CA GLU B 125 -24.11 -6.95 4.62
C GLU B 125 -23.82 -5.89 3.56
N HIS B 126 -22.66 -5.95 2.89
CA HIS B 126 -22.45 -5.18 1.66
C HIS B 126 -22.06 -6.08 0.49
N GLY B 127 -22.39 -7.37 0.58
CA GLY B 127 -22.19 -8.30 -0.53
C GLY B 127 -20.75 -8.54 -0.92
N THR B 128 -19.80 -8.27 -0.03
CA THR B 128 -18.38 -8.50 -0.33
C THR B 128 -18.15 -9.93 -0.83
N GLY B 129 -18.64 -10.91 -0.08
CA GLY B 129 -18.53 -12.30 -0.52
C GLY B 129 -19.26 -12.56 -1.83
N GLY B 130 -20.47 -12.02 -1.98
CA GLY B 130 -21.24 -12.29 -3.19
C GLY B 130 -20.57 -11.77 -4.45
N ILE B 131 -20.11 -10.51 -4.40
CA ILE B 131 -19.44 -9.90 -5.53
C ILE B 131 -18.15 -10.66 -5.87
N ARG B 132 -17.37 -11.04 -4.85
CA ARG B 132 -16.15 -11.77 -5.16
C ARG B 132 -16.47 -13.10 -5.84
N ASN B 133 -17.60 -13.73 -5.47
CA ASN B 133 -17.97 -15.02 -6.07
C ASN B 133 -18.50 -14.87 -7.48
N GLY B 134 -18.90 -13.68 -7.91
CA GLY B 134 -19.28 -13.49 -9.30
C GLY B 134 -20.67 -12.94 -9.50
N LEU B 135 -21.29 -12.45 -8.41
CA LEU B 135 -22.68 -12.00 -8.44
C LEU B 135 -22.76 -10.54 -8.87
N TYR B 136 -22.64 -10.32 -10.18
CA TYR B 136 -22.72 -8.98 -10.77
C TYR B 136 -23.07 -9.11 -12.24
N GLY B 137 -23.76 -8.09 -12.76
CA GLY B 137 -24.01 -8.01 -14.17
C GLY B 137 -24.31 -6.59 -14.61
N PRO B 138 -24.37 -6.35 -15.92
CA PRO B 138 -24.56 -4.99 -16.44
C PRO B 138 -26.02 -4.66 -16.71
N VAL B 139 -26.31 -3.36 -16.66
CA VAL B 139 -27.59 -2.81 -17.09
C VAL B 139 -27.29 -1.58 -17.95
N ILE B 140 -27.87 -1.54 -19.14
CA ILE B 140 -27.82 -0.39 -20.04
C ILE B 140 -29.23 0.15 -20.16
N VAL B 141 -29.42 1.44 -19.90
CA VAL B 141 -30.67 2.12 -20.19
C VAL B 141 -30.38 3.15 -21.28
N ARG B 142 -31.05 3.03 -22.42
CA ARG B 142 -30.85 3.94 -23.52
C ARG B 142 -31.89 5.06 -23.47
N ARG B 143 -31.48 6.21 -24.00
CA ARG B 143 -32.34 7.36 -24.22
C ARG B 143 -32.80 7.36 -25.68
N LYS B 144 -34.05 7.77 -25.91
CA LYS B 144 -34.57 7.99 -27.25
C LYS B 144 -33.53 8.67 -28.15
N GLY B 145 -33.34 8.12 -29.35
CA GLY B 145 -32.34 8.62 -30.28
C GLY B 145 -30.93 8.13 -30.07
N ASP B 146 -30.64 7.40 -28.99
CA ASP B 146 -29.28 6.90 -28.80
C ASP B 146 -28.91 5.95 -29.93
N VAL B 147 -27.67 6.04 -30.39
CA VAL B 147 -27.24 5.14 -31.44
C VAL B 147 -27.17 3.73 -30.87
N LEU B 148 -27.63 2.76 -31.65
CA LEU B 148 -27.59 1.36 -31.27
C LEU B 148 -26.36 0.69 -31.87
N PRO B 149 -25.70 -0.17 -31.12
CA PRO B 149 -24.46 -0.79 -31.57
C PRO B 149 -24.72 -2.09 -32.32
N ASP B 150 -23.65 -2.60 -32.95
CA ASP B 150 -23.70 -3.93 -33.55
C ASP B 150 -23.36 -5.02 -32.55
N ALA B 151 -22.89 -4.65 -31.35
CA ALA B 151 -22.44 -5.63 -30.38
C ALA B 151 -22.15 -4.90 -29.08
N THR B 152 -22.33 -5.62 -27.97
CA THR B 152 -22.05 -5.10 -26.65
C THR B 152 -21.21 -6.14 -25.91
N HIS B 153 -20.14 -5.68 -25.29
CA HIS B 153 -19.30 -6.56 -24.50
C HIS B 153 -19.11 -5.92 -23.14
N THR B 154 -19.06 -6.75 -22.10
CA THR B 154 -18.95 -6.27 -20.74
C THR B 154 -17.64 -6.74 -20.15
N ILE B 155 -16.86 -5.78 -19.64
CA ILE B 155 -15.57 -6.06 -19.06
C ILE B 155 -15.65 -5.58 -17.62
N VAL B 156 -15.57 -6.52 -16.68
CA VAL B 156 -15.68 -6.22 -15.25
C VAL B 156 -14.33 -6.48 -14.60
N PHE B 157 -13.76 -5.44 -13.99
CA PHE B 157 -12.54 -5.58 -13.22
C PHE B 157 -12.99 -5.92 -11.80
N ASN B 158 -12.88 -7.19 -11.42
CA ASN B 158 -13.28 -7.65 -10.10
C ASN B 158 -12.03 -8.10 -9.36
N ASP B 159 -11.69 -7.40 -8.28
CA ASP B 159 -10.43 -7.62 -7.55
C ASP B 159 -9.33 -7.65 -8.62
N ALA B 160 -8.45 -8.65 -8.62
CA ALA B 160 -7.35 -8.75 -9.57
C ALA B 160 -7.71 -9.54 -10.83
N THR B 161 -9.01 -9.63 -11.18
CA THR B 161 -9.45 -10.46 -12.29
C THR B 161 -10.34 -9.66 -13.23
N ILE B 162 -10.49 -10.19 -14.45
CA ILE B 162 -11.47 -9.69 -15.41
C ILE B 162 -12.55 -10.75 -15.52
N ASN B 163 -13.77 -10.39 -15.09
CA ASN B 163 -14.94 -11.27 -15.21
C ASN B 163 -14.73 -12.62 -14.51
N ASN B 164 -14.04 -12.59 -13.36
CA ASN B 164 -13.76 -13.73 -12.49
C ASN B 164 -12.98 -14.83 -13.19
N ARG B 165 -12.51 -14.58 -14.41
CA ARG B 165 -11.66 -15.51 -15.13
C ARG B 165 -10.29 -15.60 -14.48
N PRO B 166 -9.61 -16.74 -14.61
CA PRO B 166 -8.24 -16.84 -14.09
C PRO B 166 -7.28 -15.95 -14.86
N ALA B 167 -6.22 -15.52 -14.18
CA ALA B 167 -5.32 -14.51 -14.72
C ALA B 167 -4.68 -14.99 -16.01
N HIS B 168 -4.43 -14.06 -16.92
CA HIS B 168 -3.86 -14.33 -18.23
C HIS B 168 -4.79 -15.10 -19.15
N THR B 169 -6.11 -15.04 -18.95
CA THR B 169 -7.02 -15.82 -19.79
C THR B 169 -8.12 -14.95 -20.41
N GLY B 170 -7.75 -13.75 -20.88
CA GLY B 170 -8.71 -12.88 -21.53
C GLY B 170 -9.73 -12.26 -20.59
N PRO B 171 -10.97 -12.06 -21.07
CA PRO B 171 -11.53 -12.49 -22.36
C PRO B 171 -11.14 -11.66 -23.58
N ASN B 172 -11.17 -12.31 -24.73
CA ASN B 172 -11.09 -11.65 -26.03
C ASN B 172 -12.49 -11.45 -26.60
N PHE B 173 -12.59 -10.47 -27.48
CA PHE B 173 -13.82 -10.14 -28.16
C PHE B 173 -13.46 -9.93 -29.61
N GLU B 174 -14.32 -10.38 -30.51
CA GLU B 174 -14.07 -10.22 -31.93
C GLU B 174 -15.04 -9.22 -32.52
N ALA B 175 -14.61 -8.66 -33.64
CA ALA B 175 -15.39 -7.68 -34.37
C ALA B 175 -14.74 -7.54 -35.74
N THR B 176 -15.41 -6.80 -36.61
CA THR B 176 -14.91 -6.58 -37.95
C THR B 176 -14.70 -5.09 -38.13
N VAL B 177 -13.62 -4.71 -38.82
CA VAL B 177 -13.33 -3.32 -39.16
C VAL B 177 -14.62 -2.64 -39.57
N GLY B 178 -14.94 -1.53 -38.91
CA GLY B 178 -16.17 -0.80 -39.18
C GLY B 178 -17.33 -1.12 -38.26
N ASP B 179 -17.30 -2.26 -37.57
CA ASP B 179 -18.32 -2.57 -36.58
C ASP B 179 -18.44 -1.46 -35.52
N ARG B 180 -19.68 -1.11 -35.19
CA ARG B 180 -19.96 -0.24 -34.06
C ARG B 180 -20.08 -1.11 -32.81
N VAL B 181 -19.10 -1.00 -31.91
CA VAL B 181 -18.98 -1.91 -30.78
C VAL B 181 -19.18 -1.13 -29.49
N GLU B 182 -20.00 -1.67 -28.60
CA GLU B 182 -20.31 -1.04 -27.34
C GLU B 182 -19.62 -1.81 -26.22
N ILE B 183 -18.91 -1.08 -25.36
CA ILE B 183 -18.21 -1.63 -24.21
C ILE B 183 -18.89 -1.16 -22.93
N VAL B 184 -19.07 -2.07 -21.98
CA VAL B 184 -19.55 -1.75 -20.64
C VAL B 184 -18.42 -2.08 -19.68
N MET B 185 -18.01 -1.09 -18.88
CA MET B 185 -16.87 -1.30 -18.00
C MET B 185 -17.33 -1.13 -16.55
N ILE B 186 -17.24 -2.22 -15.78
CA ILE B 186 -17.69 -2.26 -14.40
C ILE B 186 -16.51 -2.65 -13.51
N THR B 187 -16.37 -1.98 -12.37
CA THR B 187 -15.33 -2.28 -11.41
C THR B 187 -15.93 -2.73 -10.08
N HIS B 188 -15.28 -3.67 -9.41
CA HIS B 188 -15.83 -4.22 -8.19
C HIS B 188 -14.70 -4.61 -7.24
N GLY B 189 -15.01 -4.63 -5.97
CA GLY B 189 -14.17 -5.29 -4.99
C GLY B 189 -13.36 -4.28 -4.18
N GLU B 190 -12.04 -4.47 -4.17
CA GLU B 190 -11.17 -3.72 -3.27
C GLU B 190 -10.28 -2.70 -3.96
N TYR B 191 -9.93 -2.88 -5.23
CA TYR B 191 -8.84 -2.12 -5.85
C TYR B 191 -9.35 -1.10 -6.86
N TYR B 192 -8.54 -0.04 -7.03
CA TYR B 192 -8.69 0.88 -8.15
C TYR B 192 -7.95 0.31 -9.36
N HIS B 193 -8.47 0.61 -10.54
CA HIS B 193 -7.87 0.21 -11.80
C HIS B 193 -7.92 1.37 -12.77
N THR B 194 -7.17 1.22 -13.85
CA THR B 194 -7.23 2.08 -15.02
C THR B 194 -7.44 1.17 -16.22
N PHE B 195 -8.56 1.35 -16.91
CA PHE B 195 -8.88 0.59 -18.12
C PHE B 195 -8.30 1.30 -19.33
N HIS B 196 -7.62 0.54 -20.21
CA HIS B 196 -6.96 1.11 -21.39
C HIS B 196 -7.22 0.23 -22.61
N MET B 197 -7.51 0.85 -23.76
CA MET B 197 -7.67 0.16 -25.03
C MET B 197 -6.65 0.68 -26.03
N HIS B 198 -5.88 -0.23 -26.63
CA HIS B 198 -5.02 0.16 -27.74
C HIS B 198 -5.86 0.44 -28.98
N GLY B 199 -5.42 1.40 -29.79
CA GLY B 199 -6.03 1.69 -31.08
C GLY B 199 -7.29 2.51 -31.06
N HIS B 200 -7.86 2.80 -29.88
CA HIS B 200 -9.18 3.39 -29.81
C HIS B 200 -9.26 4.33 -28.62
N ARG B 201 -10.28 5.19 -28.65
CA ARG B 201 -10.47 6.27 -27.69
C ARG B 201 -11.94 6.61 -27.68
N TRP B 202 -12.40 7.24 -26.60
CA TRP B 202 -13.81 7.58 -26.51
C TRP B 202 -13.95 8.87 -25.73
N ALA B 203 -15.18 9.40 -25.68
CA ALA B 203 -15.47 10.61 -24.93
C ALA B 203 -15.88 10.24 -23.50
N ASP B 204 -15.41 11.03 -22.53
CA ASP B 204 -15.73 10.77 -21.12
C ASP B 204 -17.04 11.46 -20.77
N ASN B 205 -18.14 10.90 -21.28
CA ASN B 205 -19.47 11.43 -20.98
C ASN B 205 -20.43 10.26 -20.91
N ARG B 206 -21.74 10.56 -20.93
CA ARG B 206 -22.73 9.48 -20.74
C ARG B 206 -22.58 8.40 -21.80
N THR B 207 -22.62 8.77 -23.07
CA THR B 207 -22.62 7.78 -24.14
C THR B 207 -21.22 7.36 -24.57
N GLY B 208 -20.19 8.09 -24.22
CA GLY B 208 -18.89 7.77 -24.77
C GLY B 208 -18.67 8.30 -26.16
N MET B 209 -19.66 8.95 -26.75
CA MET B 209 -19.53 9.62 -28.03
C MET B 209 -19.87 11.10 -27.85
N LEU B 210 -19.10 11.97 -28.48
CA LEU B 210 -19.33 13.41 -28.38
C LEU B 210 -20.61 13.78 -29.08
N THR B 211 -21.42 14.62 -28.43
CA THR B 211 -22.70 15.04 -28.99
C THR B 211 -22.57 15.87 -30.28
N GLY B 212 -21.36 16.24 -30.68
CA GLY B 212 -21.17 17.23 -31.73
C GLY B 212 -20.05 18.21 -31.35
N PRO B 213 -19.82 19.23 -32.17
CA PRO B 213 -18.66 20.11 -31.97
C PRO B 213 -18.68 20.93 -30.67
N ASP B 214 -19.81 21.01 -29.96
CA ASP B 214 -19.87 21.81 -28.75
C ASP B 214 -19.66 21.02 -27.45
N ASP B 215 -19.43 19.71 -27.52
CA ASP B 215 -19.18 18.90 -26.32
C ASP B 215 -17.71 19.00 -25.95
N PRO B 216 -17.38 19.54 -24.78
CA PRO B 216 -15.96 19.69 -24.39
C PRO B 216 -15.39 18.56 -23.56
N SER B 217 -16.12 17.45 -23.42
CA SER B 217 -15.65 16.31 -22.63
C SER B 217 -14.29 15.80 -23.14
N GLN B 218 -13.38 15.49 -22.20
CA GLN B 218 -12.08 14.98 -22.61
C GLN B 218 -12.25 13.70 -23.41
N VAL B 219 -11.40 13.54 -24.42
CA VAL B 219 -11.32 12.30 -25.18
C VAL B 219 -10.12 11.50 -24.67
N ILE B 220 -10.34 10.23 -24.38
CA ILE B 220 -9.45 9.45 -23.52
C ILE B 220 -9.31 8.06 -24.10
N ASP B 221 -8.19 7.40 -23.80
CA ASP B 221 -8.10 5.95 -24.03
C ASP B 221 -7.79 5.20 -22.75
N ASN B 222 -7.88 5.86 -21.60
N ASN B 222 -7.95 5.87 -21.59
CA ASN B 222 -7.68 5.19 -20.34
CA ASN B 222 -7.50 5.41 -20.29
C ASN B 222 -8.36 6.00 -19.24
C ASN B 222 -8.40 6.05 -19.23
N LYS B 223 -8.82 5.29 -18.22
CA LYS B 223 -9.72 5.86 -17.25
C LYS B 223 -9.55 5.14 -15.92
N ILE B 224 -9.32 5.92 -14.87
CA ILE B 224 -9.30 5.33 -13.54
C ILE B 224 -10.72 5.00 -13.11
N CYS B 225 -10.86 3.91 -12.35
N CYS B 225 -10.88 3.89 -12.37
CA CYS B 225 -12.15 3.45 -11.86
CA CYS B 225 -12.17 3.55 -11.82
C CYS B 225 -11.98 2.79 -10.50
C CYS B 225 -11.99 2.79 -10.52
N GLY B 226 -13.03 2.84 -9.70
CA GLY B 226 -13.03 2.21 -8.41
C GLY B 226 -14.25 1.33 -8.23
N PRO B 227 -14.29 0.58 -7.14
CA PRO B 227 -15.34 -0.44 -6.96
C PRO B 227 -16.73 0.19 -7.02
N ALA B 228 -17.58 -0.41 -7.88
CA ALA B 228 -18.96 -0.06 -8.23
C ALA B 228 -19.03 1.05 -9.26
N ASN B 229 -17.91 1.47 -9.83
CA ASN B 229 -17.94 2.41 -10.95
C ASN B 229 -18.43 1.68 -12.20
N SER B 230 -19.18 2.39 -13.02
CA SER B 230 -19.57 1.86 -14.32
C SER B 230 -19.57 2.99 -15.32
N PHE B 231 -19.16 2.67 -16.54
CA PHE B 231 -19.26 3.58 -17.66
C PHE B 231 -19.32 2.72 -18.92
N GLY B 232 -19.63 3.38 -20.04
CA GLY B 232 -19.75 2.68 -21.31
C GLY B 232 -19.41 3.62 -22.44
N PHE B 233 -19.11 3.05 -23.60
CA PHE B 233 -18.84 3.85 -24.78
C PHE B 233 -19.04 2.97 -26.00
N GLN B 234 -19.12 3.61 -27.16
CA GLN B 234 -19.11 2.92 -28.44
C GLN B 234 -17.90 3.40 -29.25
N ILE B 235 -17.32 2.47 -30.03
N ILE B 235 -17.32 2.47 -30.02
CA ILE B 235 -16.21 2.77 -30.92
CA ILE B 235 -16.22 2.76 -30.91
C ILE B 235 -16.48 2.07 -32.25
C ILE B 235 -16.51 2.09 -32.25
N ILE B 236 -15.95 2.66 -33.32
CA ILE B 236 -15.98 2.04 -34.64
C ILE B 236 -14.70 1.20 -34.72
N ALA B 237 -14.84 -0.12 -34.80
CA ALA B 237 -13.69 -1.00 -34.66
C ALA B 237 -12.70 -0.76 -35.80
N GLY B 238 -11.44 -0.54 -35.45
CA GLY B 238 -10.39 -0.24 -36.41
C GLY B 238 -10.45 1.14 -37.01
N GLU B 239 -11.27 2.05 -36.48
CA GLU B 239 -11.46 3.33 -37.15
C GLU B 239 -10.15 4.10 -37.17
N GLY B 240 -9.68 4.42 -38.39
CA GLY B 240 -8.44 5.13 -38.58
C GLY B 240 -7.19 4.37 -38.22
N VAL B 241 -7.31 3.07 -37.89
CA VAL B 241 -6.19 2.30 -37.39
C VAL B 241 -6.10 0.90 -38.01
N GLY B 242 -7.19 0.42 -38.59
CA GLY B 242 -7.19 -0.85 -39.30
C GLY B 242 -7.34 -2.06 -38.40
N ALA B 243 -7.16 -3.24 -38.99
CA ALA B 243 -7.39 -4.49 -38.30
C ALA B 243 -6.21 -4.86 -37.39
N GLY B 244 -6.46 -5.78 -36.47
CA GLY B 244 -5.40 -6.29 -35.63
C GLY B 244 -5.97 -6.78 -34.32
N ALA B 245 -5.09 -7.43 -33.55
CA ALA B 245 -5.41 -7.82 -32.18
C ALA B 245 -5.05 -6.64 -31.27
N TRP B 246 -6.04 -5.84 -30.95
CA TRP B 246 -5.81 -4.64 -30.16
C TRP B 246 -5.98 -4.97 -28.68
N MET B 247 -4.92 -4.77 -27.90
CA MET B 247 -4.98 -5.03 -26.48
C MET B 247 -5.89 -4.05 -25.74
N TYR B 248 -6.58 -4.59 -24.75
CA TYR B 248 -7.10 -3.83 -23.62
C TYR B 248 -6.54 -4.45 -22.37
N HIS B 249 -6.31 -3.63 -21.35
CA HIS B 249 -5.79 -4.15 -20.10
C HIS B 249 -5.94 -3.10 -19.01
N CYS B 250 -5.91 -3.54 -17.76
CA CYS B 250 -5.61 -2.58 -16.71
C CYS B 250 -4.21 -2.00 -16.95
N HIS B 251 -4.03 -0.73 -16.64
CA HIS B 251 -2.73 -0.14 -16.85
C HIS B 251 -1.94 0.00 -15.56
N VAL B 252 -2.53 -0.35 -14.40
CA VAL B 252 -1.72 -0.56 -13.20
C VAL B 252 -0.70 -1.66 -13.51
N GLN B 253 0.57 -1.34 -13.34
CA GLN B 253 1.63 -2.14 -13.96
C GLN B 253 1.63 -3.57 -13.45
N SER B 254 1.60 -3.75 -12.13
CA SER B 254 1.50 -5.10 -11.59
C SER B 254 0.22 -5.78 -12.04
N HIS B 255 -0.85 -5.02 -12.28
CA HIS B 255 -2.10 -5.67 -12.69
C HIS B 255 -2.01 -6.22 -14.10
N SER B 256 -1.47 -5.42 -15.03
CA SER B 256 -1.32 -5.95 -16.38
C SER B 256 -0.29 -7.09 -16.41
N ASP B 257 0.77 -7.00 -15.60
CA ASP B 257 1.77 -8.07 -15.53
C ASP B 257 1.20 -9.37 -14.96
N MET B 258 0.27 -9.29 -14.00
CA MET B 258 -0.40 -10.48 -13.49
C MET B 258 -1.44 -11.05 -14.46
N GLY B 259 -1.73 -10.39 -15.57
CA GLY B 259 -2.66 -10.93 -16.55
C GLY B 259 -4.05 -10.33 -16.58
N MET B 260 -4.25 -9.13 -16.05
CA MET B 260 -5.48 -8.38 -16.27
C MET B 260 -5.43 -7.74 -17.65
N VAL B 261 -5.32 -8.61 -18.67
CA VAL B 261 -5.19 -8.18 -20.05
C VAL B 261 -6.14 -9.00 -20.91
N GLY B 262 -6.53 -8.43 -22.04
CA GLY B 262 -7.24 -9.19 -23.06
C GLY B 262 -7.08 -8.66 -24.46
N LEU B 263 -7.82 -9.21 -25.43
CA LEU B 263 -7.66 -8.79 -26.81
C LEU B 263 -9.00 -8.43 -27.45
N PHE B 264 -9.00 -7.33 -28.19
CA PHE B 264 -10.10 -6.92 -29.05
C PHE B 264 -9.67 -7.30 -30.47
N LEU B 265 -10.08 -8.49 -30.90
CA LEU B 265 -9.67 -9.03 -32.19
C LEU B 265 -10.52 -8.39 -33.27
N VAL B 266 -9.94 -7.44 -34.00
CA VAL B 266 -10.63 -6.70 -35.06
C VAL B 266 -10.26 -7.34 -36.39
N LYS B 267 -11.26 -7.87 -37.09
CA LYS B 267 -11.04 -8.73 -38.24
C LYS B 267 -11.20 -7.95 -39.53
N LYS B 268 -10.37 -8.29 -40.50
CA LYS B 268 -10.60 -7.85 -41.86
C LYS B 268 -11.90 -8.48 -42.37
N PRO B 269 -12.51 -7.90 -43.40
CA PRO B 269 -13.76 -8.48 -43.93
C PRO B 269 -13.63 -9.95 -44.29
N ASP B 270 -12.47 -10.36 -44.85
CA ASP B 270 -12.24 -11.78 -45.11
C ASP B 270 -12.07 -12.63 -43.82
N GLY B 271 -12.31 -12.04 -42.64
CA GLY B 271 -12.25 -12.77 -41.40
C GLY B 271 -10.89 -12.84 -40.74
N THR B 272 -9.84 -12.40 -41.43
CA THR B 272 -8.50 -12.54 -40.89
C THR B 272 -8.17 -11.40 -39.96
N ILE B 273 -7.13 -11.61 -39.16
CA ILE B 273 -6.54 -10.59 -38.30
C ILE B 273 -5.06 -10.49 -38.65
N PRO B 274 -4.64 -9.44 -39.35
CA PRO B 274 -3.22 -9.30 -39.69
C PRO B 274 -2.35 -9.24 -38.43
N GLY B 275 -1.29 -10.04 -38.43
CA GLY B 275 -0.36 -10.02 -37.33
C GLY B 275 -0.76 -10.83 -36.13
N TYR B 276 -1.89 -11.53 -36.18
CA TYR B 276 -2.35 -12.35 -35.06
C TYR B 276 -2.01 -13.80 -35.35
N ASP B 277 -0.93 -14.27 -34.72
CA ASP B 277 -0.63 -15.70 -34.67
C ASP B 277 -1.27 -16.28 -33.41
N PRO B 278 -2.35 -17.09 -33.54
CA PRO B 278 -2.92 -17.79 -32.39
C PRO B 278 -2.39 -19.21 -32.25
N GLY C 1 -35.27 29.11 -3.84
CA GLY C 1 -34.48 30.32 -4.03
C GLY C 1 -33.24 30.16 -4.90
N ALA C 2 -32.65 31.28 -5.31
CA ALA C 2 -31.43 31.26 -6.10
C ALA C 2 -30.40 32.16 -5.45
N ALA C 3 -29.14 31.86 -5.71
CA ALA C 3 -28.06 32.66 -5.16
C ALA C 3 -28.03 34.05 -5.81
N PRO C 4 -27.85 35.10 -5.04
CA PRO C 4 -27.69 36.44 -5.63
C PRO C 4 -26.31 36.58 -6.24
N ALA C 5 -26.10 37.71 -6.91
CA ALA C 5 -24.74 38.08 -7.27
C ALA C 5 -24.02 38.54 -6.02
N GLY C 6 -22.72 38.27 -5.97
CA GLY C 6 -21.92 38.57 -4.80
C GLY C 6 -21.14 39.87 -4.94
N GLY C 7 -20.26 40.10 -3.98
CA GLY C 7 -19.43 41.29 -4.01
C GLY C 7 -19.43 41.99 -2.68
N GLU C 8 -19.88 41.29 -1.63
CA GLU C 8 -19.83 41.82 -0.28
C GLU C 8 -18.50 41.44 0.37
N VAL C 9 -18.00 42.33 1.20
CA VAL C 9 -16.87 42.02 2.05
C VAL C 9 -17.43 41.44 3.35
N ARG C 10 -17.11 40.17 3.61
CA ARG C 10 -17.61 39.49 4.78
C ARG C 10 -16.47 39.23 5.76
N ARG C 11 -16.86 39.01 7.01
CA ARG C 11 -15.93 38.88 8.11
C ARG C 11 -16.48 37.83 9.05
N VAL C 12 -15.60 36.93 9.51
CA VAL C 12 -16.00 35.87 10.42
C VAL C 12 -14.82 35.57 11.32
N THR C 13 -15.12 35.06 12.51
CA THR C 13 -14.10 34.61 13.47
C THR C 13 -13.99 33.09 13.40
N MET C 14 -12.77 32.57 13.28
CA MET C 14 -12.54 31.15 13.37
C MET C 14 -11.54 30.81 14.48
N TYR C 15 -11.76 29.67 15.12
CA TYR C 15 -10.88 29.15 16.15
C TYR C 15 -10.47 27.73 15.79
N ALA C 16 -9.18 27.42 16.02
CA ALA C 16 -8.74 26.04 16.06
C ALA C 16 -8.61 25.63 17.53
N GLU C 17 -9.32 24.57 17.92
CA GLU C 17 -9.29 24.08 19.29
C GLU C 17 -9.11 22.58 19.30
N ARG C 18 -8.42 22.10 20.34
CA ARG C 18 -8.37 20.66 20.59
C ARG C 18 -9.73 20.15 21.02
N LEU C 19 -10.02 18.91 20.65
N LEU C 19 -10.01 18.91 20.66
CA LEU C 19 -11.22 18.20 21.04
CA LEU C 19 -11.22 18.18 21.02
C LEU C 19 -10.84 16.89 21.73
C LEU C 19 -10.83 16.91 21.78
N ALA C 20 -11.84 16.15 22.19
CA ALA C 20 -11.59 14.93 22.95
C ALA C 20 -10.90 13.87 22.10
N GLY C 21 -9.88 13.24 22.67
CA GLY C 21 -9.21 12.11 22.04
C GLY C 21 -8.07 12.48 21.12
N GLY C 22 -7.46 13.65 21.30
CA GLY C 22 -6.42 14.11 20.41
C GLY C 22 -6.93 14.85 19.19
N GLN C 23 -8.24 14.92 19.01
CA GLN C 23 -8.83 15.57 17.85
C GLN C 23 -8.68 17.09 17.91
N MET C 24 -8.85 17.71 16.74
CA MET C 24 -8.72 19.13 16.52
C MET C 24 -9.82 19.54 15.54
N GLY C 25 -10.52 20.63 15.84
CA GLY C 25 -11.57 21.10 14.96
C GLY C 25 -11.55 22.62 14.87
N TYR C 26 -12.08 23.11 13.76
CA TYR C 26 -12.36 24.53 13.60
C TYR C 26 -13.79 24.84 14.07
N GLY C 27 -13.97 26.05 14.61
CA GLY C 27 -15.30 26.53 14.92
C GLY C 27 -15.40 28.02 14.69
N LEU C 28 -16.65 28.52 14.66
CA LEU C 28 -16.92 29.94 14.51
C LEU C 28 -16.97 30.65 15.85
N GLU C 29 -17.56 30.00 16.86
CA GLU C 29 -17.49 30.42 18.24
C GLU C 29 -16.57 29.47 18.98
N LYS C 30 -16.00 29.94 20.08
CA LYS C 30 -14.95 29.17 20.74
C LYS C 30 -15.59 28.24 21.76
N GLY C 31 -15.00 27.05 21.90
CA GLY C 31 -15.67 25.92 22.52
C GLY C 31 -16.70 25.24 21.64
N LYS C 32 -16.91 25.75 20.42
CA LYS C 32 -17.92 25.25 19.51
C LYS C 32 -17.30 24.63 18.25
N ALA C 33 -16.02 24.26 18.30
CA ALA C 33 -15.39 23.55 17.19
C ALA C 33 -16.18 22.30 16.82
N SER C 34 -16.18 21.97 15.53
CA SER C 34 -16.89 20.79 15.04
C SER C 34 -16.02 20.08 14.00
N ILE C 35 -16.21 18.77 13.91
CA ILE C 35 -15.58 17.98 12.85
C ILE C 35 -16.69 17.39 12.00
N PRO C 36 -16.82 17.77 10.73
CA PRO C 36 -16.03 18.77 9.99
C PRO C 36 -16.31 20.20 10.46
N GLY C 37 -15.44 21.16 10.15
CA GLY C 37 -15.61 22.56 10.52
C GLY C 37 -16.84 23.18 9.90
N PRO C 38 -17.18 24.41 10.33
CA PRO C 38 -18.45 25.01 9.91
C PRO C 38 -18.51 25.21 8.40
N LEU C 39 -19.73 25.06 7.86
CA LEU C 39 -19.92 25.33 6.44
C LEU C 39 -19.73 26.83 6.14
N ILE C 40 -18.81 27.14 5.25
CA ILE C 40 -18.63 28.50 4.75
C ILE C 40 -19.34 28.59 3.40
N GLU C 41 -20.26 29.56 3.26
CA GLU C 41 -20.96 29.79 1.98
C GLU C 41 -20.68 31.19 1.46
N LEU C 42 -20.37 31.29 0.18
CA LEU C 42 -20.07 32.55 -0.46
C LEU C 42 -20.65 32.56 -1.86
N ASN C 43 -21.07 33.73 -2.28
CA ASN C 43 -21.45 34.02 -3.65
C ASN C 43 -20.25 34.61 -4.37
N GLU C 44 -20.09 34.25 -5.65
CA GLU C 44 -18.96 34.70 -6.45
C GLU C 44 -18.83 36.22 -6.40
N GLY C 45 -17.63 36.70 -6.09
CA GLY C 45 -17.36 38.11 -5.89
C GLY C 45 -17.15 38.49 -4.43
N ASP C 46 -17.61 37.66 -3.50
CA ASP C 46 -17.47 37.97 -2.09
C ASP C 46 -16.03 37.82 -1.65
N THR C 47 -15.63 38.67 -0.72
CA THR C 47 -14.39 38.55 0.04
C THR C 47 -14.71 38.08 1.46
N LEU C 48 -13.93 37.14 1.97
CA LEU C 48 -14.09 36.66 3.34
C LEU C 48 -12.82 36.93 4.13
N HIS C 49 -12.93 37.78 5.15
CA HIS C 49 -11.84 37.94 6.11
C HIS C 49 -12.08 36.95 7.25
N VAL C 50 -11.22 35.93 7.36
CA VAL C 50 -11.30 35.00 8.49
C VAL C 50 -10.39 35.53 9.58
N GLU C 51 -10.96 36.05 10.64
CA GLU C 51 -10.17 36.46 11.78
C GLU C 51 -9.91 35.19 12.59
N PHE C 52 -8.69 34.66 12.46
CA PHE C 52 -8.37 33.31 12.91
C PHE C 52 -7.62 33.37 14.23
N GLU C 53 -7.97 32.47 15.14
CA GLU C 53 -7.31 32.34 16.44
C GLU C 53 -6.99 30.88 16.72
N ASN C 54 -5.73 30.60 16.99
CA ASN C 54 -5.27 29.26 17.35
C ASN C 54 -5.26 29.16 18.87
N THR C 55 -6.20 28.40 19.43
CA THR C 55 -6.27 28.18 20.87
C THR C 55 -5.53 26.94 21.32
N MET C 56 -4.57 26.44 20.54
CA MET C 56 -3.84 25.23 20.91
C MET C 56 -2.40 25.54 21.27
N ASP C 57 -1.72 24.49 21.76
CA ASP C 57 -0.33 24.57 22.16
C ASP C 57 0.64 24.32 21.00
N VAL C 58 0.14 23.87 19.85
CA VAL C 58 0.96 23.53 18.68
C VAL C 58 0.56 24.48 17.55
N PRO C 59 1.45 24.81 16.61
CA PRO C 59 1.05 25.68 15.50
C PRO C 59 -0.05 25.01 14.68
N VAL C 60 -0.84 25.84 13.99
CA VAL C 60 -1.91 25.36 13.13
C VAL C 60 -2.00 26.34 11.97
N SER C 61 -2.61 25.91 10.88
CA SER C 61 -2.82 26.78 9.74
C SER C 61 -4.22 26.58 9.19
N LEU C 62 -4.56 27.43 8.22
CA LEU C 62 -5.85 27.37 7.52
C LEU C 62 -5.57 27.61 6.05
N HIS C 63 -5.72 26.56 5.26
CA HIS C 63 -5.45 26.56 3.84
C HIS C 63 -6.72 26.11 3.12
N VAL C 64 -7.04 26.79 2.02
CA VAL C 64 -8.30 26.57 1.31
C VAL C 64 -8.03 26.18 -0.13
N HIS C 65 -8.95 25.41 -0.69
CA HIS C 65 -8.95 25.01 -2.07
C HIS C 65 -9.82 25.94 -2.92
N GLY C 66 -9.46 26.09 -4.20
CA GLY C 66 -10.32 26.71 -5.20
C GLY C 66 -10.45 28.21 -5.17
N LEU C 67 -10.49 28.79 -3.97
CA LEU C 67 -10.75 30.20 -3.80
C LEU C 67 -9.48 31.01 -4.07
N ASP C 68 -9.66 32.30 -4.32
CA ASP C 68 -8.52 33.18 -4.54
C ASP C 68 -7.92 33.59 -3.19
N TYR C 69 -6.58 33.62 -3.14
CA TYR C 69 -5.89 34.15 -1.97
C TYR C 69 -4.50 34.54 -2.42
N GLU C 70 -3.90 35.46 -1.67
CA GLU C 70 -2.51 35.77 -1.88
C GLU C 70 -1.63 34.81 -1.09
N ILE C 71 -0.34 34.80 -1.43
CA ILE C 71 0.57 33.86 -0.81
C ILE C 71 0.57 34.03 0.70
N SER C 72 0.32 35.25 1.18
CA SER C 72 0.23 35.52 2.62
C SER C 72 -0.90 34.77 3.30
N SER C 73 -1.91 34.30 2.56
CA SER C 73 -2.98 33.47 3.13
C SER C 73 -2.94 32.03 2.59
N ASP C 74 -1.74 31.58 2.21
CA ASP C 74 -1.57 30.17 1.80
C ASP C 74 -1.84 29.19 2.93
N GLY C 75 -1.49 29.55 4.17
CA GLY C 75 -1.63 28.63 5.29
C GLY C 75 -0.54 27.58 5.38
N THR C 76 0.69 27.91 5.02
CA THR C 76 1.77 26.94 5.07
C THR C 76 2.97 27.56 5.75
N LYS C 77 3.71 26.72 6.49
N LYS C 77 3.73 26.72 6.48
CA LYS C 77 4.96 27.19 7.10
CA LYS C 77 4.94 27.23 7.11
C LYS C 77 5.94 27.65 6.04
C LYS C 77 6.02 27.57 6.08
N GLN C 78 5.90 27.01 4.86
CA GLN C 78 6.78 27.40 3.76
C GLN C 78 6.65 28.86 3.37
N ASN C 79 5.43 29.40 3.45
CA ASN C 79 5.18 30.81 3.18
C ASN C 79 5.00 31.63 4.44
N LYS C 80 5.24 31.03 5.61
CA LYS C 80 5.17 31.73 6.90
C LYS C 80 3.78 32.30 7.16
N SER C 81 2.74 31.59 6.69
CA SER C 81 1.36 32.00 6.94
C SER C 81 0.63 31.04 7.88
N HIS C 82 1.36 30.37 8.77
CA HIS C 82 0.75 29.52 9.78
C HIS C 82 0.50 30.36 11.04
N VAL C 83 -0.09 29.75 12.07
CA VAL C 83 -0.45 30.46 13.29
C VAL C 83 0.21 29.75 14.46
N GLU C 84 1.18 30.42 15.10
CA GLU C 84 1.85 29.88 16.28
C GLU C 84 0.86 29.73 17.45
N PRO C 85 1.21 28.93 18.45
CA PRO C 85 0.29 28.71 19.58
C PRO C 85 -0.21 30.02 20.17
N GLY C 86 -1.51 30.05 20.49
CA GLY C 86 -2.14 31.22 21.03
C GLY C 86 -2.17 32.43 20.12
N GLY C 87 -1.81 32.25 18.85
CA GLY C 87 -1.73 33.36 17.94
C GLY C 87 -3.03 33.65 17.23
N THR C 88 -3.02 34.76 16.50
CA THR C 88 -4.14 35.23 15.72
C THR C 88 -3.62 35.72 14.37
N ARG C 89 -4.51 35.75 13.38
CA ARG C 89 -4.15 36.10 12.01
C ARG C 89 -5.43 36.22 11.20
N THR C 90 -5.43 37.15 10.25
CA THR C 90 -6.55 37.36 9.35
C THR C 90 -6.25 36.65 8.03
N TYR C 91 -6.96 35.55 7.78
CA TYR C 91 -6.88 34.88 6.48
C TYR C 91 -7.88 35.55 5.55
N THR C 92 -7.42 36.00 4.39
CA THR C 92 -8.32 36.65 3.43
C THR C 92 -8.51 35.73 2.22
N TRP C 93 -9.75 35.30 2.01
CA TRP C 93 -10.19 34.58 0.82
C TRP C 93 -10.99 35.53 -0.07
N ARG C 94 -10.63 35.56 -1.36
N ARG C 94 -10.66 35.53 -1.36
CA ARG C 94 -11.39 36.28 -2.37
CA ARG C 94 -11.42 36.28 -2.34
C ARG C 94 -12.03 35.29 -3.33
C ARG C 94 -11.98 35.34 -3.39
N THR C 95 -13.09 35.74 -4.02
CA THR C 95 -13.75 34.96 -5.05
C THR C 95 -14.12 35.88 -6.20
N HIS C 96 -14.32 35.28 -7.38
CA HIS C 96 -14.53 36.10 -8.56
C HIS C 96 -15.53 35.44 -9.52
N GLU C 97 -16.22 36.28 -10.27
CA GLU C 97 -17.16 35.84 -11.28
C GLU C 97 -16.39 35.36 -12.50
N PRO C 98 -16.99 34.48 -13.30
CA PRO C 98 -16.39 34.14 -14.59
C PRO C 98 -16.60 35.31 -15.54
N GLY C 99 -15.79 35.38 -16.58
CA GLY C 99 -16.00 36.40 -17.57
C GLY C 99 -15.01 36.30 -18.70
N ARG C 100 -15.24 37.15 -19.70
CA ARG C 100 -14.46 37.16 -20.93
C ARG C 100 -13.21 38.01 -20.73
N ARG C 101 -12.05 37.41 -20.93
CA ARG C 101 -10.81 38.17 -20.82
C ARG C 101 -10.64 39.08 -22.04
N ALA C 102 -9.60 39.91 -22.01
CA ALA C 102 -9.32 40.72 -23.19
C ALA C 102 -8.73 39.89 -24.31
N ASP C 103 -7.94 38.85 -23.99
CA ASP C 103 -7.40 38.01 -25.04
C ASP C 103 -8.46 37.16 -25.73
N GLY C 104 -9.72 37.22 -25.29
CA GLY C 104 -10.79 36.43 -25.84
C GLY C 104 -11.15 35.17 -25.06
N THR C 105 -10.30 34.75 -24.11
CA THR C 105 -10.65 33.54 -23.39
C THR C 105 -11.68 33.84 -22.32
N TRP C 106 -12.19 32.77 -21.75
CA TRP C 106 -13.16 32.79 -20.67
C TRP C 106 -12.43 32.43 -19.39
N ARG C 107 -12.51 33.29 -18.38
CA ARG C 107 -11.94 33.02 -17.06
C ARG C 107 -12.93 32.22 -16.22
N ALA C 108 -12.47 31.09 -15.68
CA ALA C 108 -13.32 30.32 -14.77
C ALA C 108 -13.55 31.12 -13.51
N GLY C 109 -14.81 31.24 -13.12
CA GLY C 109 -15.15 31.88 -11.86
C GLY C 109 -14.72 30.99 -10.70
N SER C 110 -15.02 31.45 -9.49
CA SER C 110 -14.67 30.70 -8.30
C SER C 110 -15.70 29.66 -7.90
N ALA C 111 -16.87 29.63 -8.53
CA ALA C 111 -17.98 28.83 -8.00
C ALA C 111 -17.64 27.34 -7.94
N GLY C 112 -18.09 26.69 -6.88
CA GLY C 112 -17.91 25.26 -6.77
C GLY C 112 -17.94 24.80 -5.33
N TYR C 113 -17.76 23.49 -5.19
CA TYR C 113 -17.68 22.84 -3.90
C TYR C 113 -16.20 22.70 -3.51
N TRP C 114 -15.83 23.36 -2.42
CA TRP C 114 -14.44 23.45 -2.01
C TRP C 114 -14.29 23.09 -0.53
N HIS C 115 -13.10 23.26 0.01
CA HIS C 115 -12.85 22.90 1.39
C HIS C 115 -11.59 23.59 1.87
N TYR C 116 -11.43 23.63 3.19
CA TYR C 116 -10.28 24.18 3.87
C TYR C 116 -9.76 23.14 4.85
N HIS C 117 -8.48 23.21 5.18
CA HIS C 117 -7.94 22.21 6.10
C HIS C 117 -6.61 22.72 6.63
N ASP C 118 -6.17 22.11 7.73
CA ASP C 118 -4.86 22.43 8.27
C ASP C 118 -3.74 22.03 7.32
N HIS C 119 -2.60 22.71 7.41
CA HIS C 119 -1.45 22.38 6.59
C HIS C 119 -0.14 22.25 7.34
N VAL C 120 -0.14 22.35 8.68
CA VAL C 120 1.11 22.34 9.44
C VAL C 120 1.12 21.46 10.69
N VAL C 121 -0.04 20.96 11.12
CA VAL C 121 -0.04 20.06 12.28
C VAL C 121 0.51 18.70 11.86
N GLY C 122 1.54 18.24 12.57
CA GLY C 122 2.12 16.94 12.31
C GLY C 122 3.24 16.98 11.29
N THR C 123 2.92 17.50 10.10
CA THR C 123 3.89 17.67 9.02
C THR C 123 3.62 19.00 8.31
N GLU C 124 4.59 19.40 7.48
CA GLU C 124 4.45 20.57 6.63
C GLU C 124 3.31 20.46 5.62
N HIS C 125 2.59 19.34 5.63
CA HIS C 125 1.44 19.15 4.76
C HIS C 125 0.17 18.89 5.56
N GLY C 126 0.22 19.09 6.88
CA GLY C 126 -0.95 18.98 7.73
C GLY C 126 -1.49 17.58 7.96
N THR C 127 -0.67 16.54 7.77
CA THR C 127 -1.17 15.17 7.86
C THR C 127 -1.78 14.87 9.24
N GLY C 128 -1.12 15.27 10.32
CA GLY C 128 -1.71 15.09 11.64
C GLY C 128 -3.00 15.88 11.82
N GLY C 129 -2.96 17.17 11.47
CA GLY C 129 -4.13 18.02 11.67
C GLY C 129 -5.34 17.53 10.91
N ILE C 130 -5.15 17.20 9.62
CA ILE C 130 -6.21 16.61 8.81
C ILE C 130 -6.72 15.33 9.47
N ARG C 131 -5.80 14.45 9.85
CA ARG C 131 -6.18 13.27 10.62
C ARG C 131 -6.96 13.67 11.86
N ASN C 132 -6.46 14.68 12.58
CA ASN C 132 -7.08 15.10 13.84
C ASN C 132 -8.48 15.70 13.67
N GLY C 133 -8.82 16.21 12.49
CA GLY C 133 -10.19 16.68 12.27
C GLY C 133 -10.29 18.10 11.75
N LEU C 134 -9.16 18.66 11.34
CA LEU C 134 -9.10 20.05 10.90
C LEU C 134 -9.42 20.11 9.41
N TYR C 135 -10.72 19.98 9.09
CA TYR C 135 -11.18 20.15 7.72
C TYR C 135 -12.62 20.64 7.74
N GLY C 136 -12.98 21.41 6.70
CA GLY C 136 -14.34 21.89 6.60
C GLY C 136 -14.75 22.23 5.18
N PRO C 137 -16.06 22.29 4.94
CA PRO C 137 -16.57 22.60 3.61
C PRO C 137 -16.67 24.09 3.32
N VAL C 138 -16.41 24.44 2.05
CA VAL C 138 -16.65 25.78 1.51
C VAL C 138 -17.47 25.64 0.22
N ILE C 139 -18.63 26.30 0.18
CA ILE C 139 -19.44 26.41 -1.02
C ILE C 139 -19.32 27.83 -1.57
N VAL C 140 -18.97 27.95 -2.84
CA VAL C 140 -19.02 29.22 -3.54
C VAL C 140 -20.09 29.08 -4.61
N ARG C 141 -21.10 29.93 -4.54
CA ARG C 141 -22.24 29.85 -5.44
C ARG C 141 -22.13 30.92 -6.50
N ARG C 142 -22.48 30.54 -7.73
CA ARG C 142 -22.64 31.43 -8.86
C ARG C 142 -24.04 32.04 -8.84
N LYS C 143 -24.14 33.28 -9.37
CA LYS C 143 -25.41 33.97 -9.55
C LYS C 143 -26.43 33.04 -10.15
N GLY C 144 -27.53 32.80 -9.44
CA GLY C 144 -28.60 31.99 -9.97
C GLY C 144 -28.52 30.51 -9.66
N ASP C 145 -27.43 30.03 -9.04
CA ASP C 145 -27.40 28.64 -8.57
C ASP C 145 -28.59 28.38 -7.67
N VAL C 146 -29.21 27.21 -7.80
CA VAL C 146 -30.39 26.87 -7.00
C VAL C 146 -29.94 26.53 -5.59
N LEU C 147 -30.61 27.12 -4.60
CA LEU C 147 -30.35 26.94 -3.17
C LEU C 147 -31.12 25.72 -2.64
N PRO C 148 -30.49 24.92 -1.79
CA PRO C 148 -31.14 23.72 -1.27
C PRO C 148 -31.99 23.96 -0.03
N ASP C 149 -32.83 22.98 0.26
CA ASP C 149 -33.51 22.95 1.55
C ASP C 149 -32.56 22.63 2.70
N ALA C 150 -31.48 21.88 2.42
CA ALA C 150 -30.48 21.57 3.43
C ALA C 150 -29.20 21.13 2.75
N THR C 151 -28.08 21.33 3.45
CA THR C 151 -26.75 20.93 2.99
C THR C 151 -26.15 20.00 4.03
N HIS C 152 -25.68 18.83 3.60
CA HIS C 152 -25.01 17.87 4.47
C HIS C 152 -23.62 17.57 3.92
N THR C 153 -22.60 17.60 4.80
CA THR C 153 -21.22 17.40 4.41
C THR C 153 -20.74 16.01 4.84
N ILE C 154 -20.17 15.26 3.92
CA ILE C 154 -19.74 13.90 4.17
C ILE C 154 -18.27 13.81 3.80
N VAL C 155 -17.41 13.62 4.80
CA VAL C 155 -15.96 13.60 4.57
C VAL C 155 -15.46 12.18 4.77
N PHE C 156 -14.84 11.61 3.73
CA PHE C 156 -14.11 10.36 3.88
C PHE C 156 -12.70 10.73 4.33
N ASN C 157 -12.43 10.57 5.61
CA ASN C 157 -11.11 10.86 6.15
C ASN C 157 -10.50 9.52 6.53
N ASP C 158 -9.66 8.99 5.65
CA ASP C 158 -8.98 7.69 5.82
C ASP C 158 -10.10 6.65 5.89
N ALA C 159 -10.17 5.81 6.93
CA ALA C 159 -11.22 4.82 7.04
C ALA C 159 -12.42 5.28 7.89
N THR C 160 -12.62 6.60 8.04
CA THR C 160 -13.72 7.14 8.84
C THR C 160 -14.54 8.13 8.01
N ILE C 161 -15.80 8.31 8.40
CA ILE C 161 -16.65 9.40 7.89
C ILE C 161 -16.77 10.46 8.98
N ASN C 162 -16.25 11.66 8.69
CA ASN C 162 -16.29 12.82 9.59
C ASN C 162 -15.60 12.53 10.92
N ASN C 163 -14.65 11.59 10.92
CA ASN C 163 -13.89 11.24 12.14
C ASN C 163 -14.77 10.62 13.21
N ARG C 164 -15.95 10.14 12.82
CA ARG C 164 -16.81 9.42 13.73
C ARG C 164 -16.27 8.01 13.92
N PRO C 165 -16.52 7.40 15.08
CA PRO C 165 -16.20 5.98 15.23
C PRO C 165 -16.88 5.16 14.14
N ALA C 166 -16.25 4.05 13.78
CA ALA C 166 -16.77 3.21 12.71
C ALA C 166 -18.20 2.78 13.03
N HIS C 167 -18.98 2.60 11.96
CA HIS C 167 -20.37 2.15 12.04
C HIS C 167 -21.25 3.13 12.82
N THR C 168 -21.01 4.44 12.71
CA THR C 168 -21.78 5.41 13.48
C THR C 168 -22.23 6.56 12.59
N GLY C 169 -22.54 6.26 11.33
CA GLY C 169 -23.11 7.26 10.47
C GLY C 169 -22.08 8.27 9.97
N PRO C 170 -22.48 9.54 9.80
CA PRO C 170 -23.67 10.07 10.42
C PRO C 170 -24.95 9.85 9.60
N ASN C 171 -26.10 10.08 10.22
CA ASN C 171 -27.39 9.94 9.51
C ASN C 171 -27.96 11.32 9.16
N PHE C 172 -28.62 11.41 8.01
CA PHE C 172 -29.27 12.67 7.57
C PHE C 172 -30.74 12.35 7.28
N GLU C 173 -31.63 13.21 7.72
CA GLU C 173 -33.05 13.03 7.54
C GLU C 173 -33.56 14.06 6.55
N ALA C 174 -34.50 13.65 5.71
CA ALA C 174 -35.18 14.59 4.85
C ALA C 174 -36.62 14.14 4.72
N THR C 175 -37.42 14.94 4.05
CA THR C 175 -38.75 14.51 3.67
C THR C 175 -38.82 14.47 2.16
N VAL C 176 -39.74 13.66 1.63
CA VAL C 176 -39.84 13.50 0.18
C VAL C 176 -40.03 14.85 -0.48
N GLY C 177 -39.29 15.08 -1.56
CA GLY C 177 -39.35 16.33 -2.28
C GLY C 177 -38.35 17.38 -1.85
N ASP C 178 -37.78 17.23 -0.65
CA ASP C 178 -36.72 18.14 -0.25
C ASP C 178 -35.63 18.16 -1.32
N ARG C 179 -35.11 19.36 -1.57
CA ARG C 179 -33.90 19.54 -2.37
C ARG C 179 -32.70 19.54 -1.41
N VAL C 180 -31.91 18.47 -1.45
CA VAL C 180 -30.90 18.20 -0.45
C VAL C 180 -29.52 18.27 -1.10
N GLU C 181 -28.65 19.08 -0.51
CA GLU C 181 -27.30 19.30 -1.02
C GLU C 181 -26.32 18.42 -0.24
N ILE C 182 -25.52 17.65 -0.98
CA ILE C 182 -24.42 16.88 -0.39
C ILE C 182 -23.11 17.54 -0.80
N VAL C 183 -22.22 17.76 0.18
CA VAL C 183 -20.84 18.19 -0.06
C VAL C 183 -19.98 16.98 0.27
N MET C 184 -19.09 16.60 -0.64
CA MET C 184 -18.29 15.39 -0.51
C MET C 184 -16.83 15.79 -0.53
N ILE C 185 -16.10 15.44 0.52
CA ILE C 185 -14.68 15.73 0.65
C ILE C 185 -13.96 14.45 1.03
N THR C 186 -12.77 14.25 0.48
CA THR C 186 -11.92 13.10 0.80
C THR C 186 -10.58 13.60 1.33
N HIS C 187 -9.97 12.81 2.21
CA HIS C 187 -8.74 13.21 2.90
C HIS C 187 -7.94 12.00 3.30
N GLY C 188 -6.64 12.20 3.43
CA GLY C 188 -5.77 11.20 4.06
C GLY C 188 -4.96 10.41 3.04
N GLU C 189 -5.09 9.08 3.08
CA GLU C 189 -4.22 8.15 2.37
C GLU C 189 -4.92 7.36 1.27
N TYR C 190 -6.20 7.12 1.42
CA TYR C 190 -6.87 6.14 0.61
C TYR C 190 -7.76 6.80 -0.44
N TYR C 191 -7.97 6.05 -1.52
CA TYR C 191 -9.04 6.34 -2.42
C TYR C 191 -10.34 5.75 -1.87
N HIS C 192 -11.47 6.25 -2.36
CA HIS C 192 -12.78 5.78 -1.94
C HIS C 192 -13.74 5.87 -3.13
N THR C 193 -14.89 5.20 -3.00
CA THR C 193 -15.98 5.35 -3.96
C THR C 193 -17.25 5.64 -3.16
N PHE C 194 -17.72 6.88 -3.23
CA PHE C 194 -18.94 7.25 -2.53
C PHE C 194 -20.17 6.84 -3.34
N HIS C 195 -21.08 6.07 -2.72
CA HIS C 195 -22.29 5.57 -3.35
C HIS C 195 -23.52 5.98 -2.56
N MET C 196 -24.63 6.29 -3.27
CA MET C 196 -25.93 6.56 -2.67
C MET C 196 -26.97 5.61 -3.26
N HIS C 197 -27.74 4.95 -2.40
CA HIS C 197 -28.86 4.15 -2.89
C HIS C 197 -30.05 5.06 -3.25
N GLY C 198 -30.77 4.66 -4.28
CA GLY C 198 -32.00 5.36 -4.61
C GLY C 198 -31.85 6.71 -5.27
N HIS C 199 -30.64 7.21 -5.46
CA HIS C 199 -30.49 8.57 -5.96
C HIS C 199 -29.32 8.62 -6.93
N ARG C 200 -29.24 9.74 -7.66
CA ARG C 200 -28.19 9.89 -8.67
C ARG C 200 -28.03 11.36 -9.00
N TRP C 201 -26.84 11.70 -9.49
CA TRP C 201 -26.58 13.08 -9.83
C TRP C 201 -25.75 13.16 -11.10
N ALA C 202 -25.59 14.38 -11.59
CA ALA C 202 -24.77 14.62 -12.75
C ALA C 202 -23.33 14.90 -12.33
N ASP C 203 -22.37 14.36 -13.08
CA ASP C 203 -20.96 14.58 -12.77
C ASP C 203 -20.49 15.92 -13.36
N ASN C 204 -20.92 17.01 -12.73
CA ASN C 204 -20.53 18.31 -13.22
C ASN C 204 -20.44 19.27 -12.04
N ARG C 205 -20.40 20.57 -12.34
CA ARG C 205 -20.15 21.56 -11.28
C ARG C 205 -21.22 21.51 -10.19
N THR C 206 -22.49 21.59 -10.56
CA THR C 206 -23.54 21.67 -9.55
C THR C 206 -24.10 20.32 -9.13
N GLY C 207 -23.74 19.23 -9.82
CA GLY C 207 -24.44 17.98 -9.62
C GLY C 207 -25.81 17.92 -10.29
N MET C 208 -26.25 18.97 -10.96
N MET C 208 -26.23 18.97 -10.97
CA MET C 208 -27.47 18.94 -11.75
CA MET C 208 -27.46 18.99 -11.74
C MET C 208 -27.16 19.34 -13.18
C MET C 208 -27.14 19.33 -13.18
N LEU C 209 -27.79 18.64 -14.12
CA LEU C 209 -27.63 18.97 -15.54
C LEU C 209 -28.16 20.37 -15.82
N THR C 210 -27.51 21.08 -16.74
CA THR C 210 -27.98 22.41 -17.10
C THR C 210 -29.24 22.37 -17.96
N GLY C 211 -29.56 21.22 -18.56
CA GLY C 211 -30.63 21.13 -19.52
C GLY C 211 -30.43 19.95 -20.44
N PRO C 212 -31.20 19.85 -21.53
CA PRO C 212 -31.11 18.67 -22.39
C PRO C 212 -29.81 18.57 -23.16
N ASP C 213 -28.98 19.61 -23.14
CA ASP C 213 -27.75 19.63 -23.92
C ASP C 213 -26.51 19.34 -23.08
N ASP C 214 -26.69 19.06 -21.79
CA ASP C 214 -25.55 18.77 -20.93
C ASP C 214 -25.21 17.30 -21.06
N PRO C 215 -24.04 16.96 -21.60
CA PRO C 215 -23.68 15.54 -21.79
C PRO C 215 -23.00 14.87 -20.61
N SER C 216 -23.00 15.50 -19.43
CA SER C 216 -22.29 14.94 -18.28
C SER C 216 -22.88 13.59 -17.88
N GLN C 217 -22.00 12.65 -17.52
CA GLN C 217 -22.49 11.37 -17.07
C GLN C 217 -23.32 11.54 -15.82
N VAL C 218 -24.42 10.81 -15.76
CA VAL C 218 -25.26 10.72 -14.58
C VAL C 218 -24.83 9.47 -13.84
N ILE C 219 -24.54 9.62 -12.53
CA ILE C 219 -23.84 8.61 -11.74
C ILE C 219 -24.51 8.46 -10.39
N ASP C 220 -24.24 7.33 -9.73
CA ASP C 220 -24.58 7.17 -8.32
C ASP C 220 -23.37 6.68 -7.51
N ASN C 221 -22.18 6.87 -8.07
CA ASN C 221 -20.96 6.24 -7.60
C ASN C 221 -19.81 7.04 -8.20
N LYS C 222 -18.80 7.36 -7.40
CA LYS C 222 -17.74 8.25 -7.88
C LYS C 222 -16.45 7.99 -7.10
N ILE C 223 -15.37 7.68 -7.82
CA ILE C 223 -14.08 7.46 -7.16
C ILE C 223 -13.51 8.81 -6.74
N CYS C 224 -12.90 8.85 -5.55
N CYS C 224 -12.91 8.86 -5.55
CA CYS C 224 -12.31 10.07 -5.03
CA CYS C 224 -12.27 10.09 -5.09
C CYS C 224 -11.03 9.72 -4.27
C CYS C 224 -11.04 9.73 -4.28
N GLY C 225 -10.11 10.67 -4.24
CA GLY C 225 -8.87 10.54 -3.50
C GLY C 225 -8.61 11.78 -2.66
N PRO C 226 -7.52 11.79 -1.88
CA PRO C 226 -7.33 12.86 -0.88
C PRO C 226 -7.36 14.26 -1.49
N ALA C 227 -8.18 15.10 -0.88
CA ALA C 227 -8.42 16.51 -1.17
C ALA C 227 -9.29 16.71 -2.39
N ASN C 228 -9.82 15.64 -3.00
CA ASN C 228 -10.96 15.79 -3.92
C ASN C 228 -12.13 16.40 -3.16
N SER C 229 -12.91 17.21 -3.87
CA SER C 229 -14.17 17.65 -3.32
C SER C 229 -15.11 17.90 -4.48
N PHE C 230 -16.35 17.44 -4.32
CA PHE C 230 -17.41 17.74 -5.26
C PHE C 230 -18.69 17.88 -4.44
N GLY C 231 -19.77 18.28 -5.11
CA GLY C 231 -21.04 18.36 -4.43
C GLY C 231 -22.17 18.20 -5.43
N PHE C 232 -23.39 18.09 -4.91
CA PHE C 232 -24.56 17.93 -5.77
C PHE C 232 -25.83 18.17 -4.97
N GLN C 233 -26.93 18.34 -5.68
CA GLN C 233 -28.25 18.48 -5.09
C GLN C 233 -29.16 17.44 -5.70
N ILE C 234 -29.84 16.67 -4.85
CA ILE C 234 -30.82 15.69 -5.26
C ILE C 234 -32.19 16.08 -4.72
N ILE C 235 -33.24 15.50 -5.30
CA ILE C 235 -34.59 15.59 -4.74
C ILE C 235 -34.82 14.34 -3.91
N ALA C 236 -35.03 14.51 -2.61
CA ALA C 236 -35.13 13.35 -1.73
C ALA C 236 -36.32 12.46 -2.12
N GLY C 237 -36.05 11.16 -2.27
CA GLY C 237 -37.05 10.17 -2.65
C GLY C 237 -37.61 10.30 -4.04
N GLU C 238 -36.96 11.05 -4.93
CA GLU C 238 -37.54 11.36 -6.23
C GLU C 238 -37.69 10.09 -7.08
N GLY C 239 -38.91 9.81 -7.52
CA GLY C 239 -39.19 8.59 -8.26
C GLY C 239 -38.98 7.30 -7.49
N VAL C 240 -38.57 7.38 -6.22
CA VAL C 240 -38.28 6.17 -5.46
C VAL C 240 -38.93 6.14 -4.08
N GLY C 241 -39.34 7.27 -3.50
CA GLY C 241 -40.12 7.22 -2.27
C GLY C 241 -39.32 7.29 -0.97
N ALA C 242 -40.06 7.12 0.12
CA ALA C 242 -39.44 7.21 1.42
C ALA C 242 -38.76 5.88 1.74
N GLY C 243 -37.85 5.94 2.71
CA GLY C 243 -37.02 4.79 3.00
C GLY C 243 -35.71 5.21 3.64
N ALA C 244 -35.03 4.22 4.21
CA ALA C 244 -33.71 4.41 4.77
C ALA C 244 -32.70 4.15 3.65
N TRP C 245 -32.43 5.19 2.88
CA TRP C 245 -31.59 5.09 1.69
C TRP C 245 -30.14 5.10 2.11
N MET C 246 -29.44 4.01 1.81
CA MET C 246 -28.08 3.85 2.28
C MET C 246 -27.13 4.67 1.43
N TYR C 247 -26.13 5.25 2.08
CA TYR C 247 -24.95 5.69 1.37
C TYR C 247 -23.74 5.10 2.09
N HIS C 248 -22.67 4.90 1.32
CA HIS C 248 -21.49 4.25 1.84
C HIS C 248 -20.38 4.34 0.80
N CYS C 249 -19.13 4.29 1.28
CA CYS C 249 -18.04 3.96 0.39
C CYS C 249 -18.28 2.56 -0.14
N HIS C 250 -17.96 2.35 -1.42
CA HIS C 250 -18.32 1.09 -2.07
C HIS C 250 -17.11 0.19 -2.29
N VAL C 251 -15.93 0.60 -1.82
CA VAL C 251 -14.82 -0.32 -1.64
C VAL C 251 -15.21 -1.29 -0.55
N GLN C 252 -15.19 -2.59 -0.87
CA GLN C 252 -15.89 -3.56 -0.04
C GLN C 252 -15.39 -3.57 1.41
N SER C 253 -14.06 -3.63 1.62
CA SER C 253 -13.56 -3.61 3.00
C SER C 253 -13.97 -2.33 3.74
N HIS C 254 -14.00 -1.20 3.04
CA HIS C 254 -14.36 0.07 3.66
C HIS C 254 -15.79 0.05 4.18
N SER C 255 -16.74 -0.43 3.36
CA SER C 255 -18.12 -0.50 3.81
C SER C 255 -18.27 -1.52 4.94
N ASP C 256 -17.51 -2.62 4.88
CA ASP C 256 -17.57 -3.62 5.93
C ASP C 256 -17.04 -3.07 7.25
N MET C 257 -16.11 -2.13 7.16
CA MET C 257 -15.51 -1.38 8.25
C MET C 257 -16.48 -0.39 8.89
N GLY C 258 -17.61 -0.10 8.25
CA GLY C 258 -18.54 0.87 8.78
C GLY C 258 -18.40 2.24 8.21
N MET C 259 -17.89 2.36 6.99
CA MET C 259 -17.88 3.62 6.28
C MET C 259 -19.23 3.76 5.55
N VAL C 260 -20.31 3.69 6.35
CA VAL C 260 -21.69 3.66 5.84
C VAL C 260 -22.53 4.58 6.70
N GLY C 261 -23.67 5.00 6.14
CA GLY C 261 -24.54 5.93 6.83
C GLY C 261 -25.89 5.94 6.14
N LEU C 262 -26.81 6.75 6.65
CA LEU C 262 -28.21 6.67 6.20
C LEU C 262 -28.76 8.01 5.76
N PHE C 263 -29.50 7.98 4.64
CA PHE C 263 -30.29 9.12 4.14
C PHE C 263 -31.74 8.78 4.48
N LEU C 264 -32.18 9.22 5.66
CA LEU C 264 -33.51 8.85 6.17
C LEU C 264 -34.57 9.75 5.53
N VAL C 265 -35.25 9.27 4.50
CA VAL C 265 -36.22 10.07 3.78
C VAL C 265 -37.62 9.70 4.30
N LYS C 266 -38.32 10.71 4.85
CA LYS C 266 -39.65 10.53 5.42
C LYS C 266 -40.73 11.06 4.49
N LYS C 267 -41.83 10.31 4.40
CA LYS C 267 -43.07 10.82 3.85
C LYS C 267 -43.48 12.10 4.58
N PRO C 268 -44.39 12.90 4.01
CA PRO C 268 -44.89 14.07 4.76
C PRO C 268 -45.43 13.73 6.15
N ASP C 269 -46.12 12.60 6.32
CA ASP C 269 -46.62 12.25 7.65
C ASP C 269 -45.50 11.92 8.62
N GLY C 270 -44.29 11.68 8.11
CA GLY C 270 -43.17 11.29 8.94
C GLY C 270 -42.81 9.83 8.91
N THR C 271 -43.53 8.99 8.15
CA THR C 271 -43.24 7.56 8.16
C THR C 271 -42.11 7.21 7.19
N ILE C 272 -41.22 6.33 7.65
CA ILE C 272 -40.14 5.77 6.83
C ILE C 272 -40.45 4.29 6.72
N PRO C 273 -41.21 3.85 5.72
CA PRO C 273 -41.70 2.46 5.70
C PRO C 273 -40.56 1.45 5.84
N GLY C 274 -40.78 0.47 6.70
CA GLY C 274 -39.88 -0.64 6.89
C GLY C 274 -38.65 -0.35 7.69
N TYR C 275 -38.38 0.92 8.02
CA TYR C 275 -37.18 1.25 8.77
C TYR C 275 -37.18 0.54 10.13
N ASP C 276 -36.07 -0.13 10.42
CA ASP C 276 -35.97 -0.95 11.63
C ASP C 276 -34.51 -1.07 12.03
N PRO C 277 -33.96 -0.07 12.74
CA PRO C 277 -32.68 -0.27 13.42
C PRO C 277 -32.72 -1.57 14.20
N GLN C 278 -31.87 -2.51 13.80
CA GLN C 278 -32.01 -3.95 14.10
C GLN C 278 -32.57 -4.30 15.49
N ALA D 1 10.97 -15.35 41.74
CA ALA D 1 9.65 -15.61 42.30
C ALA D 1 9.34 -17.10 42.18
N GLY D 2 8.06 -17.41 42.05
CA GLY D 2 7.66 -18.77 41.79
C GLY D 2 8.08 -19.24 40.41
N ALA D 3 8.00 -20.55 40.23
CA ALA D 3 8.34 -21.21 38.98
C ALA D 3 7.12 -21.97 38.48
N ALA D 4 7.03 -22.10 37.17
CA ALA D 4 5.94 -22.88 36.59
C ALA D 4 6.13 -24.34 36.94
N PRO D 5 5.09 -25.03 37.40
CA PRO D 5 5.20 -26.47 37.64
C PRO D 5 5.05 -27.21 36.31
N ALA D 6 5.38 -28.50 36.35
CA ALA D 6 5.07 -29.32 35.19
C ALA D 6 3.57 -29.34 34.98
N GLY D 7 3.14 -29.31 33.72
CA GLY D 7 1.73 -29.39 33.41
C GLY D 7 1.23 -30.81 33.27
N GLY D 8 -0.03 -30.93 32.89
CA GLY D 8 -0.62 -32.24 32.73
C GLY D 8 -2.05 -32.27 33.22
N GLU D 9 -2.63 -31.09 33.44
CA GLU D 9 -4.00 -30.98 33.91
C GLU D 9 -4.98 -30.79 32.77
N VAL D 10 -6.17 -31.34 32.96
CA VAL D 10 -7.30 -31.15 32.05
C VAL D 10 -8.17 -30.05 32.62
N ARG D 11 -8.25 -28.93 31.91
CA ARG D 11 -8.92 -27.74 32.42
C ARG D 11 -10.15 -27.43 31.56
N ARG D 12 -11.18 -26.91 32.21
CA ARG D 12 -12.44 -26.55 31.56
C ARG D 12 -12.72 -25.09 31.83
N VAL D 13 -13.36 -24.45 30.85
CA VAL D 13 -13.57 -23.01 30.89
C VAL D 13 -14.65 -22.66 29.87
N THR D 14 -15.50 -21.70 30.22
CA THR D 14 -16.53 -21.22 29.31
C THR D 14 -16.02 -19.97 28.62
N MET D 15 -16.28 -19.85 27.32
CA MET D 15 -15.99 -18.61 26.60
C MET D 15 -17.20 -18.15 25.80
N TYR D 16 -17.45 -16.84 25.83
CA TYR D 16 -18.55 -16.21 25.13
C TYR D 16 -18.02 -15.18 24.15
N ALA D 17 -18.57 -15.18 22.94
CA ALA D 17 -18.33 -14.12 21.96
C ALA D 17 -19.58 -13.26 21.89
N GLU D 18 -19.42 -11.95 22.07
CA GLU D 18 -20.57 -11.05 22.09
C GLU D 18 -20.15 -9.68 21.58
N ARG D 19 -21.15 -8.88 21.24
CA ARG D 19 -20.92 -7.53 20.76
C ARG D 19 -20.56 -6.58 21.91
N LEU D 20 -20.00 -5.44 21.54
CA LEU D 20 -19.68 -4.34 22.47
C LEU D 20 -20.02 -3.02 21.78
N ALA D 21 -19.60 -1.91 22.40
CA ALA D 21 -20.04 -0.59 21.98
C ALA D 21 -19.25 -0.12 20.76
N GLY D 22 -19.95 0.14 19.66
CA GLY D 22 -19.36 0.67 18.47
C GLY D 22 -19.08 -0.33 17.37
N GLY D 23 -19.91 -1.38 17.25
CA GLY D 23 -19.63 -2.47 16.34
C GLY D 23 -18.56 -3.45 16.80
N GLN D 24 -18.00 -3.26 18.01
CA GLN D 24 -16.97 -4.15 18.50
C GLN D 24 -17.57 -5.51 18.88
N MET D 25 -16.68 -6.49 19.03
CA MET D 25 -16.98 -7.85 19.47
C MET D 25 -15.81 -8.38 20.29
N GLY D 26 -16.11 -9.09 21.37
CA GLY D 26 -15.08 -9.54 22.28
C GLY D 26 -15.37 -10.92 22.82
N TYR D 27 -14.31 -11.54 23.35
CA TYR D 27 -14.40 -12.80 24.07
C TYR D 27 -14.41 -12.53 25.58
N GLY D 28 -15.17 -13.35 26.30
CA GLY D 28 -15.14 -13.34 27.74
C GLY D 28 -15.38 -14.72 28.29
N LEU D 29 -14.94 -14.93 29.53
CA LEU D 29 -15.30 -16.16 30.22
C LEU D 29 -16.61 -16.04 30.99
N GLU D 30 -17.15 -14.81 31.11
CA GLU D 30 -18.45 -14.54 31.70
C GLU D 30 -19.27 -13.72 30.72
N LYS D 31 -20.59 -13.84 30.80
CA LYS D 31 -21.45 -13.04 29.93
C LYS D 31 -21.42 -11.59 30.39
N GLY D 32 -21.60 -10.68 29.44
CA GLY D 32 -21.64 -9.26 29.74
C GLY D 32 -20.33 -8.68 30.26
N LYS D 33 -19.25 -9.48 30.26
CA LYS D 33 -17.95 -8.96 30.67
C LYS D 33 -16.86 -9.28 29.65
N ALA D 34 -17.25 -9.61 28.41
CA ALA D 34 -16.31 -9.77 27.31
C ALA D 34 -15.42 -8.53 27.19
N SER D 35 -14.18 -8.72 26.74
CA SER D 35 -13.19 -7.65 26.77
C SER D 35 -12.31 -7.72 25.54
N ILE D 36 -11.60 -6.61 25.31
CA ILE D 36 -10.59 -6.50 24.27
C ILE D 36 -9.34 -5.91 24.91
N PRO D 37 -8.20 -6.64 24.95
CA PRO D 37 -7.99 -8.02 24.45
C PRO D 37 -8.83 -9.03 25.22
N GLY D 38 -9.18 -10.16 24.64
CA GLY D 38 -9.89 -11.21 25.35
C GLY D 38 -9.12 -11.67 26.58
N PRO D 39 -9.75 -12.53 27.39
CA PRO D 39 -9.10 -12.97 28.63
C PRO D 39 -7.78 -13.70 28.35
N LEU D 40 -6.88 -13.61 29.32
CA LEU D 40 -5.58 -14.26 29.22
C LEU D 40 -5.71 -15.72 29.62
N ILE D 41 -5.33 -16.63 28.73
N ILE D 41 -5.36 -16.62 28.70
CA ILE D 41 -5.30 -18.06 29.03
CA ILE D 41 -5.25 -18.04 29.00
C ILE D 41 -3.86 -18.45 29.33
C ILE D 41 -3.82 -18.34 29.41
N GLU D 42 -3.65 -19.11 30.47
CA GLU D 42 -2.33 -19.55 30.92
C GLU D 42 -2.35 -21.06 31.13
N LEU D 43 -1.36 -21.75 30.57
CA LEU D 43 -1.28 -23.20 30.67
C LEU D 43 0.16 -23.60 30.95
N ASN D 44 0.31 -24.76 31.58
CA ASN D 44 1.61 -25.42 31.67
C ASN D 44 1.66 -26.53 30.64
N GLU D 45 2.84 -26.74 30.04
CA GLU D 45 2.97 -27.74 28.99
C GLU D 45 2.44 -29.08 29.43
N GLY D 46 1.61 -29.69 28.61
CA GLY D 46 0.93 -30.91 28.94
C GLY D 46 -0.52 -30.70 29.36
N ASP D 47 -0.86 -29.50 29.85
CA ASP D 47 -2.24 -29.19 30.14
C ASP D 47 -3.09 -29.31 28.87
N THR D 48 -4.33 -29.75 29.08
CA THR D 48 -5.39 -29.71 28.09
C THR D 48 -6.37 -28.62 28.50
N LEU D 49 -7.01 -27.98 27.51
CA LEU D 49 -8.04 -26.98 27.80
C LEU D 49 -9.28 -27.27 26.97
N HIS D 50 -10.41 -27.45 27.63
CA HIS D 50 -11.70 -27.54 26.96
C HIS D 50 -12.40 -26.20 27.15
N VAL D 51 -12.50 -25.44 26.07
CA VAL D 51 -13.23 -24.18 26.05
C VAL D 51 -14.65 -24.51 25.57
N GLU D 52 -15.59 -24.55 26.51
CA GLU D 52 -17.01 -24.64 26.18
C GLU D 52 -17.44 -23.28 25.67
N PHE D 53 -17.58 -23.17 24.36
CA PHE D 53 -17.72 -21.89 23.69
C PHE D 53 -19.19 -21.64 23.36
N GLU D 54 -19.66 -20.44 23.66
CA GLU D 54 -20.97 -19.98 23.25
C GLU D 54 -20.83 -18.73 22.40
N ASN D 55 -21.58 -18.70 21.31
CA ASN D 55 -21.65 -17.54 20.42
C ASN D 55 -22.97 -16.84 20.72
N THR D 56 -22.90 -15.72 21.44
CA THR D 56 -24.08 -14.93 21.79
C THR D 56 -24.24 -13.73 20.85
N MET D 57 -24.23 -14.01 19.55
CA MET D 57 -24.31 -12.97 18.54
C MET D 57 -25.21 -13.43 17.41
N ASP D 58 -25.53 -12.49 16.52
CA ASP D 58 -26.37 -12.76 15.36
C ASP D 58 -25.55 -13.17 14.13
N VAL D 59 -24.23 -13.18 14.23
CA VAL D 59 -23.36 -13.62 13.14
C VAL D 59 -22.55 -14.82 13.62
N PRO D 60 -22.13 -15.73 12.72
CA PRO D 60 -21.24 -16.80 13.14
C PRO D 60 -19.90 -16.26 13.61
N VAL D 61 -19.25 -17.04 14.49
N VAL D 61 -19.28 -16.97 14.56
CA VAL D 61 -17.93 -16.72 15.04
CA VAL D 61 -17.91 -16.73 14.98
C VAL D 61 -17.23 -18.05 15.31
C VAL D 61 -17.17 -18.06 15.04
N SER D 62 -15.91 -17.99 15.42
CA SER D 62 -15.13 -19.19 15.69
C SER D 62 -13.94 -18.80 16.57
N LEU D 63 -13.18 -19.81 16.96
CA LEU D 63 -12.02 -19.67 17.84
C LEU D 63 -10.88 -20.46 17.22
N HIS D 64 -9.86 -19.77 16.73
CA HIS D 64 -8.66 -20.40 16.20
C HIS D 64 -7.47 -19.92 17.01
N VAL D 65 -6.62 -20.86 17.45
CA VAL D 65 -5.51 -20.51 18.33
C VAL D 65 -4.20 -20.79 17.61
N HIS D 66 -3.17 -20.04 17.98
CA HIS D 66 -1.83 -20.29 17.46
C HIS D 66 -1.05 -21.20 18.40
N GLY D 67 -0.10 -21.92 17.83
CA GLY D 67 0.91 -22.58 18.63
C GLY D 67 0.52 -23.88 19.28
N LEU D 68 -0.70 -23.92 19.81
CA LEU D 68 -1.10 -25.07 20.63
C LEU D 68 -1.53 -26.23 19.74
N ASP D 69 -1.65 -27.40 20.36
CA ASP D 69 -2.11 -28.58 19.66
C ASP D 69 -3.64 -28.58 19.62
N TYR D 70 -4.19 -28.94 18.46
CA TYR D 70 -5.64 -29.07 18.31
C TYR D 70 -5.89 -29.88 17.04
N GLU D 71 -7.00 -30.59 17.02
CA GLU D 71 -7.38 -31.32 15.82
C GLU D 71 -8.15 -30.40 14.88
N ILE D 72 -8.41 -30.93 13.68
CA ILE D 72 -9.16 -30.16 12.68
C ILE D 72 -10.50 -29.71 13.25
N SER D 73 -11.05 -30.48 14.20
N SER D 73 -11.05 -30.50 14.19
CA SER D 73 -12.34 -30.15 14.79
CA SER D 73 -12.32 -30.17 14.82
C SER D 73 -12.28 -28.85 15.59
C SER D 73 -12.26 -28.83 15.55
N SER D 74 -11.12 -28.49 16.13
CA SER D 74 -10.96 -27.24 16.84
C SER D 74 -10.17 -26.22 16.04
N ASP D 75 -10.09 -26.41 14.72
CA ASP D 75 -9.40 -25.44 13.87
C ASP D 75 -10.09 -24.09 13.91
N GLY D 76 -11.43 -24.09 14.02
CA GLY D 76 -12.16 -22.85 14.07
C GLY D 76 -12.33 -22.15 12.75
N THR D 77 -12.42 -22.90 11.65
CA THR D 77 -12.63 -22.28 10.34
C THR D 77 -13.94 -22.75 9.73
N LYS D 78 -14.52 -21.86 8.90
CA LYS D 78 -15.69 -22.22 8.09
C LYS D 78 -15.36 -23.37 7.15
N GLN D 79 -14.11 -23.49 6.75
CA GLN D 79 -13.72 -24.50 5.78
C GLN D 79 -13.54 -25.87 6.41
N ASN D 80 -13.34 -25.96 7.73
CA ASN D 80 -13.27 -27.22 8.45
C ASN D 80 -14.48 -27.41 9.36
N LYS D 81 -15.60 -26.77 8.98
CA LYS D 81 -16.89 -26.82 9.66
C LYS D 81 -16.74 -26.77 11.18
N SER D 82 -15.81 -25.95 11.66
CA SER D 82 -15.52 -25.80 13.07
C SER D 82 -15.82 -24.38 13.57
N HIS D 83 -16.71 -23.67 12.89
CA HIS D 83 -17.18 -22.38 13.39
C HIS D 83 -18.48 -22.58 14.19
N VAL D 84 -18.95 -21.49 14.80
CA VAL D 84 -20.06 -21.55 15.75
C VAL D 84 -21.15 -20.61 15.28
N GLU D 85 -22.27 -21.17 14.81
CA GLU D 85 -23.35 -20.40 14.23
C GLU D 85 -23.95 -19.45 15.26
N PRO D 86 -24.72 -18.44 14.80
CA PRO D 86 -25.32 -17.49 15.73
C PRO D 86 -26.11 -18.20 16.82
N GLY D 87 -25.78 -17.89 18.07
CA GLY D 87 -26.49 -18.50 19.18
C GLY D 87 -26.20 -19.96 19.39
N GLY D 88 -25.10 -20.47 18.82
CA GLY D 88 -24.72 -21.86 18.99
C GLY D 88 -23.69 -22.03 20.11
N THR D 89 -23.35 -23.30 20.35
CA THR D 89 -22.31 -23.64 21.31
C THR D 89 -21.36 -24.65 20.68
N ARG D 90 -20.20 -24.78 21.31
CA ARG D 90 -19.19 -25.70 20.82
C ARG D 90 -18.10 -25.84 21.87
N THR D 91 -17.53 -27.03 21.99
CA THR D 91 -16.38 -27.26 22.84
C THR D 91 -15.12 -27.18 21.97
N TYR D 92 -14.33 -26.13 22.17
CA TYR D 92 -13.03 -26.02 21.55
C TYR D 92 -12.00 -26.66 22.46
N THR D 93 -11.20 -27.57 21.92
CA THR D 93 -10.27 -28.35 22.73
C THR D 93 -8.84 -28.11 22.25
N TRP D 94 -8.02 -27.54 23.13
CA TRP D 94 -6.61 -27.27 22.89
C TRP D 94 -5.77 -28.22 23.74
N ARG D 95 -4.68 -28.71 23.18
CA ARG D 95 -3.74 -29.55 23.90
C ARG D 95 -2.34 -28.94 23.85
N THR D 96 -1.50 -29.35 24.79
CA THR D 96 -0.13 -28.86 24.92
C THR D 96 0.78 -30.03 25.27
N HIS D 97 2.06 -29.88 24.97
CA HIS D 97 2.98 -30.99 25.17
C HIS D 97 4.38 -30.49 25.48
N GLU D 98 5.07 -31.22 26.35
CA GLU D 98 6.44 -30.92 26.70
C GLU D 98 7.36 -31.20 25.51
N PRO D 99 8.57 -30.66 25.52
CA PRO D 99 9.59 -31.13 24.58
C PRO D 99 10.03 -32.53 24.95
N GLY D 100 10.71 -33.19 24.02
CA GLY D 100 11.16 -34.54 24.28
C GLY D 100 12.00 -35.07 23.15
N ARG D 101 12.71 -36.15 23.45
CA ARG D 101 13.51 -36.88 22.46
C ARG D 101 12.62 -37.88 21.72
N ARG D 102 12.41 -37.67 20.42
CA ARG D 102 11.60 -38.60 19.65
C ARG D 102 12.34 -39.92 19.46
N ALA D 103 11.66 -40.87 18.83
CA ALA D 103 12.32 -42.11 18.40
C ALA D 103 13.40 -41.83 17.36
N ASP D 104 13.03 -41.14 16.27
CA ASP D 104 14.00 -40.98 15.17
C ASP D 104 15.27 -40.13 15.57
N GLY D 105 15.52 -39.90 16.86
CA GLY D 105 16.71 -39.20 17.33
C GLY D 105 16.55 -37.71 17.52
N THR D 106 15.50 -37.11 16.97
CA THR D 106 15.37 -35.66 16.98
C THR D 106 14.77 -35.16 18.29
N TRP D 107 14.71 -33.84 18.43
CA TRP D 107 14.14 -33.20 19.60
C TRP D 107 12.80 -32.58 19.19
N ARG D 108 11.76 -32.88 19.94
CA ARG D 108 10.44 -32.38 19.61
C ARG D 108 10.19 -31.09 20.35
N ALA D 109 9.88 -30.03 19.60
CA ALA D 109 9.59 -28.75 20.23
C ALA D 109 8.35 -28.88 21.11
N GLY D 110 8.43 -28.34 22.32
CA GLY D 110 7.26 -28.27 23.18
C GLY D 110 6.32 -27.14 22.77
N SER D 111 5.18 -27.07 23.44
CA SER D 111 4.21 -26.02 23.20
C SER D 111 4.54 -24.70 23.88
N ALA D 112 5.51 -24.63 24.79
CA ALA D 112 5.70 -23.41 25.55
C ALA D 112 5.92 -22.21 24.64
N GLY D 113 5.43 -21.06 25.08
CA GLY D 113 5.59 -19.84 24.31
C GLY D 113 4.47 -18.84 24.57
N TYR D 114 4.56 -17.72 23.86
CA TYR D 114 3.55 -16.67 23.87
C TYR D 114 2.70 -16.79 22.60
N TRP D 115 1.44 -17.14 22.76
CA TRP D 115 0.56 -17.41 21.64
C TRP D 115 -0.65 -16.49 21.71
N HIS D 116 -1.66 -16.81 20.92
CA HIS D 116 -2.88 -16.02 20.92
C HIS D 116 -3.96 -16.80 20.18
N TYR D 117 -5.20 -16.39 20.43
CA TYR D 117 -6.38 -16.87 19.73
C TYR D 117 -7.13 -15.67 19.17
N HIS D 118 -7.85 -15.90 18.08
CA HIS D 118 -8.63 -14.85 17.44
C HIS D 118 -9.71 -15.51 16.57
N ASP D 119 -10.72 -14.72 16.20
CA ASP D 119 -11.77 -15.23 15.34
C ASP D 119 -11.23 -15.47 13.94
N HIS D 120 -11.94 -16.33 13.21
CA HIS D 120 -11.50 -16.74 11.89
C HIS D 120 -12.64 -16.74 10.87
N VAL D 121 -13.83 -16.20 11.19
CA VAL D 121 -14.93 -16.26 10.23
C VAL D 121 -15.80 -15.00 10.15
N VAL D 122 -15.58 -14.04 11.04
CA VAL D 122 -16.40 -12.82 10.98
C VAL D 122 -15.84 -11.90 9.90
N GLY D 123 -16.66 -11.62 8.87
CA GLY D 123 -16.32 -10.68 7.82
C GLY D 123 -15.76 -11.38 6.60
N THR D 124 -14.73 -12.20 6.81
CA THR D 124 -14.18 -13.05 5.76
C THR D 124 -13.96 -14.44 6.33
N GLU D 125 -13.66 -15.40 5.45
CA GLU D 125 -13.28 -16.73 5.92
C GLU D 125 -11.92 -16.75 6.62
N HIS D 126 -11.28 -15.58 6.78
CA HIS D 126 -10.06 -15.45 7.57
C HIS D 126 -10.26 -14.55 8.77
N GLY D 127 -11.51 -14.28 9.15
CA GLY D 127 -11.79 -13.47 10.31
C GLY D 127 -11.38 -12.02 10.23
N THR D 128 -11.21 -11.48 9.01
CA THR D 128 -10.72 -10.11 8.88
C THR D 128 -11.57 -9.12 9.68
N GLY D 129 -12.90 -9.22 9.56
CA GLY D 129 -13.75 -8.32 10.32
C GLY D 129 -13.79 -8.64 11.80
N GLY D 130 -13.82 -9.93 12.16
CA GLY D 130 -13.81 -10.30 13.57
C GLY D 130 -12.60 -9.76 14.32
N ILE D 131 -11.41 -10.00 13.78
CA ILE D 131 -10.18 -9.51 14.41
C ILE D 131 -10.23 -8.00 14.54
N ARG D 132 -10.67 -7.30 13.49
CA ARG D 132 -10.84 -5.85 13.53
C ARG D 132 -11.72 -5.42 14.71
N ASN D 133 -12.82 -6.13 14.95
CA ASN D 133 -13.72 -5.68 16.00
C ASN D 133 -13.20 -5.96 17.41
N GLY D 134 -12.07 -6.65 17.57
CA GLY D 134 -11.47 -6.87 18.87
C GLY D 134 -11.44 -8.31 19.31
N LEU D 135 -11.87 -9.26 18.48
CA LEU D 135 -11.93 -10.68 18.82
C LEU D 135 -10.52 -11.27 18.78
N TYR D 136 -9.76 -11.01 19.84
CA TYR D 136 -8.41 -11.54 19.98
C TYR D 136 -8.00 -11.50 21.44
N GLY D 137 -7.17 -12.46 21.83
CA GLY D 137 -6.68 -12.55 23.19
C GLY D 137 -5.43 -13.40 23.29
N PRO D 138 -4.71 -13.31 24.40
CA PRO D 138 -3.41 -13.98 24.50
C PRO D 138 -3.47 -15.33 25.22
N VAL D 139 -2.65 -16.29 24.77
CA VAL D 139 -2.48 -17.57 25.45
C VAL D 139 -1.01 -17.72 25.81
N ILE D 140 -0.74 -17.97 27.08
CA ILE D 140 0.60 -18.26 27.57
C ILE D 140 0.67 -19.73 27.92
N VAL D 141 1.64 -20.42 27.34
CA VAL D 141 1.99 -21.79 27.70
C VAL D 141 3.37 -21.74 28.32
N ARG D 142 3.48 -22.16 29.57
CA ARG D 142 4.74 -22.15 30.28
C ARG D 142 5.34 -23.54 30.37
N ARG D 143 6.68 -23.57 30.33
CA ARG D 143 7.47 -24.76 30.56
C ARG D 143 7.81 -24.87 32.04
N LYS D 144 7.93 -26.12 32.50
N LYS D 144 7.94 -26.11 32.51
CA LYS D 144 8.37 -26.36 33.87
CA LYS D 144 8.36 -26.36 33.88
C LYS D 144 9.67 -25.61 34.15
C LYS D 144 9.67 -25.64 34.17
N GLY D 145 9.71 -24.89 35.27
CA GLY D 145 10.88 -24.11 35.63
C GLY D 145 10.89 -22.66 35.16
N ASP D 146 9.99 -22.28 34.25
CA ASP D 146 9.92 -20.89 33.80
C ASP D 146 9.63 -19.94 34.97
N VAL D 147 10.36 -18.82 35.02
N VAL D 147 10.37 -18.83 35.05
CA VAL D 147 10.15 -17.82 36.06
CA VAL D 147 10.13 -17.89 36.14
C VAL D 147 8.73 -17.27 35.93
C VAL D 147 8.76 -17.26 35.98
N LEU D 148 8.01 -17.17 37.11
CA LEU D 148 6.67 -16.59 37.07
C LEU D 148 6.74 -15.09 37.37
N PRO D 149 5.83 -14.32 36.78
CA PRO D 149 5.93 -12.86 36.90
C PRO D 149 4.99 -12.31 37.94
N ASP D 150 5.30 -11.12 38.46
CA ASP D 150 4.37 -10.43 39.32
C ASP D 150 3.10 -10.03 38.57
N ALA D 151 3.20 -9.78 37.27
CA ALA D 151 2.13 -9.16 36.52
C ALA D 151 2.33 -9.35 35.02
N THR D 152 1.22 -9.53 34.31
CA THR D 152 1.22 -9.75 32.88
C THR D 152 0.32 -8.72 32.19
N HIS D 153 0.87 -8.01 31.22
CA HIS D 153 0.12 -7.01 30.45
C HIS D 153 0.18 -7.35 28.97
N THR D 154 -0.99 -7.34 28.32
CA THR D 154 -1.08 -7.72 26.91
C THR D 154 -1.21 -6.48 26.04
N ILE D 155 -0.35 -6.37 25.03
N ILE D 155 -0.34 -6.38 25.04
CA ILE D 155 -0.35 -5.24 24.09
CA ILE D 155 -0.32 -5.29 24.06
C ILE D 155 -0.56 -5.78 22.68
C ILE D 155 -0.62 -5.89 22.70
N VAL D 156 -1.68 -5.42 22.06
CA VAL D 156 -2.02 -5.87 20.72
C VAL D 156 -2.04 -4.68 19.79
N PHE D 157 -1.20 -4.72 18.76
CA PHE D 157 -1.26 -3.75 17.67
C PHE D 157 -2.25 -4.25 16.63
N ASN D 158 -3.43 -3.62 16.58
CA ASN D 158 -4.51 -3.98 15.67
C ASN D 158 -4.69 -2.84 14.68
N ASP D 159 -4.07 -2.97 13.51
CA ASP D 159 -3.95 -1.88 12.55
C ASP D 159 -3.36 -0.64 13.21
N ALA D 160 -4.11 0.48 13.23
CA ALA D 160 -3.63 1.71 13.84
C ALA D 160 -3.93 1.82 15.34
N THR D 161 -4.47 0.78 15.97
CA THR D 161 -4.88 0.86 17.37
C THR D 161 -4.03 -0.04 18.26
N ILE D 162 -4.06 0.30 19.55
CA ILE D 162 -3.59 -0.58 20.63
C ILE D 162 -4.82 -1.06 21.38
N ASN D 163 -5.07 -2.37 21.28
CA ASN D 163 -6.21 -3.04 21.92
C ASN D 163 -7.54 -2.40 21.54
N ASN D 164 -7.69 -2.02 20.26
CA ASN D 164 -8.91 -1.38 19.74
C ASN D 164 -9.28 -0.10 20.51
N ARG D 165 -8.34 0.50 21.29
CA ARG D 165 -8.55 1.74 22.04
C ARG D 165 -8.49 2.94 21.11
N PRO D 166 -9.34 3.96 21.32
CA PRO D 166 -9.23 5.17 20.50
C PRO D 166 -7.84 5.78 20.60
N ALA D 167 -7.47 6.56 19.59
CA ALA D 167 -6.08 7.01 19.45
C ALA D 167 -5.66 7.89 20.62
N HIS D 168 -4.40 7.72 21.03
N HIS D 168 -4.39 7.78 21.02
CA HIS D 168 -3.69 8.38 22.12
CA HIS D 168 -3.79 8.57 22.08
C HIS D 168 -4.09 7.84 23.50
C HIS D 168 -4.35 8.28 23.47
N THR D 169 -5.04 7.15 23.66
CA THR D 169 -5.64 6.81 24.96
C THR D 169 -4.97 5.60 25.62
N GLY D 170 -3.66 5.44 25.40
CA GLY D 170 -2.90 4.39 26.03
C GLY D 170 -3.03 3.05 25.34
N PRO D 171 -3.15 1.96 26.12
CA PRO D 171 -3.34 1.89 27.58
C PRO D 171 -2.07 1.99 28.42
N ASN D 172 -2.21 2.44 29.67
CA ASN D 172 -1.09 2.50 30.58
C ASN D 172 -1.11 1.31 31.54
N PHE D 173 0.05 1.04 32.12
CA PHE D 173 0.23 -0.04 33.08
C PHE D 173 1.12 0.47 34.20
N GLU D 174 0.80 0.08 35.42
CA GLU D 174 1.52 0.54 36.60
C GLU D 174 2.34 -0.60 37.18
N ALA D 175 3.59 -0.28 37.51
CA ALA D 175 4.47 -1.21 38.20
C ALA D 175 5.18 -0.46 39.32
N THR D 176 5.83 -1.24 40.18
CA THR D 176 6.77 -0.72 41.17
C THR D 176 8.16 -1.17 40.75
N VAL D 177 9.16 -0.32 41.00
CA VAL D 177 10.56 -0.67 40.78
C VAL D 177 10.80 -2.08 41.32
N GLY D 178 11.54 -2.89 40.58
CA GLY D 178 11.86 -4.23 41.01
C GLY D 178 10.85 -5.28 40.60
N ASP D 179 9.59 -4.90 40.37
CA ASP D 179 8.59 -5.85 39.87
C ASP D 179 9.13 -6.61 38.67
N ARG D 180 8.75 -7.87 38.57
CA ARG D 180 9.00 -8.67 37.38
C ARG D 180 7.75 -8.56 36.53
N VAL D 181 7.83 -7.79 35.45
CA VAL D 181 6.67 -7.52 34.60
C VAL D 181 6.80 -8.33 33.31
N GLU D 182 5.75 -9.08 32.99
CA GLU D 182 5.68 -9.88 31.76
C GLU D 182 4.79 -9.16 30.74
N ILE D 183 5.33 -8.91 29.55
CA ILE D 183 4.58 -8.29 28.45
C ILE D 183 4.31 -9.34 27.37
N VAL D 184 3.06 -9.43 26.95
CA VAL D 184 2.68 -10.18 25.76
C VAL D 184 2.39 -9.17 24.66
N MET D 185 3.00 -9.37 23.50
CA MET D 185 2.86 -8.45 22.37
C MET D 185 2.31 -9.25 21.21
N ILE D 186 1.09 -8.90 20.77
CA ILE D 186 0.45 -9.48 19.60
C ILE D 186 0.26 -8.38 18.56
N THR D 187 0.24 -8.78 17.30
CA THR D 187 0.01 -7.86 16.19
C THR D 187 -1.08 -8.43 15.30
N HIS D 188 -1.93 -7.54 14.80
CA HIS D 188 -3.01 -7.91 13.90
C HIS D 188 -3.22 -6.81 12.86
N GLY D 189 -3.86 -7.20 11.76
CA GLY D 189 -4.39 -6.25 10.82
C GLY D 189 -3.74 -6.31 9.46
N GLU D 190 -3.37 -5.14 8.94
CA GLU D 190 -2.74 -5.01 7.63
C GLU D 190 -1.30 -4.56 7.70
N TYR D 191 -0.88 -3.97 8.80
CA TYR D 191 0.35 -3.20 8.84
C TYR D 191 1.43 -3.87 9.67
N TYR D 192 2.67 -3.67 9.25
CA TYR D 192 3.79 -4.03 10.09
C TYR D 192 3.95 -2.93 11.12
N HIS D 193 4.64 -3.27 12.21
CA HIS D 193 4.87 -2.36 13.33
C HIS D 193 6.20 -2.69 13.96
N THR D 194 6.69 -1.75 14.77
CA THR D 194 7.90 -1.96 15.58
C THR D 194 7.60 -1.60 17.03
N PHE D 195 7.46 -2.59 17.90
CA PHE D 195 7.20 -2.31 19.31
C PHE D 195 8.48 -1.85 20.00
N HIS D 196 8.43 -0.70 20.67
CA HIS D 196 9.59 -0.12 21.34
C HIS D 196 9.24 0.22 22.79
N MET D 197 10.24 0.11 23.66
CA MET D 197 10.08 0.39 25.08
C MET D 197 11.24 1.22 25.59
N HIS D 198 10.96 2.42 26.09
CA HIS D 198 11.97 3.22 26.77
C HIS D 198 12.40 2.54 28.07
N GLY D 199 13.66 2.74 28.44
CA GLY D 199 14.18 2.34 29.73
C GLY D 199 14.43 0.85 29.93
N HIS D 200 13.94 -0.01 29.05
CA HIS D 200 14.09 -1.44 29.25
C HIS D 200 14.57 -2.10 27.96
N ARG D 201 15.09 -3.32 28.11
CA ARG D 201 15.52 -4.16 26.99
C ARG D 201 15.23 -5.60 27.35
N TRP D 202 15.34 -6.49 26.36
CA TRP D 202 15.07 -7.89 26.61
C TRP D 202 15.78 -8.76 25.57
N ALA D 203 15.71 -10.08 25.79
CA ALA D 203 16.33 -11.06 24.92
C ALA D 203 15.31 -11.53 23.87
N ASP D 204 15.76 -11.60 22.62
CA ASP D 204 14.91 -12.05 21.51
C ASP D 204 14.95 -13.58 21.46
N ASN D 205 14.28 -14.21 22.41
CA ASN D 205 14.21 -15.67 22.46
C ASN D 205 12.83 -16.07 23.00
N ARG D 206 12.69 -17.36 23.35
CA ARG D 206 11.38 -17.84 23.77
C ARG D 206 10.81 -17.01 24.92
N THR D 207 11.61 -16.82 25.98
CA THR D 207 11.10 -16.24 27.22
C THR D 207 11.39 -14.75 27.36
N GLY D 208 12.22 -14.18 26.49
CA GLY D 208 12.67 -12.82 26.67
C GLY D 208 13.84 -12.64 27.60
N MET D 209 14.26 -13.69 28.29
CA MET D 209 15.42 -13.63 29.17
C MET D 209 16.49 -14.59 28.66
N LEU D 210 17.74 -14.13 28.75
CA LEU D 210 18.88 -14.96 28.43
C LEU D 210 18.97 -16.13 29.39
N THR D 211 19.15 -17.34 28.83
CA THR D 211 19.22 -18.54 29.65
C THR D 211 20.46 -18.52 30.55
N GLY D 212 21.50 -17.82 30.15
CA GLY D 212 22.73 -17.78 30.91
C GLY D 212 23.78 -17.11 30.06
N PRO D 213 25.04 -17.16 30.48
CA PRO D 213 26.09 -16.48 29.71
C PRO D 213 26.34 -17.09 28.34
N ASP D 214 25.80 -18.27 28.04
CA ASP D 214 26.08 -18.93 26.78
C ASP D 214 25.06 -18.59 25.70
N ASP D 215 23.94 -17.99 26.09
CA ASP D 215 22.84 -17.61 25.19
C ASP D 215 23.26 -16.45 24.29
N PRO D 216 23.37 -16.65 22.98
CA PRO D 216 23.79 -15.56 22.08
C PRO D 216 22.66 -14.70 21.54
N SER D 217 21.41 -14.90 21.97
CA SER D 217 20.29 -14.12 21.47
C SER D 217 20.58 -12.62 21.56
N GLN D 218 20.14 -11.88 20.54
CA GLN D 218 20.31 -10.43 20.58
C GLN D 218 19.48 -9.85 21.73
N VAL D 219 20.08 -8.92 22.45
CA VAL D 219 19.38 -8.10 23.44
C VAL D 219 18.88 -6.85 22.73
N ILE D 220 17.57 -6.59 22.79
CA ILE D 220 16.95 -5.55 21.99
C ILE D 220 16.00 -4.74 22.86
N ASP D 221 15.59 -3.59 22.35
CA ASP D 221 14.50 -2.84 22.97
C ASP D 221 13.38 -2.53 21.99
N ASN D 222 13.56 -3.11 20.64
N ASN D 222 13.47 -3.05 20.76
CA ASN D 222 12.80 -2.73 19.45
CA ASN D 222 12.42 -2.88 19.76
C ASN D 222 12.74 -3.93 18.53
C ASN D 222 12.61 -3.91 18.67
N LYS D 223 11.49 -4.37 18.12
CA LYS D 223 11.53 -5.39 17.10
C LYS D 223 10.35 -5.20 16.16
N ILE D 224 10.53 -5.62 14.93
CA ILE D 224 9.54 -5.47 13.87
C ILE D 224 8.58 -6.64 13.95
N CYS D 225 7.29 -6.35 13.78
N CYS D 225 7.29 -6.36 13.81
CA CYS D 225 6.23 -7.34 13.92
CA CYS D 225 6.29 -7.42 13.86
C CYS D 225 5.16 -7.08 12.86
C CYS D 225 5.18 -7.10 12.86
N GLY D 226 4.46 -8.14 12.47
CA GLY D 226 3.38 -8.02 11.51
C GLY D 226 2.21 -8.93 11.87
N PRO D 227 1.16 -8.94 11.02
CA PRO D 227 -0.10 -9.61 11.40
C PRO D 227 0.05 -11.07 11.82
N ALA D 228 -0.45 -11.36 13.02
CA ALA D 228 -0.50 -12.63 13.73
C ALA D 228 0.82 -12.98 14.42
N ASN D 229 1.83 -12.12 14.38
CA ASN D 229 3.03 -12.37 15.17
C ASN D 229 2.73 -12.23 16.65
N SER D 230 3.37 -13.07 17.47
CA SER D 230 3.23 -12.99 18.91
C SER D 230 4.56 -13.35 19.53
N PHE D 231 4.92 -12.60 20.57
CA PHE D 231 6.09 -12.86 21.38
C PHE D 231 5.82 -12.25 22.75
N GLY D 232 6.72 -12.50 23.69
CA GLY D 232 6.58 -11.97 25.04
C GLY D 232 7.93 -11.88 25.72
N PHE D 233 7.93 -11.20 26.86
CA PHE D 233 9.16 -11.11 27.64
C PHE D 233 8.81 -10.71 29.06
N GLN D 234 9.82 -10.77 29.92
CA GLN D 234 9.76 -10.21 31.25
C GLN D 234 10.92 -9.26 31.44
N ILE D 235 10.66 -8.19 32.18
CA ILE D 235 11.68 -7.23 32.59
C ILE D 235 11.54 -7.02 34.09
N ILE D 236 12.59 -6.46 34.67
CA ILE D 236 12.53 -5.91 36.02
C ILE D 236 12.29 -4.41 35.87
N ALA D 237 11.12 -3.94 36.31
CA ALA D 237 10.74 -2.54 36.13
C ALA D 237 11.71 -1.60 36.84
N GLY D 238 12.22 -0.61 36.10
CA GLY D 238 13.19 0.31 36.64
C GLY D 238 14.59 -0.26 36.82
N GLU D 239 14.81 -1.53 36.49
CA GLU D 239 16.11 -2.15 36.74
C GLU D 239 17.22 -1.36 36.09
N GLY D 240 18.10 -0.77 36.90
CA GLY D 240 19.21 0.03 36.41
C GLY D 240 18.86 1.40 35.86
N VAL D 241 17.59 1.81 35.90
CA VAL D 241 17.19 3.06 35.25
C VAL D 241 16.26 3.87 36.15
N GLY D 242 15.60 3.20 37.09
CA GLY D 242 14.82 3.90 38.10
C GLY D 242 13.36 4.07 37.74
N ALA D 243 12.66 4.77 38.63
CA ALA D 243 11.24 5.01 38.42
C ALA D 243 11.04 6.11 37.39
N GLY D 244 9.81 6.19 36.88
CA GLY D 244 9.45 7.16 35.87
C GLY D 244 8.27 6.68 35.06
N ALA D 245 7.76 7.58 34.22
CA ALA D 245 6.74 7.22 33.23
C ALA D 245 7.46 6.82 31.95
N TRP D 246 7.80 5.54 31.84
CA TRP D 246 8.57 5.03 30.72
C TRP D 246 7.65 4.74 29.53
N MET D 247 7.86 5.43 28.42
CA MET D 247 6.98 5.28 27.27
C MET D 247 7.23 3.97 26.53
N TYR D 248 6.16 3.43 25.99
CA TYR D 248 6.20 2.38 24.98
C TYR D 248 5.32 2.83 23.82
N HIS D 249 5.73 2.48 22.60
CA HIS D 249 5.00 2.92 21.43
C HIS D 249 5.47 2.14 20.23
N CYS D 250 4.61 2.03 19.22
CA CYS D 250 5.09 1.64 17.92
C CYS D 250 6.09 2.70 17.48
N HIS D 251 7.17 2.27 16.81
CA HIS D 251 8.20 3.22 16.42
C HIS D 251 8.13 3.63 14.96
N VAL D 252 7.20 3.07 14.19
CA VAL D 252 6.90 3.62 12.88
C VAL D 252 6.40 5.03 13.10
N GLN D 253 7.11 6.01 12.55
CA GLN D 253 6.93 7.39 12.99
C GLN D 253 5.49 7.86 12.85
N SER D 254 4.88 7.67 11.68
CA SER D 254 3.48 8.04 11.52
C SER D 254 2.58 7.31 12.51
N HIS D 255 2.94 6.09 12.91
CA HIS D 255 2.12 5.38 13.90
C HIS D 255 2.22 6.03 15.27
N SER D 256 3.43 6.35 15.72
CA SER D 256 3.55 7.02 17.02
C SER D 256 2.93 8.42 16.98
N ASP D 257 3.02 9.09 15.82
CA ASP D 257 2.45 10.43 15.68
C ASP D 257 0.95 10.43 15.88
N MET D 258 0.26 9.45 15.31
CA MET D 258 -1.18 9.35 15.45
C MET D 258 -1.62 8.75 16.79
N GLY D 259 -0.67 8.52 17.71
CA GLY D 259 -1.03 8.12 19.06
C GLY D 259 -1.07 6.63 19.36
N MET D 260 -0.16 5.87 18.75
CA MET D 260 0.05 4.48 19.17
C MET D 260 1.11 4.46 20.26
N VAL D 261 0.73 5.00 21.41
CA VAL D 261 1.62 5.22 22.53
C VAL D 261 0.91 4.82 23.82
N GLY D 262 1.67 4.24 24.75
CA GLY D 262 1.20 3.99 26.09
C GLY D 262 2.30 4.35 27.08
N LEU D 263 2.03 4.10 28.35
CA LEU D 263 2.98 4.47 29.39
C LEU D 263 3.20 3.30 30.33
N PHE D 264 4.47 3.10 30.66
CA PHE D 264 4.88 2.14 31.67
C PHE D 264 5.18 2.95 32.92
N LEU D 265 4.17 3.04 33.80
CA LEU D 265 4.22 3.90 34.99
C LEU D 265 4.90 3.12 36.12
N VAL D 266 6.20 3.35 36.28
CA VAL D 266 7.01 2.64 37.27
C VAL D 266 7.19 3.55 38.47
N LYS D 267 6.58 3.17 39.60
CA LYS D 267 6.66 3.98 40.81
C LYS D 267 7.79 3.51 41.70
N LYS D 268 8.34 4.44 42.48
CA LYS D 268 9.22 4.08 43.57
C LYS D 268 8.44 3.29 44.61
N PRO D 269 9.14 2.62 45.53
CA PRO D 269 8.45 1.88 46.61
C PRO D 269 7.41 2.71 47.34
N ASP D 270 7.65 4.00 47.51
CA ASP D 270 6.69 4.87 48.19
C ASP D 270 5.55 5.33 47.29
N GLY D 271 5.39 4.73 46.11
CA GLY D 271 4.30 5.09 45.22
C GLY D 271 4.47 6.38 44.43
N THR D 272 5.63 7.01 44.47
CA THR D 272 5.79 8.25 43.72
C THR D 272 6.41 7.93 42.37
N ILE D 273 6.16 8.82 41.41
CA ILE D 273 6.76 8.75 40.09
C ILE D 273 7.49 10.08 39.84
N PRO D 274 8.81 10.08 39.94
CA PRO D 274 9.56 11.34 39.79
C PRO D 274 9.26 12.03 38.48
N GLY D 275 8.91 13.30 38.56
CA GLY D 275 8.69 14.10 37.37
C GLY D 275 7.59 13.61 36.46
N TYR D 276 6.63 12.88 37.00
CA TYR D 276 5.45 12.51 36.21
C TYR D 276 4.24 13.26 36.78
N ASP D 277 3.98 14.44 36.21
CA ASP D 277 2.76 15.18 36.47
C ASP D 277 1.89 15.10 35.23
N PRO D 278 0.69 14.49 35.29
CA PRO D 278 -0.29 14.52 34.20
C PRO D 278 -0.53 15.93 33.63
N GLY E 2 17.02 -40.42 7.58
CA GLY E 2 18.11 -40.02 6.68
C GLY E 2 18.90 -38.86 7.25
N ALA E 3 20.19 -38.80 6.93
CA ALA E 3 21.04 -37.73 7.44
C ALA E 3 22.03 -37.32 6.36
N ALA E 4 22.25 -36.01 6.23
CA ALA E 4 23.13 -35.53 5.16
C ALA E 4 24.58 -35.95 5.41
N PRO E 5 25.32 -36.34 4.37
CA PRO E 5 26.73 -36.66 4.55
C PRO E 5 27.59 -35.40 4.56
N ALA E 6 28.85 -35.60 4.88
CA ALA E 6 29.87 -34.59 4.59
C ALA E 6 29.87 -34.29 3.10
N GLY E 7 29.96 -33.01 2.75
CA GLY E 7 30.09 -32.59 1.38
C GLY E 7 31.53 -32.59 0.91
N GLY E 8 31.72 -32.01 -0.28
CA GLY E 8 33.04 -31.98 -0.90
C GLY E 8 33.03 -32.51 -2.33
N GLU E 9 31.85 -32.86 -2.85
CA GLU E 9 31.71 -33.25 -4.25
C GLU E 9 31.71 -32.02 -5.17
N VAL E 10 32.30 -32.17 -6.35
CA VAL E 10 32.17 -31.20 -7.41
C VAL E 10 30.99 -31.66 -8.27
N ARG E 11 29.94 -30.84 -8.32
N ARG E 11 29.94 -30.85 -8.32
CA ARG E 11 28.72 -31.16 -9.04
CA ARG E 11 28.72 -31.18 -9.03
C ARG E 11 28.56 -30.20 -10.20
C ARG E 11 28.52 -30.19 -10.16
N ARG E 12 27.83 -30.64 -11.21
CA ARG E 12 27.62 -29.86 -12.42
C ARG E 12 26.17 -30.01 -12.82
N VAL E 13 25.53 -28.89 -13.15
CA VAL E 13 24.15 -28.92 -13.63
C VAL E 13 24.03 -27.90 -14.75
N THR E 14 23.07 -28.14 -15.65
CA THR E 14 22.75 -27.23 -16.72
C THR E 14 21.48 -26.50 -16.32
N MET E 15 21.48 -25.17 -16.47
CA MET E 15 20.32 -24.36 -16.13
C MET E 15 19.98 -23.51 -17.34
N TYR E 16 18.69 -23.46 -17.66
CA TYR E 16 18.16 -22.68 -18.75
C TYR E 16 17.25 -21.59 -18.20
N ALA E 17 17.35 -20.38 -18.74
CA ALA E 17 16.32 -19.37 -18.56
C ALA E 17 15.45 -19.31 -19.81
N GLU E 18 14.14 -19.45 -19.65
CA GLU E 18 13.23 -19.53 -20.78
C GLU E 18 12.01 -18.66 -20.56
N ARG E 19 11.52 -18.07 -21.65
CA ARG E 19 10.22 -17.44 -21.60
C ARG E 19 9.14 -18.50 -21.40
N LEU E 20 8.08 -18.11 -20.69
CA LEU E 20 6.93 -18.95 -20.42
C LEU E 20 5.67 -18.17 -20.74
N ALA E 21 4.54 -18.88 -20.76
CA ALA E 21 3.28 -18.26 -21.18
C ALA E 21 2.94 -17.07 -20.29
N GLY E 22 2.17 -16.14 -20.87
CA GLY E 22 1.68 -15.00 -20.11
C GLY E 22 2.75 -14.04 -19.62
N GLY E 23 3.82 -13.86 -20.39
CA GLY E 23 4.85 -12.89 -20.09
C GLY E 23 5.84 -13.29 -19.01
N GLN E 24 5.89 -14.54 -18.63
CA GLN E 24 6.75 -14.94 -17.54
C GLN E 24 8.07 -15.50 -18.05
N MET E 25 8.97 -15.76 -17.11
CA MET E 25 10.26 -16.40 -17.39
C MET E 25 10.57 -17.33 -16.24
N GLY E 26 11.26 -18.42 -16.52
CA GLY E 26 11.67 -19.29 -15.44
C GLY E 26 12.99 -19.97 -15.72
N TYR E 27 13.58 -20.52 -14.66
CA TYR E 27 14.75 -21.40 -14.76
C TYR E 27 14.32 -22.87 -14.84
N GLY E 28 15.03 -23.63 -15.65
CA GLY E 28 14.82 -25.07 -15.70
C GLY E 28 16.14 -25.78 -15.79
N LEU E 29 16.14 -27.03 -15.34
CA LEU E 29 17.32 -27.90 -15.40
C LEU E 29 17.48 -28.60 -16.75
N GLU E 30 16.40 -28.74 -17.52
CA GLU E 30 16.48 -29.24 -18.89
C GLU E 30 15.78 -28.27 -19.82
N LYS E 31 16.19 -28.29 -21.09
CA LYS E 31 15.60 -27.40 -22.07
C LYS E 31 14.12 -27.71 -22.25
N GLY E 32 13.30 -26.65 -22.32
CA GLY E 32 11.86 -26.77 -22.40
C GLY E 32 11.15 -27.10 -21.10
N LYS E 33 11.86 -27.23 -19.98
CA LYS E 33 11.25 -27.63 -18.72
C LYS E 33 11.42 -26.57 -17.64
N ALA E 34 11.49 -25.30 -18.02
CA ALA E 34 11.59 -24.24 -17.01
C ALA E 34 10.35 -24.26 -16.15
N SER E 35 10.51 -23.85 -14.90
CA SER E 35 9.44 -23.87 -13.92
C SER E 35 9.54 -22.67 -12.99
N ILE E 36 8.41 -22.31 -12.38
CA ILE E 36 8.34 -21.28 -11.35
C ILE E 36 7.66 -21.87 -10.13
N PRO E 37 8.31 -21.95 -8.97
CA PRO E 37 9.72 -21.61 -8.70
C PRO E 37 10.66 -22.44 -9.56
N GLY E 38 11.92 -22.03 -9.75
CA GLY E 38 12.87 -22.84 -10.47
C GLY E 38 13.23 -24.09 -9.67
N PRO E 39 14.03 -24.95 -10.30
CA PRO E 39 14.37 -26.24 -9.67
C PRO E 39 15.03 -26.07 -8.31
N LEU E 40 14.76 -27.03 -7.43
CA LEU E 40 15.39 -27.04 -6.12
C LEU E 40 16.82 -27.59 -6.25
N ILE E 41 17.78 -26.81 -5.79
CA ILE E 41 19.18 -27.19 -5.82
C ILE E 41 19.57 -27.53 -4.38
N GLU E 42 19.97 -28.77 -4.15
CA GLU E 42 20.45 -29.22 -2.85
C GLU E 42 21.94 -29.53 -2.93
N LEU E 43 22.69 -29.07 -1.91
CA LEU E 43 24.11 -29.30 -1.76
C LEU E 43 24.43 -29.65 -0.32
N ASN E 44 25.53 -30.38 -0.12
CA ASN E 44 26.07 -30.61 1.21
C ASN E 44 27.26 -29.68 1.39
N GLU E 45 27.41 -29.15 2.60
CA GLU E 45 28.46 -28.19 2.89
C GLU E 45 29.83 -28.72 2.47
N GLY E 46 30.47 -28.00 1.55
CA GLY E 46 31.71 -28.45 0.93
C GLY E 46 31.58 -28.69 -0.56
N ASP E 47 30.37 -28.93 -1.03
CA ASP E 47 30.13 -29.16 -2.44
C ASP E 47 30.40 -27.90 -3.25
N THR E 48 31.02 -28.09 -4.41
CA THR E 48 31.08 -27.07 -5.44
C THR E 48 30.05 -27.39 -6.50
N LEU E 49 29.39 -26.35 -7.03
CA LEU E 49 28.42 -26.54 -8.09
C LEU E 49 28.75 -25.64 -9.27
N HIS E 50 29.01 -26.24 -10.42
CA HIS E 50 29.14 -25.50 -11.66
C HIS E 50 27.81 -25.51 -12.39
N VAL E 51 27.19 -24.35 -12.55
CA VAL E 51 25.91 -24.19 -13.22
C VAL E 51 26.21 -23.65 -14.61
N GLU E 52 26.15 -24.52 -15.60
CA GLU E 52 26.37 -24.18 -17.01
C GLU E 52 25.07 -23.59 -17.54
N PHE E 53 25.03 -22.27 -17.68
CA PHE E 53 23.79 -21.54 -17.85
C PHE E 53 23.56 -21.23 -19.33
N GLU E 54 22.32 -21.35 -19.77
CA GLU E 54 21.91 -21.12 -21.14
C GLU E 54 20.80 -20.09 -21.13
N ASN E 55 21.04 -18.95 -21.76
CA ASN E 55 20.02 -17.93 -21.90
C ASN E 55 19.35 -18.10 -23.25
N THR E 56 18.17 -18.67 -23.26
CA THR E 56 17.41 -18.86 -24.47
C THR E 56 16.51 -17.68 -24.82
N MET E 57 16.54 -16.60 -24.04
CA MET E 57 15.63 -15.47 -24.18
C MET E 57 16.27 -14.35 -24.99
N ASP E 58 15.46 -13.32 -25.28
CA ASP E 58 15.90 -12.20 -26.09
C ASP E 58 16.44 -11.04 -25.26
N VAL E 59 16.59 -11.23 -23.95
CA VAL E 59 17.06 -10.14 -23.09
C VAL E 59 18.20 -10.65 -22.23
N PRO E 60 19.12 -9.79 -21.82
CA PRO E 60 20.14 -10.22 -20.86
C PRO E 60 19.48 -10.72 -19.60
N VAL E 61 20.10 -11.74 -18.99
CA VAL E 61 19.54 -12.43 -17.82
C VAL E 61 20.73 -12.81 -16.93
N SER E 62 20.44 -13.10 -15.67
CA SER E 62 21.54 -13.43 -14.76
C SER E 62 21.07 -14.47 -13.77
N LEU E 63 22.04 -15.01 -13.06
CA LEU E 63 21.82 -15.95 -11.96
C LEU E 63 22.57 -15.39 -10.76
N HIS E 64 21.83 -14.95 -9.74
CA HIS E 64 22.43 -14.46 -8.50
C HIS E 64 21.98 -15.34 -7.33
N VAL E 65 22.93 -15.78 -6.51
CA VAL E 65 22.63 -16.72 -5.43
C VAL E 65 22.87 -16.04 -4.10
N HIS E 66 22.01 -16.31 -3.15
CA HIS E 66 22.18 -15.82 -1.80
C HIS E 66 22.98 -16.83 -0.99
N GLY E 67 23.75 -16.32 -0.05
CA GLY E 67 24.33 -17.18 0.98
C GLY E 67 25.57 -17.99 0.66
N LEU E 68 25.61 -18.62 -0.52
CA LEU E 68 26.73 -19.48 -0.85
C LEU E 68 27.97 -18.63 -1.19
N ASP E 69 29.11 -19.30 -1.29
CA ASP E 69 30.33 -18.62 -1.70
C ASP E 69 30.38 -18.51 -3.23
N TYR E 70 30.76 -17.34 -3.74
CA TYR E 70 30.98 -17.18 -5.16
C TYR E 70 31.94 -16.03 -5.40
N GLU E 71 32.74 -16.15 -6.45
CA GLU E 71 33.61 -15.04 -6.81
C GLU E 71 32.79 -13.98 -7.52
N ILE E 72 33.36 -12.76 -7.60
CA ILE E 72 32.63 -11.63 -8.15
C ILE E 72 32.20 -11.91 -9.59
N SER E 73 32.97 -12.73 -10.31
CA SER E 73 32.60 -13.11 -11.68
C SER E 73 31.37 -13.99 -11.74
N SER E 74 30.91 -14.53 -10.60
CA SER E 74 29.62 -15.19 -10.54
C SER E 74 28.61 -14.41 -9.71
N ASP E 75 28.82 -13.09 -9.52
CA ASP E 75 27.87 -12.24 -8.82
C ASP E 75 26.53 -12.16 -9.56
N GLY E 76 26.56 -12.24 -10.88
CA GLY E 76 25.32 -12.19 -11.64
C GLY E 76 24.69 -10.82 -11.78
N THR E 77 25.49 -9.80 -12.05
CA THR E 77 24.96 -8.46 -12.28
C THR E 77 25.62 -7.89 -13.51
N LYS E 78 24.93 -6.93 -14.13
CA LYS E 78 25.52 -6.19 -15.24
C LYS E 78 26.79 -5.45 -14.83
N GLN E 79 26.87 -5.01 -13.56
CA GLN E 79 27.91 -4.05 -13.15
C GLN E 79 29.31 -4.56 -13.44
N ASN E 80 29.55 -5.86 -13.29
CA ASN E 80 30.82 -6.46 -13.67
C ASN E 80 30.60 -7.51 -14.75
N LYS E 81 29.54 -7.36 -15.53
CA LYS E 81 29.36 -8.11 -16.76
C LYS E 81 29.29 -9.61 -16.50
N SER E 82 28.69 -9.99 -15.36
CA SER E 82 28.48 -11.39 -15.05
C SER E 82 27.04 -11.84 -15.33
N HIS E 83 26.29 -11.05 -16.09
CA HIS E 83 25.05 -11.51 -16.70
C HIS E 83 25.35 -12.36 -17.94
N VAL E 84 24.30 -12.93 -18.52
CA VAL E 84 24.40 -13.76 -19.71
C VAL E 84 23.63 -13.07 -20.82
N GLU E 85 24.33 -12.72 -21.89
CA GLU E 85 23.75 -12.09 -23.06
C GLU E 85 22.66 -12.98 -23.69
N PRO E 86 21.78 -12.38 -24.50
CA PRO E 86 20.75 -13.17 -25.19
C PRO E 86 21.36 -14.26 -26.05
N GLY E 87 20.79 -15.47 -25.96
CA GLY E 87 21.27 -16.61 -26.70
C GLY E 87 22.58 -17.18 -26.19
N GLY E 88 23.17 -16.58 -25.17
CA GLY E 88 24.52 -16.93 -24.77
C GLY E 88 24.58 -17.96 -23.65
N THR E 89 25.81 -18.26 -23.25
N THR E 89 25.81 -18.30 -23.27
CA THR E 89 26.12 -19.27 -22.26
CA THR E 89 26.05 -19.27 -22.22
C THR E 89 27.12 -18.71 -21.25
C THR E 89 27.08 -18.70 -21.26
N ARG E 90 27.03 -19.18 -20.00
CA ARG E 90 28.01 -18.83 -18.97
C ARG E 90 27.96 -19.87 -17.87
N THR E 91 29.11 -20.21 -17.31
CA THR E 91 29.15 -21.16 -16.19
C THR E 91 29.32 -20.38 -14.89
N TYR E 92 28.28 -20.40 -14.05
CA TYR E 92 28.34 -19.84 -12.72
C TYR E 92 28.84 -20.92 -11.76
N THR E 93 29.76 -20.56 -10.88
CA THR E 93 30.28 -21.51 -9.90
C THR E 93 29.93 -21.04 -8.52
N TRP E 94 29.22 -21.90 -7.79
CA TRP E 94 28.93 -21.72 -6.38
C TRP E 94 29.77 -22.71 -5.60
N ARG E 95 30.40 -22.24 -4.53
CA ARG E 95 31.05 -23.12 -3.57
C ARG E 95 30.37 -22.97 -2.22
N THR E 96 30.72 -23.88 -1.31
CA THR E 96 30.17 -23.94 0.05
C THR E 96 31.21 -24.54 0.98
N HIS E 97 31.30 -24.01 2.19
CA HIS E 97 32.31 -24.45 3.14
C HIS E 97 31.63 -24.94 4.43
N GLU E 98 32.38 -25.74 5.19
CA GLU E 98 31.98 -26.21 6.51
C GLU E 98 32.30 -25.16 7.56
N PRO E 99 31.60 -25.20 8.70
CA PRO E 99 31.97 -24.33 9.83
C PRO E 99 33.38 -24.67 10.32
N GLY E 100 34.05 -23.68 10.90
CA GLY E 100 35.37 -23.91 11.46
C GLY E 100 35.85 -22.68 12.20
N ARG E 101 36.87 -22.88 13.03
CA ARG E 101 37.47 -21.76 13.74
C ARG E 101 38.60 -21.14 12.92
N ARG E 102 38.67 -19.82 12.95
CA ARG E 102 39.72 -19.08 12.28
C ARG E 102 40.96 -19.02 13.15
N ALA E 103 42.09 -18.65 12.51
CA ALA E 103 43.30 -18.42 13.28
C ALA E 103 43.12 -17.29 14.30
N ASP E 104 42.31 -16.26 13.94
CA ASP E 104 42.06 -15.20 14.91
C ASP E 104 41.13 -15.66 16.10
N GLY E 105 40.82 -16.96 16.18
CA GLY E 105 40.07 -17.53 17.28
C GLY E 105 38.56 -17.49 17.14
N THR E 106 38.01 -16.73 16.18
CA THR E 106 36.56 -16.64 16.04
C THR E 106 36.02 -17.78 15.18
N TRP E 107 34.70 -17.94 15.23
CA TRP E 107 34.03 -19.03 14.56
C TRP E 107 33.52 -18.56 13.20
N ARG E 108 34.01 -19.21 12.14
CA ARG E 108 33.54 -18.96 10.79
C ARG E 108 32.28 -19.80 10.54
N ALA E 109 31.14 -19.15 10.30
CA ALA E 109 29.91 -19.88 10.09
C ALA E 109 29.94 -20.58 8.74
N GLY E 110 29.40 -21.79 8.70
CA GLY E 110 29.34 -22.52 7.46
C GLY E 110 28.27 -21.94 6.54
N SER E 111 28.23 -22.47 5.32
CA SER E 111 27.28 -22.11 4.28
C SER E 111 25.89 -22.67 4.50
N ALA E 112 25.72 -23.63 5.41
CA ALA E 112 24.46 -24.35 5.56
C ALA E 112 23.29 -23.39 5.77
N GLY E 113 22.22 -23.60 5.02
CA GLY E 113 20.99 -22.88 5.29
C GLY E 113 20.01 -23.03 4.16
N TYR E 114 18.90 -22.31 4.31
CA TYR E 114 17.85 -22.19 3.31
C TYR E 114 18.10 -20.91 2.53
N TRP E 115 18.44 -21.06 1.25
CA TRP E 115 18.92 -19.99 0.41
C TRP E 115 18.10 -19.93 -0.88
N HIS E 116 18.53 -19.11 -1.84
CA HIS E 116 17.75 -18.97 -3.06
C HIS E 116 18.60 -18.24 -4.09
N TYR E 117 18.15 -18.37 -5.34
CA TYR E 117 18.80 -17.76 -6.47
C TYR E 117 17.73 -17.04 -7.28
N HIS E 118 18.12 -15.95 -7.97
CA HIS E 118 17.14 -15.18 -8.73
C HIS E 118 17.86 -14.32 -9.75
N ASP E 119 17.08 -13.81 -10.70
CA ASP E 119 17.65 -12.92 -11.70
C ASP E 119 18.02 -11.59 -11.05
N HIS E 120 18.97 -10.90 -11.68
CA HIS E 120 19.39 -9.60 -11.19
C HIS E 120 19.48 -8.51 -12.27
N VAL E 121 19.02 -8.77 -13.51
CA VAL E 121 19.30 -7.83 -14.59
C VAL E 121 18.12 -7.59 -15.53
N VAL E 122 17.01 -8.30 -15.33
CA VAL E 122 15.88 -8.16 -16.25
C VAL E 122 14.94 -7.07 -15.75
N GLY E 123 14.73 -6.05 -16.60
CA GLY E 123 13.93 -4.89 -16.27
C GLY E 123 14.72 -3.76 -15.64
N THR E 124 15.34 -4.06 -14.51
CA THR E 124 16.19 -3.08 -13.85
C THR E 124 17.52 -3.71 -13.49
N GLU E 125 18.41 -2.89 -12.97
CA GLU E 125 19.70 -3.37 -12.53
C GLU E 125 19.57 -4.25 -11.30
N HIS E 126 18.36 -4.42 -10.79
CA HIS E 126 18.16 -5.29 -9.64
C HIS E 126 17.16 -6.39 -9.95
N GLY E 127 16.95 -6.67 -11.23
CA GLY E 127 16.13 -7.79 -11.67
C GLY E 127 14.66 -7.69 -11.31
N THR E 128 14.10 -6.47 -11.26
CA THR E 128 12.72 -6.31 -10.82
C THR E 128 11.74 -6.97 -11.80
N GLY E 129 12.00 -6.87 -13.09
CA GLY E 129 11.15 -7.56 -14.05
C GLY E 129 11.37 -9.07 -14.05
N GLY E 130 12.63 -9.51 -14.01
CA GLY E 130 12.89 -10.94 -14.06
C GLY E 130 12.37 -11.66 -12.83
N ILE E 131 12.52 -11.05 -11.65
CA ILE E 131 11.91 -11.59 -10.43
C ILE E 131 10.39 -11.67 -10.57
N ARG E 132 9.74 -10.55 -10.94
CA ARG E 132 8.29 -10.57 -11.06
C ARG E 132 7.82 -11.59 -12.09
N ASN E 133 8.59 -11.77 -13.18
CA ASN E 133 8.30 -12.75 -14.23
C ASN E 133 8.43 -14.21 -13.76
N GLY E 134 9.21 -14.48 -12.73
CA GLY E 134 9.33 -15.85 -12.25
C GLY E 134 10.74 -16.41 -12.10
N LEU E 135 11.78 -15.63 -12.42
CA LEU E 135 13.16 -16.10 -12.28
C LEU E 135 13.61 -16.11 -10.82
N TYR E 136 13.16 -17.11 -10.08
CA TYR E 136 13.62 -17.34 -8.72
C TYR E 136 13.49 -18.84 -8.43
N GLY E 137 14.37 -19.34 -7.56
CA GLY E 137 14.27 -20.71 -7.09
C GLY E 137 15.05 -20.95 -5.82
N PRO E 138 14.80 -22.09 -5.15
CA PRO E 138 15.42 -22.32 -3.84
C PRO E 138 16.74 -23.08 -3.89
N VAL E 139 17.62 -22.77 -2.94
CA VAL E 139 18.87 -23.50 -2.73
C VAL E 139 18.88 -23.96 -1.28
N ILE E 140 19.07 -25.26 -1.06
CA ILE E 140 19.31 -25.77 0.28
C ILE E 140 20.75 -26.27 0.37
N VAL E 141 21.48 -25.81 1.37
CA VAL E 141 22.80 -26.32 1.73
C VAL E 141 22.65 -27.01 3.08
N ARG E 142 22.95 -28.31 3.10
CA ARG E 142 22.81 -29.13 4.30
C ARG E 142 24.15 -29.32 4.99
N ARG E 143 24.11 -29.32 6.31
CA ARG E 143 25.24 -29.64 7.15
C ARG E 143 25.25 -31.13 7.41
N LYS E 144 26.45 -31.72 7.50
CA LYS E 144 26.58 -33.12 7.88
C LYS E 144 25.83 -33.38 9.17
N GLY E 145 24.95 -34.38 9.16
CA GLY E 145 24.12 -34.67 10.31
C GLY E 145 22.70 -34.10 10.25
N ASP E 146 22.42 -33.13 9.37
CA ASP E 146 21.06 -32.61 9.26
C ASP E 146 20.11 -33.74 8.85
N VAL E 147 18.93 -33.76 9.46
CA VAL E 147 17.99 -34.84 9.17
C VAL E 147 17.29 -34.57 7.83
N LEU E 148 17.17 -35.61 7.05
CA LEU E 148 16.63 -35.54 5.69
C LEU E 148 15.11 -35.69 5.71
N PRO E 149 14.39 -34.83 5.00
CA PRO E 149 12.92 -34.92 4.99
C PRO E 149 12.43 -35.96 4.00
N ASP E 150 11.15 -36.33 4.19
CA ASP E 150 10.47 -37.15 3.20
C ASP E 150 10.16 -36.36 1.93
N ALA E 151 9.90 -35.06 2.07
CA ALA E 151 9.59 -34.20 0.93
C ALA E 151 9.87 -32.75 1.30
N THR E 152 10.05 -31.93 0.26
CA THR E 152 10.36 -30.51 0.38
C THR E 152 9.42 -29.72 -0.53
N HIS E 153 8.78 -28.70 0.03
CA HIS E 153 7.88 -27.84 -0.73
C HIS E 153 8.34 -26.40 -0.63
N THR E 154 8.41 -25.70 -1.75
CA THR E 154 8.89 -24.33 -1.79
C THR E 154 7.70 -23.41 -1.99
N ILE E 155 7.58 -22.41 -1.12
CA ILE E 155 6.50 -21.43 -1.12
C ILE E 155 7.13 -20.05 -1.23
N VAL E 156 6.90 -19.36 -2.34
CA VAL E 156 7.53 -18.07 -2.62
C VAL E 156 6.46 -17.01 -2.68
N PHE E 157 6.48 -16.09 -1.71
CA PHE E 157 5.60 -14.92 -1.73
C PHE E 157 6.23 -13.87 -2.63
N ASN E 158 5.68 -13.71 -3.83
CA ASN E 158 6.24 -12.81 -4.83
C ASN E 158 5.18 -11.77 -5.14
N ASP E 159 5.42 -10.53 -4.68
CA ASP E 159 4.39 -9.48 -4.67
C ASP E 159 3.14 -10.06 -4.02
N ALA E 160 1.96 -9.94 -4.62
CA ALA E 160 0.74 -10.48 -4.02
C ALA E 160 0.34 -11.84 -4.61
N THR E 161 1.32 -12.66 -4.98
CA THR E 161 1.09 -14.01 -5.46
C THR E 161 1.88 -15.01 -4.61
N ILE E 162 1.50 -16.27 -4.75
CA ILE E 162 2.31 -17.38 -4.29
C ILE E 162 2.79 -18.13 -5.53
N ASN E 163 4.11 -18.15 -5.73
CA ASN E 163 4.73 -18.88 -6.83
C ASN E 163 4.21 -18.42 -8.18
N ASN E 164 3.88 -17.12 -8.29
CA ASN E 164 3.33 -16.52 -9.50
C ASN E 164 2.01 -17.17 -9.90
N ARG E 165 1.35 -17.81 -8.95
CA ARG E 165 0.09 -18.39 -9.40
C ARG E 165 -1.03 -17.38 -9.22
N PRO E 166 -2.06 -17.44 -10.07
CA PRO E 166 -3.25 -16.60 -9.86
C PRO E 166 -3.78 -16.72 -8.43
N ALA E 167 -4.42 -15.65 -7.96
CA ALA E 167 -4.91 -15.63 -6.59
C ALA E 167 -5.85 -16.82 -6.34
N HIS E 168 -5.83 -17.31 -5.10
CA HIS E 168 -6.71 -18.37 -4.64
C HIS E 168 -6.47 -19.71 -5.34
N THR E 169 -5.28 -19.94 -5.90
CA THR E 169 -5.04 -21.22 -6.55
C THR E 169 -3.85 -21.91 -5.88
N GLY E 170 -3.90 -21.95 -4.55
CA GLY E 170 -2.93 -22.67 -3.76
C GLY E 170 -1.55 -22.09 -3.86
N PRO E 171 -0.55 -22.95 -4.10
CA PRO E 171 -0.65 -24.39 -4.35
C PRO E 171 -0.89 -25.20 -3.08
N ASN E 172 -1.44 -26.39 -3.20
CA ASN E 172 -1.57 -27.30 -2.07
C ASN E 172 -0.48 -28.35 -2.12
N PHE E 173 -0.09 -28.82 -0.94
CA PHE E 173 0.87 -29.90 -0.81
C PHE E 173 0.27 -31.02 0.03
N GLU E 174 0.45 -32.25 -0.43
CA GLU E 174 -0.12 -33.43 0.23
C GLU E 174 0.96 -34.22 0.92
N ALA E 175 0.61 -34.78 2.07
CA ALA E 175 1.49 -35.64 2.84
C ALA E 175 0.63 -36.67 3.59
N THR E 176 1.31 -37.54 4.32
CA THR E 176 0.67 -38.46 5.26
C THR E 176 1.13 -38.14 6.67
N VAL E 177 0.21 -38.21 7.63
CA VAL E 177 0.52 -38.10 9.05
C VAL E 177 1.83 -38.84 9.31
N GLY E 178 2.73 -38.24 10.08
CA GLY E 178 4.04 -38.77 10.35
C GLY E 178 5.14 -38.36 9.38
N ASP E 179 4.79 -38.02 8.13
CA ASP E 179 5.79 -37.58 7.17
C ASP E 179 6.62 -36.46 7.78
N ARG E 180 7.92 -36.43 7.44
CA ARG E 180 8.82 -35.34 7.83
C ARG E 180 8.90 -34.39 6.64
N VAL E 181 8.23 -33.25 6.73
CA VAL E 181 7.96 -32.39 5.57
C VAL E 181 8.79 -31.11 5.70
N GLU E 182 9.55 -30.82 4.65
CA GLU E 182 10.42 -29.65 4.62
C GLU E 182 9.75 -28.55 3.84
N ILE E 183 9.70 -27.35 4.42
CA ILE E 183 9.14 -26.15 3.79
C ILE E 183 10.27 -25.15 3.56
N VAL E 184 10.42 -24.68 2.33
CA VAL E 184 11.33 -23.60 2.01
C VAL E 184 10.46 -22.39 1.67
N MET E 185 10.75 -21.27 2.32
CA MET E 185 9.91 -20.08 2.21
C MET E 185 10.80 -18.92 1.77
N ILE E 186 10.48 -18.33 0.62
CA ILE E 186 11.20 -17.18 0.07
C ILE E 186 10.20 -16.05 -0.18
N THR E 187 10.63 -14.82 0.03
CA THR E 187 9.83 -13.66 -0.32
C THR E 187 10.53 -12.79 -1.36
N HIS E 188 9.76 -12.28 -2.32
CA HIS E 188 10.30 -11.38 -3.32
C HIS E 188 9.36 -10.21 -3.60
N GLY E 189 9.93 -9.18 -4.18
CA GLY E 189 9.15 -8.12 -4.79
C GLY E 189 9.13 -6.87 -3.91
N GLU E 190 7.93 -6.41 -3.59
CA GLU E 190 7.76 -5.10 -2.97
C GLU E 190 7.17 -5.13 -1.57
N TYR E 191 6.39 -6.16 -1.21
CA TYR E 191 5.61 -6.15 0.03
C TYR E 191 6.24 -7.06 1.08
N TYR E 192 5.99 -6.71 2.35
CA TYR E 192 6.24 -7.64 3.45
C TYR E 192 5.02 -8.54 3.61
N HIS E 193 5.25 -9.70 4.22
CA HIS E 193 4.20 -10.67 4.50
C HIS E 193 4.49 -11.32 5.85
N THR E 194 3.53 -12.15 6.29
CA THR E 194 3.69 -13.00 7.46
C THR E 194 3.21 -14.41 7.10
N PHE E 195 4.11 -15.38 7.10
CA PHE E 195 3.74 -16.74 6.75
C PHE E 195 3.17 -17.46 7.98
N HIS E 196 2.03 -18.10 7.82
CA HIS E 196 1.38 -18.81 8.91
C HIS E 196 1.00 -20.20 8.44
N MET E 197 1.11 -21.18 9.33
CA MET E 197 0.68 -22.52 9.01
C MET E 197 -0.17 -23.07 10.15
N HIS E 198 -1.37 -23.53 9.82
CA HIS E 198 -2.28 -24.09 10.81
C HIS E 198 -1.77 -25.41 11.36
N GLY E 199 -2.06 -25.63 12.66
CA GLY E 199 -1.83 -26.89 13.32
C GLY E 199 -0.39 -27.37 13.46
N HIS E 200 0.59 -26.53 13.06
CA HIS E 200 2.00 -26.91 13.11
C HIS E 200 2.83 -25.72 13.58
N ARG E 201 4.11 -26.00 13.89
CA ARG E 201 5.00 -24.97 14.43
C ARG E 201 6.45 -25.42 14.22
N TRP E 202 7.36 -24.45 14.38
CA TRP E 202 8.78 -24.68 14.12
C TRP E 202 9.61 -23.72 14.95
N ALA E 203 10.90 -23.99 15.01
CA ALA E 203 11.84 -23.18 15.76
C ALA E 203 12.44 -22.13 14.85
N ASP E 204 12.52 -20.91 15.34
CA ASP E 204 13.08 -19.83 14.55
C ASP E 204 14.60 -19.96 14.61
N ASN E 205 15.13 -20.87 13.80
CA ASN E 205 16.57 -21.04 13.72
C ASN E 205 16.95 -21.56 12.33
N ARG E 206 18.21 -21.97 12.17
CA ARG E 206 18.71 -22.43 10.88
C ARG E 206 17.86 -23.56 10.32
N THR E 207 17.66 -24.62 11.09
CA THR E 207 17.00 -25.82 10.62
C THR E 207 15.51 -25.82 10.87
N GLY E 208 14.99 -24.89 11.66
CA GLY E 208 13.61 -24.97 12.09
C GLY E 208 13.36 -26.00 13.15
N MET E 209 14.41 -26.66 13.68
CA MET E 209 14.27 -27.65 14.73
C MET E 209 15.22 -27.30 15.85
N LEU E 210 14.76 -27.42 17.08
CA LEU E 210 15.62 -27.16 18.22
C LEU E 210 16.79 -28.13 18.25
N THR E 211 18.00 -27.60 18.49
CA THR E 211 19.18 -28.44 18.67
C THR E 211 19.02 -29.43 19.82
N GLY E 212 18.16 -29.14 20.79
CA GLY E 212 18.03 -29.91 21.99
C GLY E 212 17.46 -29.03 23.09
N PRO E 213 17.45 -29.55 24.31
CA PRO E 213 16.79 -28.80 25.41
C PRO E 213 17.45 -27.49 25.76
N ASP E 214 18.63 -27.19 25.23
CA ASP E 214 19.36 -25.96 25.56
C ASP E 214 19.18 -24.86 24.53
N ASP E 215 18.36 -25.08 23.49
CA ASP E 215 18.25 -24.14 22.39
C ASP E 215 17.14 -23.14 22.71
N PRO E 216 17.45 -21.87 22.97
CA PRO E 216 16.43 -20.92 23.38
C PRO E 216 15.65 -20.29 22.23
N SER E 217 15.78 -20.80 21.01
CA SER E 217 15.10 -20.18 19.87
C SER E 217 13.60 -20.20 20.08
N GLN E 218 12.96 -19.08 19.73
CA GLN E 218 11.51 -19.01 19.91
C GLN E 218 10.87 -20.06 19.02
N VAL E 219 9.82 -20.69 19.55
CA VAL E 219 9.02 -21.65 18.78
C VAL E 219 7.80 -20.89 18.28
N ILE E 220 7.59 -20.88 16.95
CA ILE E 220 6.62 -19.99 16.32
C ILE E 220 5.72 -20.77 15.37
N ASP E 221 4.65 -20.13 14.93
CA ASP E 221 3.90 -20.65 13.79
C ASP E 221 3.57 -19.53 12.81
N ASN E 222 4.29 -18.41 12.92
CA ASN E 222 3.96 -17.18 12.23
C ASN E 222 5.20 -16.31 12.17
N LYS E 223 5.57 -15.84 10.99
CA LYS E 223 6.84 -15.11 10.86
C LYS E 223 6.74 -14.00 9.80
N ILE E 224 7.29 -12.82 10.12
CA ILE E 224 7.34 -11.70 9.18
C ILE E 224 8.57 -11.83 8.28
N CYS E 225 8.40 -11.50 7.00
N CYS E 225 8.40 -11.54 6.99
CA CYS E 225 9.44 -11.68 5.99
CA CYS E 225 9.47 -11.69 6.01
C CYS E 225 9.30 -10.58 4.96
C CYS E 225 9.31 -10.60 4.95
N GLY E 226 10.43 -10.17 4.39
CA GLY E 226 10.44 -9.15 3.37
C GLY E 226 11.21 -9.62 2.14
N PRO E 227 11.29 -8.77 1.12
CA PRO E 227 11.95 -9.16 -0.14
C PRO E 227 13.36 -9.69 0.04
N ALA E 228 13.62 -10.83 -0.63
CA ALA E 228 14.83 -11.64 -0.57
C ALA E 228 15.06 -12.36 0.75
N ASN E 229 14.12 -12.34 1.70
CA ASN E 229 14.30 -13.18 2.88
C ASN E 229 14.08 -14.64 2.50
N SER E 230 14.88 -15.52 3.10
CA SER E 230 14.56 -16.93 3.04
C SER E 230 14.78 -17.57 4.40
N PHE E 231 13.92 -18.54 4.70
CA PHE E 231 14.08 -19.45 5.82
C PHE E 231 13.36 -20.73 5.46
N GLY E 232 13.49 -21.73 6.34
CA GLY E 232 12.82 -23.00 6.12
C GLY E 232 12.83 -23.81 7.40
N PHE E 233 12.06 -24.90 7.37
CA PHE E 233 11.92 -25.75 8.54
C PHE E 233 11.50 -27.14 8.12
N GLN E 234 11.44 -28.04 9.10
CA GLN E 234 10.84 -29.35 8.91
C GLN E 234 9.82 -29.57 10.02
N ILE E 235 8.74 -30.23 9.66
CA ILE E 235 7.67 -30.54 10.60
C ILE E 235 7.26 -31.99 10.37
N ILE E 236 6.74 -32.63 11.42
CA ILE E 236 6.14 -33.95 11.27
C ILE E 236 4.67 -33.74 10.94
N ALA E 237 4.29 -34.11 9.72
CA ALA E 237 2.92 -33.89 9.26
C ALA E 237 1.91 -34.47 10.26
N GLY E 238 1.08 -33.59 10.81
CA GLY E 238 0.00 -34.01 11.68
C GLY E 238 0.40 -34.42 13.07
N GLU E 239 1.64 -34.19 13.46
CA GLU E 239 2.11 -34.61 14.78
C GLU E 239 1.30 -33.93 15.88
N GLY E 240 0.67 -34.72 16.74
CA GLY E 240 -0.11 -34.20 17.85
C GLY E 240 -1.43 -33.57 17.49
N VAL E 241 -1.74 -33.49 16.19
CA VAL E 241 -2.91 -32.75 15.73
C VAL E 241 -3.77 -33.54 14.76
N GLY E 242 -3.21 -34.53 14.07
CA GLY E 242 -3.97 -35.44 13.25
C GLY E 242 -4.01 -35.03 11.78
N ALA E 243 -4.64 -35.90 10.99
CA ALA E 243 -4.84 -35.61 9.59
C ALA E 243 -5.84 -34.47 9.43
N GLY E 244 -5.73 -33.77 8.31
CA GLY E 244 -6.64 -32.68 8.04
C GLY E 244 -6.10 -31.76 6.97
N ALA E 245 -7.03 -30.99 6.39
CA ALA E 245 -6.67 -29.91 5.46
C ALA E 245 -6.18 -28.73 6.29
N TRP E 246 -4.88 -28.69 6.51
CA TRP E 246 -4.26 -27.69 7.38
C TRP E 246 -3.87 -26.49 6.54
N MET E 247 -4.54 -25.37 6.75
CA MET E 247 -4.34 -24.21 5.90
C MET E 247 -2.99 -23.57 6.19
N TYR E 248 -2.31 -23.12 5.14
CA TYR E 248 -1.21 -22.16 5.27
C TYR E 248 -1.56 -20.94 4.45
N HIS E 249 -1.19 -19.77 4.97
CA HIS E 249 -1.51 -18.54 4.25
C HIS E 249 -0.64 -17.42 4.79
N CYS E 250 -0.51 -16.37 3.99
CA CYS E 250 -0.06 -15.11 4.50
C CYS E 250 -1.09 -14.62 5.51
N HIS E 251 -0.63 -14.08 6.62
CA HIS E 251 -1.58 -13.67 7.64
C HIS E 251 -1.83 -12.17 7.65
N VAL E 252 -1.22 -11.41 6.74
CA VAL E 252 -1.72 -10.09 6.44
C VAL E 252 -3.14 -10.26 5.91
N GLN E 253 -4.11 -9.61 6.56
CA GLN E 253 -5.50 -10.05 6.45
C GLN E 253 -6.01 -9.95 5.01
N SER E 254 -5.80 -8.80 4.37
CA SER E 254 -6.29 -8.65 3.00
C SER E 254 -5.61 -9.64 2.06
N HIS E 255 -4.32 -9.93 2.31
CA HIS E 255 -3.58 -10.92 1.52
C HIS E 255 -4.21 -12.31 1.62
N SER E 256 -4.60 -12.72 2.84
CA SER E 256 -5.31 -13.98 2.98
C SER E 256 -6.70 -13.90 2.34
N ASP E 257 -7.37 -12.76 2.50
CA ASP E 257 -8.66 -12.57 1.84
C ASP E 257 -8.51 -12.55 0.31
N MET E 258 -7.35 -12.14 -0.20
CA MET E 258 -7.16 -12.09 -1.64
C MET E 258 -6.61 -13.39 -2.21
N GLY E 259 -6.54 -14.45 -1.40
CA GLY E 259 -6.16 -15.76 -1.89
C GLY E 259 -4.71 -16.18 -1.69
N MET E 260 -3.93 -15.42 -0.94
CA MET E 260 -2.59 -15.88 -0.55
C MET E 260 -2.74 -17.01 0.46
N VAL E 261 -3.29 -18.14 0.02
CA VAL E 261 -3.68 -19.24 0.88
C VAL E 261 -3.40 -20.55 0.14
N GLY E 262 -3.07 -21.59 0.90
CA GLY E 262 -2.92 -22.92 0.34
C GLY E 262 -3.24 -23.95 1.41
N LEU E 263 -3.23 -25.21 1.01
CA LEU E 263 -3.62 -26.28 1.91
C LEU E 263 -2.49 -27.29 2.06
N PHE E 264 -2.19 -27.65 3.31
CA PHE E 264 -1.29 -28.75 3.63
C PHE E 264 -2.20 -29.94 3.91
N LEU E 265 -2.53 -30.68 2.85
CA LEU E 265 -3.45 -31.81 2.96
C LEU E 265 -2.70 -32.99 3.56
N VAL E 266 -2.97 -33.28 4.83
CA VAL E 266 -2.36 -34.41 5.51
C VAL E 266 -3.37 -35.56 5.53
N LYS E 267 -3.03 -36.67 4.88
CA LYS E 267 -3.92 -37.83 4.80
C LYS E 267 -3.58 -38.85 5.89
N LYS E 268 -4.59 -39.64 6.26
CA LYS E 268 -4.37 -40.78 7.12
C LYS E 268 -3.69 -41.91 6.34
N PRO E 269 -3.07 -42.86 7.05
CA PRO E 269 -2.41 -44.00 6.36
C PRO E 269 -3.24 -44.61 5.24
N ASP E 270 -4.57 -44.55 5.32
CA ASP E 270 -5.40 -45.07 4.24
C ASP E 270 -5.39 -44.15 3.03
N GLY E 271 -5.33 -42.84 3.25
CA GLY E 271 -5.27 -41.87 2.18
C GLY E 271 -6.37 -40.83 2.20
N THR E 272 -7.16 -40.79 3.27
CA THR E 272 -8.29 -39.88 3.36
C THR E 272 -7.98 -38.72 4.30
N ILE E 273 -8.70 -37.63 4.08
CA ILE E 273 -8.53 -36.44 4.90
C ILE E 273 -9.88 -36.10 5.51
N PRO E 274 -10.06 -36.31 6.81
CA PRO E 274 -11.33 -35.95 7.45
C PRO E 274 -11.63 -34.47 7.34
N GLY E 275 -12.93 -34.15 7.37
CA GLY E 275 -13.41 -32.78 7.36
C GLY E 275 -13.19 -32.01 6.08
N TYR E 276 -12.60 -32.62 5.06
CA TYR E 276 -12.13 -31.90 3.88
C TYR E 276 -13.18 -32.01 2.77
N ASP E 277 -13.90 -30.90 2.54
CA ASP E 277 -14.94 -30.81 1.52
C ASP E 277 -14.56 -29.75 0.48
N PRO E 278 -13.61 -30.08 -0.42
CA PRO E 278 -12.98 -29.12 -1.35
C PRO E 278 -13.99 -28.30 -2.17
N GLY F 2 42.50 -6.10 18.48
CA GLY F 2 42.52 -6.85 19.72
C GLY F 2 41.12 -7.24 20.19
N ALA F 3 40.94 -7.34 21.51
CA ALA F 3 39.63 -7.61 22.10
C ALA F 3 39.28 -6.53 23.11
N ALA F 4 37.99 -6.42 23.39
CA ALA F 4 37.49 -5.39 24.29
C ALA F 4 37.87 -5.72 25.73
N PRO F 5 38.27 -4.71 26.54
CA PRO F 5 38.54 -4.96 27.96
C PRO F 5 37.30 -4.78 28.83
N ALA F 6 37.49 -4.94 30.14
CA ALA F 6 36.40 -4.67 31.06
C ALA F 6 36.04 -3.19 31.04
N GLY F 7 34.76 -2.90 31.17
CA GLY F 7 34.29 -1.53 31.33
C GLY F 7 34.30 -1.09 32.78
N GLY F 8 33.93 0.17 32.99
CA GLY F 8 33.90 0.74 34.31
C GLY F 8 34.53 2.12 34.43
N GLU F 9 34.87 2.72 33.30
CA GLU F 9 35.44 4.06 33.29
C GLU F 9 34.34 5.08 33.06
N VAL F 10 34.48 6.22 33.72
CA VAL F 10 33.60 7.37 33.50
C VAL F 10 34.18 8.20 32.37
N ARG F 11 33.42 8.34 31.29
N ARG F 11 33.42 8.34 31.29
CA ARG F 11 33.83 9.12 30.13
CA ARG F 11 33.84 9.14 30.14
C ARG F 11 32.89 10.30 29.96
C ARG F 11 32.89 10.30 29.96
N ARG F 12 33.39 11.36 29.34
CA ARG F 12 32.60 12.55 29.09
C ARG F 12 32.90 13.02 27.68
N VAL F 13 31.91 13.64 27.06
CA VAL F 13 31.99 14.04 25.66
C VAL F 13 31.05 15.23 25.46
N THR F 14 31.46 16.15 24.59
CA THR F 14 30.56 17.19 24.09
C THR F 14 29.86 16.73 22.82
N MET F 15 28.58 17.10 22.67
CA MET F 15 27.85 16.83 21.44
C MET F 15 26.95 18.00 21.12
N TYR F 16 26.87 18.33 19.82
CA TYR F 16 26.16 19.49 19.34
C TYR F 16 25.06 19.08 18.36
N ALA F 17 23.97 19.83 18.38
CA ALA F 17 22.86 19.68 17.44
C ALA F 17 22.88 20.91 16.55
N GLU F 18 23.41 20.77 15.35
CA GLU F 18 23.55 21.88 14.43
C GLU F 18 22.61 21.71 13.25
N ARG F 19 22.41 22.79 12.52
CA ARG F 19 21.80 22.74 11.21
C ARG F 19 22.88 22.48 10.16
N LEU F 20 22.52 21.73 9.13
CA LEU F 20 23.44 21.52 8.02
C LEU F 20 22.76 22.01 6.74
N ALA F 21 23.46 21.83 5.61
CA ALA F 21 22.95 22.24 4.31
C ALA F 21 21.55 21.72 4.03
N GLY F 22 20.81 22.38 3.15
CA GLY F 22 19.53 21.92 2.65
C GLY F 22 18.55 21.31 3.63
N GLY F 23 18.16 22.05 4.67
CA GLY F 23 17.20 21.55 5.63
C GLY F 23 17.64 20.36 6.46
N GLN F 24 18.95 20.10 6.57
CA GLN F 24 19.41 18.99 7.39
C GLN F 24 19.54 19.43 8.86
N MET F 25 19.85 18.44 9.71
CA MET F 25 20.17 18.60 11.12
C MET F 25 20.98 17.38 11.51
N GLY F 26 22.19 17.59 12.04
CA GLY F 26 23.02 16.49 12.48
C GLY F 26 23.64 16.73 13.85
N TYR F 27 24.09 15.64 14.46
CA TYR F 27 24.85 15.67 15.70
C TYR F 27 26.35 15.65 15.39
N GLY F 28 27.15 16.19 16.32
CA GLY F 28 28.59 16.20 16.17
C GLY F 28 29.29 16.44 17.49
N LEU F 29 30.53 15.96 17.58
CA LEU F 29 31.33 16.12 18.80
C LEU F 29 31.97 17.49 18.92
N GLU F 30 32.17 18.19 17.81
CA GLU F 30 32.78 19.51 17.78
C GLU F 30 31.93 20.43 16.92
N LYS F 31 31.80 21.69 17.33
CA LYS F 31 30.94 22.62 16.62
C LYS F 31 31.38 22.77 15.17
N GLY F 32 30.39 22.82 14.27
CA GLY F 32 30.65 22.91 12.85
C GLY F 32 30.98 21.61 12.14
N LYS F 33 31.11 20.50 12.86
CA LYS F 33 31.48 19.25 12.22
C LYS F 33 30.51 18.13 12.60
N ALA F 34 29.22 18.44 12.58
CA ALA F 34 28.20 17.42 12.72
C ALA F 34 28.09 16.61 11.43
N SER F 35 27.73 15.34 11.57
CA SER F 35 27.64 14.42 10.44
C SER F 35 26.30 13.72 10.48
N ILE F 36 25.81 13.35 9.30
CA ILE F 36 24.71 12.41 9.16
C ILE F 36 25.28 11.12 8.57
N PRO F 37 25.31 10.01 9.33
CA PRO F 37 24.79 9.83 10.68
C PRO F 37 25.70 10.48 11.69
N GLY F 38 25.21 10.69 12.92
CA GLY F 38 26.02 11.23 13.98
C GLY F 38 27.23 10.35 14.29
N PRO F 39 28.15 10.88 15.09
CA PRO F 39 29.41 10.17 15.35
C PRO F 39 29.19 8.86 16.09
N LEU F 40 30.18 7.99 15.97
CA LEU F 40 30.11 6.68 16.59
C LEU F 40 30.57 6.78 18.03
N ILE F 41 29.73 6.33 18.95
CA ILE F 41 30.09 6.26 20.36
C ILE F 41 30.27 4.78 20.70
N GLU F 42 31.48 4.43 21.17
CA GLU F 42 31.82 3.10 21.63
C GLU F 42 32.08 3.11 23.13
N LEU F 43 31.56 2.08 23.80
CA LEU F 43 31.74 1.90 25.23
C LEU F 43 31.88 0.41 25.52
N ASN F 44 32.49 0.10 26.67
CA ASN F 44 32.56 -1.26 27.18
C ASN F 44 31.57 -1.41 28.34
N GLU F 45 30.93 -2.58 28.43
CA GLU F 45 29.93 -2.80 29.47
C GLU F 45 30.46 -2.36 30.83
N GLY F 46 29.75 -1.44 31.48
CA GLY F 46 30.17 -0.87 32.75
C GLY F 46 30.46 0.62 32.67
N ASP F 47 30.93 1.10 31.52
CA ASP F 47 31.29 2.50 31.38
C ASP F 47 30.09 3.40 31.60
N THR F 48 30.40 4.62 32.04
CA THR F 48 29.43 5.70 32.06
C THR F 48 29.88 6.78 31.07
N LEU F 49 28.94 7.40 30.39
CA LEU F 49 29.22 8.52 29.51
C LEU F 49 28.30 9.68 29.88
N HIS F 50 28.91 10.81 30.29
CA HIS F 50 28.20 12.07 30.40
C HIS F 50 28.38 12.79 29.08
N VAL F 51 27.27 13.04 28.38
CA VAL F 51 27.30 13.75 27.10
C VAL F 51 26.97 15.21 27.39
N GLU F 52 27.97 16.09 27.32
CA GLU F 52 27.73 17.52 27.49
C GLU F 52 27.05 18.07 26.24
N PHE F 53 25.72 18.15 26.26
CA PHE F 53 24.94 18.44 25.07
C PHE F 53 24.62 19.93 24.95
N GLU F 54 24.55 20.38 23.70
CA GLU F 54 24.36 21.80 23.38
C GLU F 54 23.55 21.91 22.10
N ASN F 55 22.35 22.52 22.18
CA ASN F 55 21.51 22.77 21.01
C ASN F 55 21.91 24.10 20.40
N THR F 56 22.47 24.05 19.19
CA THR F 56 22.85 25.26 18.48
C THR F 56 21.83 25.65 17.42
N MET F 57 20.64 25.07 17.46
CA MET F 57 19.56 25.40 16.54
C MET F 57 18.55 26.36 17.19
N ASP F 58 17.55 26.74 16.42
CA ASP F 58 16.51 27.67 16.85
C ASP F 58 15.21 26.96 17.14
N VAL F 59 15.20 25.64 17.12
CA VAL F 59 14.07 24.85 17.54
C VAL F 59 14.57 23.91 18.64
N PRO F 60 13.67 23.41 19.48
CA PRO F 60 14.09 22.44 20.50
C PRO F 60 14.58 21.13 19.86
N VAL F 61 15.60 20.53 20.49
CA VAL F 61 16.13 19.23 20.11
C VAL F 61 16.19 18.35 21.36
N SER F 62 16.39 17.05 21.16
CA SER F 62 16.63 16.14 22.27
C SER F 62 17.55 15.01 21.84
N LEU F 63 18.11 14.32 22.83
CA LEU F 63 18.95 13.14 22.64
C LEU F 63 18.32 11.96 23.36
N HIS F 64 17.91 10.95 22.60
CA HIS F 64 17.29 9.75 23.16
C HIS F 64 18.03 8.53 22.66
N VAL F 65 18.38 7.60 23.57
CA VAL F 65 19.23 6.47 23.22
C VAL F 65 18.51 5.16 23.52
N HIS F 66 18.78 4.17 22.67
CA HIS F 66 18.28 2.81 22.80
C HIS F 66 19.28 1.96 23.55
N GLY F 67 18.76 0.97 24.26
CA GLY F 67 19.60 -0.04 24.91
C GLY F 67 20.32 0.31 26.18
N LEU F 68 21.00 1.46 26.24
CA LEU F 68 21.82 1.77 27.40
C LEU F 68 20.95 2.16 28.60
N ASP F 69 21.57 2.15 29.78
CA ASP F 69 20.87 2.57 30.99
C ASP F 69 20.88 4.10 31.09
N TYR F 70 19.74 4.68 31.40
CA TYR F 70 19.63 6.10 31.68
C TYR F 70 18.45 6.30 32.63
N GLU F 71 18.60 7.24 33.56
CA GLU F 71 17.47 7.65 34.37
C GLU F 71 16.47 8.43 33.52
N ILE F 72 15.23 8.51 34.00
CA ILE F 72 14.19 9.27 33.30
C ILE F 72 14.64 10.69 33.00
N SER F 73 15.55 11.23 33.82
CA SER F 73 16.13 12.55 33.58
C SER F 73 16.79 12.68 32.22
N SER F 74 17.17 11.55 31.61
CA SER F 74 17.89 11.54 30.34
C SER F 74 17.11 10.78 29.27
N ASP F 75 15.79 10.68 29.44
CA ASP F 75 14.96 10.15 28.36
C ASP F 75 15.14 10.94 27.06
N GLY F 76 15.39 12.25 27.16
CA GLY F 76 15.44 13.12 26.00
C GLY F 76 14.09 13.24 25.33
N THR F 77 13.02 13.50 26.09
CA THR F 77 11.68 13.69 25.56
C THR F 77 11.07 14.94 26.16
N LYS F 78 10.09 15.51 25.46
CA LYS F 78 9.47 16.75 25.93
C LYS F 78 8.62 16.50 27.17
N GLN F 79 7.80 15.45 27.16
CA GLN F 79 6.93 15.22 28.30
C GLN F 79 7.71 14.87 29.56
N ASN F 80 8.97 14.45 29.43
CA ASN F 80 9.82 14.24 30.59
C ASN F 80 10.78 15.41 30.84
N LYS F 81 10.57 16.53 30.15
CA LYS F 81 11.40 17.73 30.29
C LYS F 81 12.88 17.36 30.34
N SER F 82 13.28 16.53 29.39
CA SER F 82 14.69 16.22 29.17
C SER F 82 15.15 16.70 27.80
N HIS F 83 14.31 17.43 27.09
CA HIS F 83 14.69 18.04 25.82
C HIS F 83 15.42 19.34 26.08
N VAL F 84 15.94 19.94 25.01
CA VAL F 84 16.88 21.03 25.11
C VAL F 84 16.38 22.20 24.29
N GLU F 85 16.22 23.37 24.92
CA GLU F 85 15.71 24.56 24.25
C GLU F 85 16.78 25.14 23.32
N PRO F 86 16.37 25.99 22.36
CA PRO F 86 17.35 26.63 21.49
C PRO F 86 18.39 27.39 22.30
N GLY F 87 19.65 27.22 21.91
CA GLY F 87 20.77 27.78 22.65
C GLY F 87 21.12 26.98 23.88
N GLY F 88 20.18 26.14 24.35
CA GLY F 88 20.29 25.56 25.67
C GLY F 88 21.28 24.41 25.76
N THR F 89 21.72 24.15 26.99
CA THR F 89 22.63 23.05 27.29
C THR F 89 21.95 22.05 28.22
N ARG F 90 22.53 20.86 28.28
CA ARG F 90 22.11 19.80 29.18
C ARG F 90 23.16 18.70 29.14
N THR F 91 23.31 18.00 30.25
CA THR F 91 24.12 16.80 30.28
C THR F 91 23.20 15.61 30.25
N TYR F 92 23.31 14.80 29.20
CA TYR F 92 22.73 13.48 29.17
C TYR F 92 23.76 12.51 29.74
N THR F 93 23.29 11.54 30.52
CA THR F 93 24.19 10.59 31.16
C THR F 93 23.76 9.16 30.83
N TRP F 94 24.65 8.44 30.17
CA TRP F 94 24.40 7.07 29.75
C TRP F 94 25.23 6.13 30.63
N ARG F 95 24.59 5.08 31.13
CA ARG F 95 25.29 4.03 31.89
C ARG F 95 25.11 2.68 31.22
N THR F 96 26.10 1.82 31.39
CA THR F 96 26.09 0.47 30.85
C THR F 96 26.45 -0.50 31.98
N HIS F 97 26.01 -1.74 31.85
CA HIS F 97 26.21 -2.73 32.89
C HIS F 97 26.63 -4.05 32.26
N GLU F 98 27.45 -4.79 32.99
CA GLU F 98 27.81 -6.15 32.59
C GLU F 98 26.64 -7.10 32.85
N PRO F 99 26.59 -8.24 32.18
CA PRO F 99 25.63 -9.27 32.57
C PRO F 99 26.09 -9.94 33.85
N GLY F 100 25.13 -10.54 34.55
CA GLY F 100 25.45 -11.29 35.74
C GLY F 100 24.20 -11.94 36.28
N ARG F 101 24.42 -12.91 37.17
CA ARG F 101 23.30 -13.62 37.78
C ARG F 101 22.68 -12.76 38.87
N ARG F 102 21.37 -12.53 38.76
CA ARG F 102 20.67 -11.79 39.81
C ARG F 102 20.65 -12.60 41.09
N ALA F 103 20.56 -11.90 42.21
CA ALA F 103 20.26 -12.57 43.47
C ALA F 103 19.02 -13.45 43.32
N ASP F 104 18.03 -12.97 42.57
CA ASP F 104 16.80 -13.70 42.33
C ASP F 104 17.04 -15.08 41.68
N GLY F 105 18.25 -15.36 41.20
CA GLY F 105 18.55 -16.61 40.53
C GLY F 105 18.53 -16.54 39.01
N THR F 106 18.12 -15.40 38.46
CA THR F 106 18.00 -15.19 37.03
C THR F 106 19.31 -14.65 36.45
N TRP F 107 19.36 -14.60 35.13
CA TRP F 107 20.50 -14.02 34.41
C TRP F 107 20.10 -12.66 33.89
N ARG F 108 20.84 -11.62 34.32
CA ARG F 108 20.57 -10.25 33.95
C ARG F 108 21.27 -9.92 32.64
N ALA F 109 20.52 -9.51 31.63
CA ALA F 109 21.13 -9.24 30.33
C ALA F 109 22.04 -8.01 30.42
N GLY F 110 23.24 -8.12 29.87
CA GLY F 110 24.15 -7.00 29.83
C GLY F 110 23.71 -5.93 28.84
N SER F 111 24.48 -4.84 28.84
CA SER F 111 24.22 -3.74 27.92
C SER F 111 24.72 -3.99 26.50
N ALA F 112 25.56 -5.00 26.29
CA ALA F 112 26.25 -5.16 25.01
C ALA F 112 25.27 -5.21 23.84
N GLY F 113 25.61 -4.52 22.76
CA GLY F 113 24.77 -4.53 21.58
C GLY F 113 25.11 -3.40 20.62
N TYR F 114 24.47 -3.46 19.47
CA TYR F 114 24.55 -2.41 18.45
C TYR F 114 23.32 -1.54 18.62
N TRP F 115 23.49 -0.35 19.19
CA TRP F 115 22.34 0.51 19.41
C TRP F 115 22.50 1.85 18.68
N HIS F 116 21.74 2.86 19.11
CA HIS F 116 21.71 4.14 18.40
C HIS F 116 20.97 5.18 19.24
N TYR F 117 21.17 6.43 18.86
CA TYR F 117 20.55 7.58 19.51
C TYR F 117 19.89 8.44 18.45
N HIS F 118 18.91 9.24 18.86
CA HIS F 118 18.21 10.07 17.89
C HIS F 118 17.33 11.10 18.60
N ASP F 119 16.95 12.12 17.84
CA ASP F 119 16.07 13.17 18.36
C ASP F 119 14.69 12.61 18.66
N HIS F 120 14.01 13.26 19.61
CA HIS F 120 12.66 12.87 20.00
C HIS F 120 11.65 14.01 20.00
N VAL F 121 11.99 15.20 19.47
CA VAL F 121 11.11 16.36 19.63
C VAL F 121 10.89 17.16 18.34
N VAL F 122 11.84 17.13 17.40
CA VAL F 122 11.76 18.02 16.24
C VAL F 122 10.61 17.59 15.35
N GLY F 123 9.71 18.52 15.05
CA GLY F 123 8.54 18.23 14.22
C GLY F 123 7.38 17.58 14.91
N THR F 124 7.63 16.49 15.67
CA THR F 124 6.61 15.87 16.50
C THR F 124 7.24 15.42 17.82
N GLU F 125 6.37 15.08 18.78
CA GLU F 125 6.77 14.58 20.10
C GLU F 125 7.50 13.24 20.02
N HIS F 126 7.65 12.71 18.82
CA HIS F 126 8.42 11.51 18.62
C HIS F 126 9.58 11.74 17.67
N GLY F 127 9.95 13.01 17.48
CA GLY F 127 11.11 13.32 16.65
C GLY F 127 10.98 13.02 15.17
N THR F 128 9.75 12.95 14.64
CA THR F 128 9.55 12.59 13.24
C THR F 128 10.40 13.48 12.32
N GLY F 129 10.31 14.80 12.49
CA GLY F 129 11.10 15.70 11.68
C GLY F 129 12.60 15.60 11.94
N GLY F 130 13.00 15.52 13.21
CA GLY F 130 14.42 15.51 13.52
C GLY F 130 15.13 14.27 13.00
N ILE F 131 14.40 13.15 12.97
CA ILE F 131 14.92 11.92 12.37
C ILE F 131 15.02 12.06 10.86
N ARG F 132 13.89 12.42 10.21
CA ARG F 132 13.91 12.72 8.79
C ARG F 132 15.04 13.71 8.44
N ASN F 133 15.19 14.77 9.25
CA ASN F 133 16.22 15.77 8.98
C ASN F 133 17.65 15.25 9.20
N GLY F 134 17.80 14.14 9.93
CA GLY F 134 19.10 13.49 10.03
C GLY F 134 19.67 13.28 11.42
N LEU F 135 18.89 13.56 12.47
CA LEU F 135 19.44 13.53 13.83
C LEU F 135 19.38 12.09 14.35
N TYR F 136 20.35 11.29 13.91
CA TYR F 136 20.48 9.91 14.36
C TYR F 136 21.94 9.51 14.29
N GLY F 137 22.35 8.59 15.16
CA GLY F 137 23.72 8.13 15.18
C GLY F 137 23.92 6.85 15.97
N PRO F 138 25.03 6.15 15.70
CA PRO F 138 25.24 4.80 16.26
C PRO F 138 25.99 4.79 17.59
N VAL F 139 25.58 3.89 18.48
CA VAL F 139 26.33 3.61 19.71
C VAL F 139 26.58 2.11 19.80
N ILE F 140 27.83 1.72 20.05
CA ILE F 140 28.22 0.32 20.20
C ILE F 140 28.66 0.09 21.65
N VAL F 141 28.03 -0.87 22.31
CA VAL F 141 28.44 -1.34 23.63
C VAL F 141 29.02 -2.73 23.45
N ARG F 142 30.32 -2.87 23.74
CA ARG F 142 31.02 -4.14 23.62
C ARG F 142 31.09 -4.85 24.97
N ARG F 143 31.06 -6.17 24.94
CA ARG F 143 31.29 -6.98 26.12
C ARG F 143 32.77 -7.35 26.16
N LYS F 144 33.30 -7.48 27.38
CA LYS F 144 34.71 -7.85 27.49
C LYS F 144 34.96 -9.13 26.69
N GLY F 145 36.02 -9.10 25.90
CA GLY F 145 36.36 -10.19 25.03
C GLY F 145 35.83 -10.07 23.62
N ASP F 146 34.93 -9.11 23.35
CA ASP F 146 34.44 -8.93 21.99
C ASP F 146 35.60 -8.58 21.08
N VAL F 147 35.68 -9.24 19.93
CA VAL F 147 36.78 -9.00 18.99
C VAL F 147 36.67 -7.61 18.40
N LEU F 148 37.80 -6.92 18.28
CA LEU F 148 37.71 -5.59 17.71
C LEU F 148 37.92 -5.65 16.20
N PRO F 149 37.27 -4.74 15.46
CA PRO F 149 37.37 -4.73 14.01
C PRO F 149 38.44 -3.78 13.48
N ASP F 150 38.79 -3.99 12.21
CA ASP F 150 39.70 -3.09 11.50
C ASP F 150 39.01 -1.80 11.09
N ALA F 151 37.68 -1.80 10.98
CA ALA F 151 36.93 -0.58 10.71
C ALA F 151 35.47 -0.87 10.96
N THR F 152 34.72 0.21 11.18
CA THR F 152 33.28 0.14 11.38
C THR F 152 32.59 1.12 10.44
N HIS F 153 31.55 0.64 9.75
CA HIS F 153 30.78 1.46 8.82
C HIS F 153 29.31 1.43 9.21
N THR F 154 28.72 2.61 9.33
CA THR F 154 27.32 2.73 9.72
C THR F 154 26.48 2.92 8.46
N ILE F 155 25.39 2.15 8.38
CA ILE F 155 24.47 2.16 7.25
C ILE F 155 23.08 2.34 7.85
N VAL F 156 22.43 3.46 7.52
CA VAL F 156 21.11 3.78 8.06
C VAL F 156 20.14 3.86 6.88
N PHE F 157 19.08 3.05 6.92
CA PHE F 157 17.96 3.20 6.00
C PHE F 157 17.00 4.17 6.67
N ASN F 158 16.95 5.41 6.17
CA ASN F 158 16.06 6.44 6.69
C ASN F 158 15.06 6.75 5.60
N ASP F 159 13.84 6.24 5.73
CA ASP F 159 12.83 6.33 4.67
C ASP F 159 13.44 5.73 3.41
N ALA F 160 13.37 6.39 2.25
CA ALA F 160 13.99 5.92 1.01
C ALA F 160 15.39 6.48 0.81
N THR F 161 16.16 6.64 1.87
CA THR F 161 17.54 7.10 1.80
C THR F 161 18.43 6.14 2.58
N ILE F 162 19.69 6.10 2.17
CA ILE F 162 20.79 5.57 2.98
C ILE F 162 21.56 6.75 3.50
N ASN F 163 21.47 7.03 4.80
CA ASN F 163 22.26 8.08 5.44
C ASN F 163 21.91 9.48 4.90
N ASN F 164 20.64 9.68 4.52
CA ASN F 164 20.12 10.97 4.08
C ASN F 164 20.80 11.48 2.82
N ARG F 165 21.64 10.66 2.20
CA ARG F 165 22.30 10.95 0.95
C ARG F 165 21.33 10.77 -0.23
N PRO F 166 21.48 11.56 -1.29
CA PRO F 166 20.54 11.47 -2.41
C PRO F 166 20.65 10.12 -3.10
N ALA F 167 19.58 9.78 -3.83
CA ALA F 167 19.46 8.46 -4.42
C ALA F 167 20.60 8.17 -5.39
N HIS F 168 21.17 6.96 -5.28
CA HIS F 168 22.23 6.43 -6.12
C HIS F 168 23.60 7.01 -5.78
N THR F 169 23.83 7.38 -4.53
CA THR F 169 25.09 8.04 -4.18
C THR F 169 25.87 7.28 -3.10
N GLY F 170 25.62 5.98 -2.96
CA GLY F 170 26.30 5.17 -1.98
C GLY F 170 25.67 5.30 -0.60
N PRO F 171 26.51 5.37 0.45
CA PRO F 171 27.97 5.44 0.42
C PRO F 171 28.65 4.12 0.13
N ASN F 172 29.91 4.19 -0.28
CA ASN F 172 30.78 3.05 -0.51
C ASN F 172 31.80 2.97 0.60
N PHE F 173 32.23 1.76 0.91
CA PHE F 173 33.26 1.53 1.91
C PHE F 173 34.36 0.69 1.31
N GLU F 174 35.59 0.97 1.71
CA GLU F 174 36.74 0.26 1.18
C GLU F 174 37.33 -0.64 2.24
N ALA F 175 37.75 -1.83 1.81
CA ALA F 175 38.49 -2.76 2.64
C ALA F 175 39.50 -3.46 1.77
N THR F 176 40.35 -4.27 2.42
CA THR F 176 41.24 -5.22 1.77
C THR F 176 40.82 -6.63 2.20
N VAL F 177 40.98 -7.59 1.28
CA VAL F 177 40.63 -8.98 1.58
C VAL F 177 41.24 -9.38 2.91
N GLY F 178 40.40 -9.90 3.82
CA GLY F 178 40.87 -10.32 5.14
C GLY F 178 40.61 -9.31 6.25
N ASP F 179 40.40 -8.03 5.92
CA ASP F 179 40.02 -7.06 6.92
C ASP F 179 38.84 -7.58 7.73
N ARG F 180 38.85 -7.30 9.04
CA ARG F 180 37.69 -7.53 9.89
C ARG F 180 36.84 -6.27 9.87
N VAL F 181 35.71 -6.34 9.17
CA VAL F 181 34.87 -5.17 8.90
C VAL F 181 33.61 -5.26 9.74
N GLU F 182 33.34 -4.21 10.52
CA GLU F 182 32.14 -4.14 11.35
C GLU F 182 31.12 -3.27 10.65
N ILE F 183 29.88 -3.76 10.61
CA ILE F 183 28.76 -3.05 10.00
C ILE F 183 27.71 -2.82 11.07
N VAL F 184 27.28 -1.58 11.22
CA VAL F 184 26.16 -1.21 12.08
C VAL F 184 25.01 -0.77 11.19
N MET F 185 23.84 -1.33 11.42
CA MET F 185 22.69 -1.13 10.54
C MET F 185 21.51 -0.62 11.36
N ILE F 186 21.05 0.57 11.03
CA ILE F 186 19.95 1.24 11.71
C ILE F 186 18.86 1.55 10.69
N THR F 187 17.60 1.45 11.11
CA THR F 187 16.46 1.81 10.26
C THR F 187 15.63 2.89 10.96
N HIS F 188 15.13 3.83 10.17
CA HIS F 188 14.32 4.93 10.69
C HIS F 188 13.23 5.30 9.69
N GLY F 189 12.23 6.00 10.20
CA GLY F 189 11.24 6.65 9.35
C GLY F 189 9.94 5.85 9.29
N GLU F 190 9.47 5.60 8.08
CA GLU F 190 8.14 5.05 7.84
C GLU F 190 8.17 3.64 7.25
N TYR F 191 9.22 3.27 6.54
CA TYR F 191 9.21 2.07 5.71
C TYR F 191 9.91 0.91 6.40
N TYR F 192 9.42 -0.30 6.16
CA TYR F 192 10.27 -1.46 6.35
C TYR F 192 11.27 -1.57 5.21
N HIS F 193 12.35 -2.28 5.47
CA HIS F 193 13.37 -2.57 4.46
C HIS F 193 13.89 -3.98 4.66
N THR F 194 14.72 -4.41 3.71
CA THR F 194 15.52 -5.62 3.86
C THR F 194 16.92 -5.25 3.43
N PHE F 195 17.87 -5.37 4.34
CA PHE F 195 19.27 -5.12 4.03
C PHE F 195 19.87 -6.42 3.50
N HIS F 196 20.53 -6.34 2.33
CA HIS F 196 21.20 -7.47 1.71
C HIS F 196 22.64 -7.09 1.41
N MET F 197 23.57 -8.03 1.59
CA MET F 197 24.98 -7.88 1.26
C MET F 197 25.42 -8.98 0.29
N HIS F 198 25.92 -8.59 -0.88
CA HIS F 198 26.52 -9.57 -1.78
C HIS F 198 27.84 -10.09 -1.22
N GLY F 199 28.13 -11.37 -1.48
CA GLY F 199 29.44 -11.90 -1.20
C GLY F 199 29.71 -12.32 0.24
N HIS F 200 28.79 -12.06 1.16
CA HIS F 200 29.06 -12.16 2.59
C HIS F 200 27.79 -12.55 3.34
N ARG F 201 27.97 -13.06 4.54
CA ARG F 201 26.86 -13.50 5.38
C ARG F 201 27.26 -13.32 6.83
N TRP F 202 26.25 -13.30 7.71
CA TRP F 202 26.56 -13.15 9.13
C TRP F 202 25.55 -13.94 9.93
N ALA F 203 25.81 -14.03 11.24
CA ALA F 203 24.92 -14.71 12.16
C ALA F 203 23.90 -13.72 12.72
N ASP F 204 22.63 -14.09 12.70
CA ASP F 204 21.56 -13.27 13.26
C ASP F 204 21.57 -13.40 14.78
N ASN F 205 22.60 -12.80 15.40
CA ASN F 205 22.66 -12.77 16.84
C ASN F 205 23.34 -11.48 17.29
N ARG F 206 23.76 -11.43 18.56
CA ARG F 206 24.23 -10.17 19.12
C ARG F 206 25.47 -9.65 18.40
N THR F 207 26.45 -10.51 18.12
CA THR F 207 27.70 -10.05 17.52
C THR F 207 27.73 -10.22 15.99
N GLY F 208 26.78 -10.94 15.42
CA GLY F 208 26.86 -11.24 14.01
C GLY F 208 27.84 -12.33 13.67
N MET F 209 28.38 -13.01 14.68
CA MET F 209 29.27 -14.15 14.51
C MET F 209 28.78 -15.23 15.45
N LEU F 210 28.65 -16.46 14.95
CA LEU F 210 28.30 -17.60 15.78
C LEU F 210 29.30 -17.74 16.92
N THR F 211 28.79 -17.97 18.14
CA THR F 211 29.70 -18.20 19.25
C THR F 211 30.55 -19.45 19.05
N GLY F 212 30.03 -20.45 18.33
CA GLY F 212 30.76 -21.67 18.04
C GLY F 212 29.83 -22.73 17.48
N PRO F 213 30.19 -24.00 17.63
CA PRO F 213 29.34 -25.08 17.11
C PRO F 213 28.01 -25.21 17.85
N ASP F 214 27.87 -24.64 19.03
CA ASP F 214 26.63 -24.81 19.76
C ASP F 214 25.62 -23.70 19.49
N ASP F 215 25.97 -22.72 18.65
CA ASP F 215 25.10 -21.59 18.36
C ASP F 215 24.16 -21.94 17.21
N PRO F 216 22.86 -22.09 17.46
CA PRO F 216 21.90 -22.41 16.40
C PRO F 216 21.41 -21.24 15.57
N SER F 217 21.96 -20.04 15.80
CA SER F 217 21.49 -18.83 15.13
C SER F 217 21.52 -18.96 13.62
N GLN F 218 20.47 -18.48 12.96
CA GLN F 218 20.44 -18.57 11.52
C GLN F 218 21.53 -17.69 10.93
N VAL F 219 22.14 -18.19 9.86
CA VAL F 219 23.14 -17.44 9.12
C VAL F 219 22.46 -16.88 7.90
N ILE F 220 22.57 -15.56 7.70
CA ILE F 220 21.76 -14.85 6.72
C ILE F 220 22.64 -13.88 5.95
N ASP F 221 22.14 -13.45 4.78
CA ASP F 221 22.73 -12.31 4.08
C ASP F 221 21.68 -11.23 3.80
N ASN F 222 20.55 -11.28 4.50
CA ASN F 222 19.35 -10.55 4.12
C ASN F 222 18.46 -10.51 5.35
N LYS F 223 18.03 -9.30 5.74
CA LYS F 223 17.30 -9.16 6.99
C LYS F 223 16.27 -8.06 6.86
N ILE F 224 15.05 -8.34 7.26
CA ILE F 224 14.03 -7.30 7.31
C ILE F 224 14.21 -6.51 8.60
N CYS F 225 14.11 -5.19 8.46
N CYS F 225 14.15 -5.19 8.48
CA CYS F 225 14.26 -4.24 9.54
CA CYS F 225 14.18 -4.34 9.65
C CYS F 225 13.15 -3.21 9.43
C CYS F 225 13.16 -3.22 9.44
N GLY F 226 12.95 -2.44 10.49
CA GLY F 226 11.98 -1.37 10.48
C GLY F 226 12.37 -0.27 11.45
N PRO F 227 11.62 0.82 11.47
CA PRO F 227 12.10 2.05 12.11
C PRO F 227 12.52 1.83 13.56
N ALA F 228 13.74 2.27 13.88
CA ALA F 228 14.47 2.17 15.15
C ALA F 228 15.11 0.81 15.34
N ASN F 229 14.99 -0.11 14.40
CA ASN F 229 15.75 -1.34 14.52
C ASN F 229 17.23 -1.01 14.40
N SER F 230 18.04 -1.78 15.12
CA SER F 230 19.48 -1.69 15.00
C SER F 230 20.06 -3.07 15.25
N PHE F 231 21.13 -3.38 14.53
CA PHE F 231 21.85 -4.63 14.69
C PHE F 231 23.21 -4.42 14.03
N GLY F 232 24.12 -5.35 14.28
CA GLY F 232 25.44 -5.20 13.71
C GLY F 232 26.05 -6.57 13.51
N PHE F 233 27.16 -6.57 12.80
CA PHE F 233 27.91 -7.78 12.58
C PHE F 233 29.31 -7.39 12.12
N GLN F 234 30.21 -8.36 12.22
CA GLN F 234 31.56 -8.25 11.68
C GLN F 234 31.75 -9.35 10.67
N ILE F 235 32.36 -9.01 9.55
CA ILE F 235 32.68 -10.02 8.55
C ILE F 235 34.15 -9.90 8.19
N ILE F 236 34.68 -10.99 7.67
CA ILE F 236 35.99 -11.00 7.04
C ILE F 236 35.77 -10.61 5.58
N ALA F 237 36.33 -9.48 5.17
CA ALA F 237 36.12 -8.99 3.81
C ALA F 237 36.66 -9.99 2.81
N GLY F 238 35.80 -10.38 1.87
CA GLY F 238 36.22 -11.24 0.77
C GLY F 238 36.43 -12.69 1.16
N GLU F 239 36.03 -13.08 2.37
CA GLU F 239 36.34 -14.43 2.86
C GLU F 239 35.63 -15.48 2.03
N GLY F 240 36.40 -16.39 1.43
CA GLY F 240 35.87 -17.40 0.55
C GLY F 240 35.38 -16.91 -0.79
N VAL F 241 35.42 -15.61 -1.06
CA VAL F 241 34.85 -15.04 -2.28
C VAL F 241 35.80 -14.12 -3.03
N GLY F 242 36.83 -13.58 -2.39
CA GLY F 242 37.81 -12.76 -3.09
C GLY F 242 37.39 -11.32 -3.23
N ALA F 243 38.28 -10.55 -3.85
CA ALA F 243 38.07 -9.12 -4.04
C ALA F 243 36.94 -8.88 -5.03
N GLY F 244 36.48 -7.65 -5.06
CA GLY F 244 35.35 -7.30 -5.89
C GLY F 244 34.57 -6.14 -5.31
N ALA F 245 33.78 -5.51 -6.16
CA ALA F 245 32.86 -4.46 -5.75
C ALA F 245 31.59 -5.16 -5.31
N TRP F 246 31.47 -5.41 -4.02
CA TRP F 246 30.36 -6.20 -3.48
C TRP F 246 29.21 -5.28 -3.14
N MET F 247 28.10 -5.40 -3.86
CA MET F 247 26.96 -4.54 -3.55
C MET F 247 26.38 -4.86 -2.20
N TYR F 248 25.92 -3.81 -1.52
CA TYR F 248 24.92 -3.90 -0.47
C TYR F 248 23.75 -3.04 -0.91
N HIS F 249 22.54 -3.46 -0.56
CA HIS F 249 21.37 -2.68 -0.94
C HIS F 249 20.17 -3.17 -0.16
N CYS F 250 19.19 -2.29 -0.08
CA CYS F 250 17.85 -2.72 0.29
C CYS F 250 17.30 -3.60 -0.81
N HIS F 251 16.65 -4.69 -0.43
CA HIS F 251 16.18 -5.65 -1.41
C HIS F 251 14.71 -5.49 -1.74
N VAL F 252 13.99 -4.59 -1.05
CA VAL F 252 12.70 -4.10 -1.54
C VAL F 252 12.97 -3.54 -2.93
N GLN F 253 12.28 -4.11 -3.94
CA GLN F 253 12.73 -3.93 -5.32
C GLN F 253 12.68 -2.47 -5.76
N SER F 254 11.57 -1.76 -5.45
CA SER F 254 11.52 -0.35 -5.85
C SER F 254 12.56 0.48 -5.12
N HIS F 255 12.91 0.08 -3.89
CA HIS F 255 13.94 0.80 -3.17
C HIS F 255 15.28 0.67 -3.85
N SER F 256 15.63 -0.55 -4.27
CA SER F 256 16.93 -0.73 -4.90
C SER F 256 16.95 -0.06 -6.28
N ASP F 257 15.84 -0.15 -7.02
CA ASP F 257 15.73 0.56 -8.29
C ASP F 257 15.81 2.08 -8.09
N MET F 258 15.21 2.59 -7.01
CA MET F 258 15.26 4.02 -6.72
C MET F 258 16.56 4.50 -6.06
N GLY F 259 17.57 3.67 -5.86
CA GLY F 259 18.87 4.17 -5.41
C GLY F 259 19.36 3.74 -4.03
N MET F 260 18.64 2.95 -3.25
CA MET F 260 19.16 2.45 -1.96
C MET F 260 20.17 1.33 -2.17
N VAL F 261 21.34 1.69 -2.72
N VAL F 261 21.34 1.71 -2.67
CA VAL F 261 22.40 0.73 -2.98
CA VAL F 261 22.40 0.76 -3.01
C VAL F 261 23.73 1.37 -2.61
C VAL F 261 23.74 1.38 -2.64
N GLY F 262 24.73 0.52 -2.39
CA GLY F 262 26.09 0.95 -2.13
C GLY F 262 27.07 -0.16 -2.46
N LEU F 263 28.37 0.13 -2.32
CA LEU F 263 29.42 -0.80 -2.71
C LEU F 263 30.40 -1.00 -1.58
N PHE F 264 30.57 -2.26 -1.18
CA PHE F 264 31.66 -2.66 -0.29
C PHE F 264 32.84 -3.01 -1.20
N LEU F 265 33.75 -2.06 -1.39
CA LEU F 265 34.84 -2.20 -2.37
C LEU F 265 36.00 -2.94 -1.71
N VAL F 266 36.17 -4.22 -2.04
CA VAL F 266 37.18 -5.07 -1.42
C VAL F 266 38.32 -5.27 -2.42
N LYS F 267 39.53 -4.84 -2.05
CA LYS F 267 40.69 -4.94 -2.90
C LYS F 267 41.57 -6.13 -2.52
N LYS F 268 42.32 -6.61 -3.49
CA LYS F 268 43.40 -7.52 -3.20
C LYS F 268 44.48 -6.75 -2.48
N PRO F 269 45.43 -7.45 -1.86
CA PRO F 269 46.64 -6.78 -1.37
C PRO F 269 47.30 -5.89 -2.42
N ASP F 270 47.37 -6.31 -3.69
CA ASP F 270 47.96 -5.45 -4.72
C ASP F 270 47.08 -4.24 -5.06
N GLY F 271 45.92 -4.07 -4.41
CA GLY F 271 45.08 -2.90 -4.61
C GLY F 271 43.99 -3.03 -5.65
N THR F 272 43.84 -4.17 -6.29
CA THR F 272 42.92 -4.28 -7.43
C THR F 272 41.52 -4.73 -7.00
N ILE F 273 40.53 -4.31 -7.77
CA ILE F 273 39.13 -4.65 -7.58
C ILE F 273 38.64 -5.27 -8.89
N PRO F 274 38.64 -6.60 -9.02
CA PRO F 274 38.43 -7.23 -10.33
C PRO F 274 37.08 -6.90 -10.95
N GLY F 275 37.14 -6.30 -12.14
CA GLY F 275 35.98 -5.95 -12.93
C GLY F 275 35.24 -4.70 -12.48
N TYR F 276 35.73 -3.99 -11.47
CA TYR F 276 35.07 -2.76 -11.04
C TYR F 276 35.22 -1.71 -12.13
N ASP F 277 34.10 -1.11 -12.55
CA ASP F 277 34.09 -0.20 -13.69
C ASP F 277 32.97 0.83 -13.51
N PRO F 278 33.10 1.72 -12.52
CA PRO F 278 31.98 2.61 -12.17
C PRO F 278 31.60 3.63 -13.26
CU CU G . 0.93 10.40 -4.88
CU CU H . -0.69 21.86 -0.05
CU CU I . -0.01 2.54 -22.31
O1 OXY J . -2.63 21.63 -0.15
O2 OXY J . -2.48 21.24 0.98
CU CU K . -6.05 -3.17 -12.21
CU CU L . -0.81 -1.62 -23.41
CU CU M . -23.67 -1.48 -5.19
O1 OXY N . -0.37 0.39 -22.92
O2 OXY N . 0.46 0.29 -22.05
CA CA O . -17.35 16.25 -18.08
CU CU P . -13.64 4.14 1.41
CU CU Q . -5.05 20.88 0.34
CU CU R . -24.96 -0.42 -0.79
CU CU S . -4.69 23.55 -1.66
O1 OXY T . -25.05 -0.98 -2.81
O2 OXY T . -23.90 -0.69 -2.56
CU CU U . 2.79 0.70 14.21
CU CU V . 10.05 6.93 21.72
CU CU W . -4.56 -16.99 12.51
O1 OXY X . 11.54 6.08 20.56
O2 OXY X . 12.32 6.99 20.48
CU CU Y . 1.22 -11.35 2.14
CU CU Z . -5.64 -18.85 9.56
CU CU AA . 19.06 -11.02 -4.10
CU CU BA . 14.14 -0.36 1.54
CU CU CA . 13.64 5.79 19.50
CU CU DA . 21.64 -7.60 -5.29
CU CU EA . 13.91 4.32 23.03
O1 OXY FA . 19.93 -9.08 -5.07
O2 OXY FA . 20.90 -9.14 -4.38
CA CA GA . 17.85 -16.55 17.65
#